data_9MBD
#
_entry.id   9MBD
#
_cell.length_a   1.00
_cell.length_b   1.00
_cell.length_c   1.00
_cell.angle_alpha   90.00
_cell.angle_beta   90.00
_cell.angle_gamma   90.00
#
_symmetry.space_group_name_H-M   'P 1'
#
_entity_poly.entity_id   1
_entity_poly.type   'polypeptide(L)'
_entity_poly.pdbx_seq_one_letter_code
;MVCEGKRSASCPCFFLLTAKFYWILTMMQRTHSQEYAHSIRVDGDIILGGLFPVHAKGERGVPCGELKKEKGIHRLEAML
YAIDQINKDPDLLSNITLGVRILDTCSRDTYALEQSLTFVQALIEKDASDVKCANGDPPIFTKPDKISGVIGAAASSVSI
MVANILRLFKIPQISYASTAPELSDNTRYDFFSRVVPPDSYQAQAMVDIVTALGWNYVSTLASEGNYGESGVEAFTQISR
EIGGVCIAQSQKIPREPRPGEFEKIIKRLLETPNARAVIMFANEDDIRRILEAAKKLNQSGHFLWIGSDSWGSKIAPVYQ
QEEIAEGAVTILPKRASIDGFDRYFRSRTLANNRRNVWFAEFWEENFGCKLGSHGKRNSHIKKCTGLERIARDSSYEQEG
KVQFVIDAVYSMAYALHNMHKDLCPGYIGLCPRMSTIDGKELLGYIRAVNFNGSAGTPVTFNENGDAPGRYDIFQYQITN
KSTEYKVIGHWTNQLHLKVEDMQWAHREHTHPASVCSLPCKPGERKKTVKGVPCCWHCERCEGYNYQVDELSCELCPLDQ
RPNMNRTGCQLIPIIKLEWHSPWAVVPVFVAILGIIATTFVIVTFVRYNDTPIVRASGRELSYVLLTGIFLCYSITFLMI
AAPDTIICSFRRVFLGLGMCFSYAALLTKTNRIHRIFEQGKKSVTAPKFISPASQLVITFSLISVQLLGVFVWFVVDPPH
IIIDYGEQRTLDPEKARGVLKCDISDLSLICSLGYSILLMVTCTVYAIKTRGVPETFNEAKPIGFTMYTTCIIWLAFIPI
FFGTAQSAEKMYIQTTTLTVSMSLSASVSLGMLYMPKVYIIIFHPEQNVQKRKRSFKAVVTAATMQSKLIQKGNDRPNGE
VKSELCESLETNTSSTKTTYISYSNHSI
;
_entity_poly.pdbx_strand_id   A,B
#
# COMPACT_ATOMS: atom_id res chain seq x y z
N SER A 39 -9.48 1.69 -65.73
CA SER A 39 -8.14 1.34 -65.28
C SER A 39 -7.08 1.82 -66.29
N ILE A 40 -5.86 1.99 -65.81
CA ILE A 40 -4.73 2.43 -66.62
C ILE A 40 -3.71 1.31 -66.62
N ARG A 41 -3.65 0.55 -67.72
CA ARG A 41 -2.81 -0.65 -67.81
C ARG A 41 -1.50 -0.30 -68.51
N VAL A 42 -0.58 0.26 -67.75
CA VAL A 42 0.77 0.49 -68.25
C VAL A 42 1.59 -0.78 -68.07
N ASP A 43 2.37 -1.13 -69.09
CA ASP A 43 3.17 -2.35 -69.06
C ASP A 43 4.58 -2.06 -68.56
N GLY A 44 5.15 -3.01 -67.83
CA GLY A 44 6.48 -2.85 -67.27
C GLY A 44 6.98 -4.16 -66.70
N ASP A 45 8.31 -4.22 -66.53
CA ASP A 45 8.91 -5.41 -65.96
C ASP A 45 8.48 -5.65 -64.52
N ILE A 46 8.34 -4.58 -63.74
CA ILE A 46 7.87 -4.66 -62.36
C ILE A 46 6.67 -3.74 -62.25
N ILE A 47 5.48 -4.32 -62.09
CA ILE A 47 4.23 -3.58 -62.10
C ILE A 47 3.76 -3.37 -60.67
N LEU A 48 3.53 -2.11 -60.29
CA LEU A 48 3.04 -1.75 -58.98
C LEU A 48 1.79 -0.91 -59.13
N GLY A 49 0.74 -1.26 -58.38
CA GLY A 49 -0.56 -0.65 -58.56
C GLY A 49 -0.85 0.51 -57.62
N GLY A 50 -2.06 1.04 -57.73
CA GLY A 50 -2.45 2.19 -56.95
C GLY A 50 -3.95 2.35 -56.84
N LEU A 51 -4.34 3.16 -55.87
CA LEU A 51 -5.75 3.43 -55.55
C LEU A 51 -5.91 4.92 -55.28
N PHE A 52 -6.98 5.53 -55.80
CA PHE A 52 -7.17 6.96 -55.66
C PHE A 52 -8.64 7.31 -55.46
N PRO A 53 -8.92 8.44 -54.80
CA PRO A 53 -10.30 8.76 -54.39
C PRO A 53 -11.21 9.29 -55.48
N VAL A 54 -10.82 9.14 -56.76
CA VAL A 54 -11.62 9.66 -57.87
C VAL A 54 -13.10 9.33 -57.68
N HIS A 55 -13.94 10.32 -57.98
CA HIS A 55 -15.40 10.28 -57.74
C HIS A 55 -15.69 10.34 -56.24
N ALA A 56 -16.93 10.04 -55.86
CA ALA A 56 -17.34 10.18 -54.47
C ALA A 56 -18.35 9.09 -54.13
N LYS A 57 -18.86 9.13 -52.91
CA LYS A 57 -19.80 8.13 -52.41
C LYS A 57 -21.15 8.32 -53.10
N GLY A 58 -21.57 7.32 -53.88
CA GLY A 58 -22.87 7.37 -54.52
C GLY A 58 -23.97 6.75 -53.68
N GLU A 59 -24.79 7.60 -53.06
CA GLU A 59 -25.86 7.12 -52.19
C GLU A 59 -26.93 6.32 -52.94
N ARG A 60 -27.00 6.47 -54.27
CA ARG A 60 -28.03 5.81 -55.06
C ARG A 60 -27.70 4.36 -55.41
N GLY A 61 -26.65 3.79 -54.80
CA GLY A 61 -26.19 2.48 -55.19
C GLY A 61 -25.28 2.48 -56.41
N VAL A 62 -24.98 3.65 -56.95
CA VAL A 62 -24.06 3.80 -58.07
C VAL A 62 -23.23 5.04 -57.79
N PRO A 63 -21.91 5.03 -58.01
CA PRO A 63 -21.09 6.22 -57.72
C PRO A 63 -21.63 7.49 -58.35
N CYS A 64 -22.05 8.44 -57.52
CA CYS A 64 -22.58 9.69 -58.02
C CYS A 64 -21.47 10.48 -58.69
N GLY A 65 -21.72 10.94 -59.91
CA GLY A 65 -20.69 11.64 -60.65
C GLY A 65 -20.28 12.93 -59.99
N GLU A 66 -19.10 12.92 -59.36
CA GLU A 66 -18.49 14.12 -58.82
C GLU A 66 -17.15 14.42 -59.48
N LEU A 67 -16.24 13.44 -59.51
CA LEU A 67 -14.89 13.62 -60.02
C LEU A 67 -14.29 14.89 -59.43
N LYS A 68 -14.12 14.85 -58.11
CA LYS A 68 -13.68 16.01 -57.34
C LYS A 68 -12.51 16.72 -58.00
N LYS A 69 -11.60 15.97 -58.61
CA LYS A 69 -10.51 16.41 -59.49
C LYS A 69 -9.46 17.22 -58.75
N GLU A 70 -9.66 17.50 -57.46
CA GLU A 70 -8.59 18.07 -56.64
C GLU A 70 -7.84 16.97 -55.92
N LYS A 71 -8.56 16.02 -55.35
CA LYS A 71 -7.96 14.87 -54.68
C LYS A 71 -7.92 13.62 -55.55
N GLY A 72 -8.68 13.59 -56.65
CA GLY A 72 -8.64 12.43 -57.52
C GLY A 72 -7.67 12.52 -58.68
N ILE A 73 -7.78 13.58 -59.49
CA ILE A 73 -6.98 13.68 -60.71
C ILE A 73 -5.55 14.07 -60.40
N HIS A 74 -5.36 15.07 -59.54
CA HIS A 74 -4.04 15.58 -59.21
C HIS A 74 -3.14 14.54 -58.56
N ARG A 75 -3.67 13.36 -58.26
CA ARG A 75 -2.90 12.27 -57.66
C ARG A 75 -2.60 11.15 -58.63
N LEU A 76 -3.53 10.79 -59.52
CA LEU A 76 -3.18 9.91 -60.63
C LEU A 76 -2.11 10.56 -61.50
N GLU A 77 -2.28 11.85 -61.82
CA GLU A 77 -1.28 12.51 -62.65
C GLU A 77 0.05 12.61 -61.93
N ALA A 78 0.04 12.77 -60.61
CA ALA A 78 1.30 12.84 -59.87
C ALA A 78 1.99 11.49 -59.83
N MET A 79 1.23 10.40 -59.63
CA MET A 79 1.84 9.08 -59.63
C MET A 79 2.41 8.73 -61.00
N LEU A 80 1.67 9.06 -62.07
CA LEU A 80 2.18 8.79 -63.40
C LEU A 80 3.37 9.66 -63.75
N TYR A 81 3.40 10.90 -63.26
CA TYR A 81 4.56 11.76 -63.44
C TYR A 81 5.78 11.17 -62.74
N ALA A 82 5.60 10.72 -61.50
CA ALA A 82 6.71 10.09 -60.76
C ALA A 82 7.23 8.86 -61.50
N ILE A 83 6.31 8.02 -61.99
CA ILE A 83 6.71 6.81 -62.70
C ILE A 83 7.48 7.17 -63.98
N ASP A 84 6.98 8.15 -64.73
CA ASP A 84 7.65 8.55 -65.96
C ASP A 84 9.02 9.13 -65.68
N GLN A 85 9.19 9.83 -64.56
CA GLN A 85 10.51 10.36 -64.21
C GLN A 85 11.45 9.23 -63.80
N ILE A 86 10.95 8.27 -63.02
CA ILE A 86 11.79 7.14 -62.61
C ILE A 86 12.23 6.33 -63.81
N ASN A 87 11.33 6.13 -64.78
CA ASN A 87 11.64 5.39 -66.00
C ASN A 87 12.54 6.15 -66.95
N LYS A 88 13.03 7.33 -66.56
CA LYS A 88 13.88 8.16 -67.41
C LYS A 88 15.09 8.63 -66.62
N ASP A 89 15.55 7.81 -65.68
CA ASP A 89 16.72 8.11 -64.86
C ASP A 89 17.73 7.00 -65.05
N PRO A 90 18.93 7.27 -65.56
CA PRO A 90 19.86 6.19 -65.90
C PRO A 90 20.45 5.46 -64.71
N ASP A 91 20.27 5.95 -63.48
CA ASP A 91 20.89 5.34 -62.31
C ASP A 91 19.91 5.21 -61.16
N LEU A 92 18.66 4.83 -61.47
CA LEU A 92 17.70 4.56 -60.40
C LEU A 92 17.30 3.09 -60.39
N LEU A 93 16.83 2.58 -61.53
CA LEU A 93 16.51 1.17 -61.68
C LEU A 93 17.27 0.53 -62.85
N SER A 94 18.26 1.25 -63.37
CA SER A 94 19.09 0.73 -64.49
C SER A 94 18.22 0.30 -65.66
N ASN A 95 18.46 -0.90 -66.21
CA ASN A 95 17.73 -1.33 -67.39
C ASN A 95 16.30 -1.74 -67.08
N ILE A 96 15.98 -2.00 -65.81
CA ILE A 96 14.62 -2.38 -65.44
C ILE A 96 13.67 -1.19 -65.67
N THR A 97 12.43 -1.50 -65.99
CA THR A 97 11.38 -0.50 -66.19
C THR A 97 10.19 -0.84 -65.30
N LEU A 98 9.29 0.13 -65.14
CA LEU A 98 8.16 0.00 -64.24
C LEU A 98 6.85 0.25 -64.99
N GLY A 99 5.79 -0.37 -64.47
CA GLY A 99 4.46 -0.17 -65.00
C GLY A 99 3.47 -0.10 -63.86
N VAL A 100 2.33 0.52 -64.13
CA VAL A 100 1.35 0.83 -63.09
C VAL A 100 -0.03 0.41 -63.54
N ARG A 101 -0.75 -0.30 -62.67
CA ARG A 101 -2.16 -0.57 -62.82
C ARG A 101 -2.92 0.30 -61.83
N ILE A 102 -3.58 1.34 -62.32
CA ILE A 102 -4.29 2.29 -61.46
C ILE A 102 -5.76 1.90 -61.38
N LEU A 103 -6.31 1.94 -60.17
CA LEU A 103 -7.71 1.62 -59.93
C LEU A 103 -8.37 2.78 -59.20
N ASP A 104 -9.70 2.75 -59.15
CA ASP A 104 -10.50 3.87 -58.67
C ASP A 104 -11.38 3.41 -57.50
N THR A 105 -11.00 3.79 -56.28
CA THR A 105 -11.89 3.63 -55.14
C THR A 105 -12.85 4.82 -55.09
N CYS A 106 -14.14 4.53 -55.11
CA CYS A 106 -15.14 5.60 -55.12
C CYS A 106 -15.46 6.04 -53.70
N SER A 107 -14.42 6.39 -52.94
CA SER A 107 -14.52 6.91 -51.57
C SER A 107 -15.20 5.93 -50.61
N ARG A 108 -15.42 4.69 -51.02
CA ARG A 108 -16.03 3.67 -50.19
C ARG A 108 -15.06 2.53 -49.91
N ASP A 109 -15.41 1.74 -48.90
CA ASP A 109 -14.61 0.57 -48.54
C ASP A 109 -15.01 -0.64 -49.39
N THR A 110 -16.29 -1.01 -49.33
CA THR A 110 -16.77 -2.21 -50.00
C THR A 110 -16.49 -2.14 -51.49
N TYR A 111 -16.63 -0.96 -52.09
CA TYR A 111 -16.28 -0.79 -53.50
C TYR A 111 -14.78 -1.01 -53.72
N ALA A 112 -13.95 -0.56 -52.76
CA ALA A 112 -12.51 -0.78 -52.88
C ALA A 112 -12.16 -2.27 -52.81
N LEU A 113 -13.03 -3.09 -52.20
CA LEU A 113 -12.72 -4.52 -52.09
C LEU A 113 -12.60 -5.20 -53.45
N GLU A 114 -13.50 -4.91 -54.39
CA GLU A 114 -13.39 -5.56 -55.69
C GLU A 114 -12.09 -5.18 -56.38
N GLN A 115 -11.67 -3.92 -56.23
CA GLN A 115 -10.41 -3.48 -56.81
C GLN A 115 -9.23 -4.20 -56.16
N SER A 116 -9.27 -4.33 -54.83
CA SER A 116 -8.21 -5.04 -54.14
C SER A 116 -8.14 -6.50 -54.58
N LEU A 117 -9.30 -7.13 -54.79
CA LEU A 117 -9.33 -8.48 -55.34
C LEU A 117 -8.72 -8.51 -56.74
N THR A 118 -9.08 -7.54 -57.57
CA THR A 118 -8.52 -7.43 -58.91
C THR A 118 -6.99 -7.37 -58.86
N PHE A 119 -6.43 -6.71 -57.86
CA PHE A 119 -4.98 -6.65 -57.70
C PHE A 119 -4.38 -8.06 -57.67
N VAL A 120 -4.90 -8.94 -56.82
CA VAL A 120 -4.40 -10.30 -56.69
C VAL A 120 -5.18 -11.18 -57.67
N GLN A 121 -4.72 -11.21 -58.92
CA GLN A 121 -5.30 -12.09 -59.93
C GLN A 121 -4.28 -13.00 -60.58
N ALA A 122 -3.02 -12.95 -60.19
CA ALA A 122 -1.99 -13.84 -60.70
C ALA A 122 -1.68 -14.97 -59.73
N LEU A 123 -2.58 -15.23 -58.79
CA LEU A 123 -2.42 -16.30 -57.80
C LEU A 123 -3.46 -17.40 -57.95
N ILE A 124 -4.69 -17.05 -58.31
CA ILE A 124 -5.74 -18.03 -58.50
C ILE A 124 -5.39 -19.00 -59.62
N PRO A 139 -11.50 -19.11 -76.11
CA PRO A 139 -10.75 -18.91 -74.86
C PRO A 139 -9.41 -18.23 -75.06
N ILE A 140 -9.43 -17.00 -75.55
CA ILE A 140 -8.21 -16.22 -75.76
C ILE A 140 -7.89 -15.53 -74.43
N PHE A 141 -7.13 -16.23 -73.59
CA PHE A 141 -6.77 -15.73 -72.27
C PHE A 141 -5.58 -14.78 -72.37
N THR A 142 -5.57 -13.79 -71.48
CA THR A 142 -4.48 -12.84 -71.38
C THR A 142 -3.75 -13.06 -70.06
N LYS A 143 -2.45 -13.29 -70.14
CA LYS A 143 -1.66 -13.56 -68.96
C LYS A 143 -1.72 -12.33 -68.05
N PRO A 144 -2.12 -12.47 -66.79
CA PRO A 144 -2.22 -11.31 -65.90
C PRO A 144 -0.90 -10.98 -65.23
N ASP A 145 -0.80 -9.75 -64.76
CA ASP A 145 0.41 -9.21 -64.18
C ASP A 145 0.41 -9.34 -62.66
N LYS A 146 1.61 -9.46 -62.09
CA LYS A 146 1.79 -9.62 -60.64
C LYS A 146 2.16 -8.29 -60.03
N ILE A 147 1.33 -7.79 -59.12
CA ILE A 147 1.60 -6.54 -58.43
C ILE A 147 2.71 -6.75 -57.42
N SER A 148 3.65 -5.80 -57.37
CA SER A 148 4.73 -5.82 -56.39
C SER A 148 4.59 -4.74 -55.33
N GLY A 149 3.63 -3.83 -55.45
CA GLY A 149 3.42 -2.77 -54.48
C GLY A 149 2.21 -1.93 -54.80
N VAL A 150 1.47 -1.52 -53.77
CA VAL A 150 0.24 -0.75 -53.94
C VAL A 150 0.41 0.59 -53.25
N ILE A 151 0.19 1.68 -53.99
CA ILE A 151 0.16 3.02 -53.42
C ILE A 151 -1.27 3.52 -53.51
N GLY A 152 -1.91 3.71 -52.36
CA GLY A 152 -3.29 4.16 -52.40
C GLY A 152 -3.92 4.19 -51.03
N ALA A 153 -5.25 4.10 -51.02
CA ALA A 153 -6.06 4.15 -49.81
C ALA A 153 -5.84 5.45 -49.05
N ALA A 154 -6.19 6.55 -49.71
CA ALA A 154 -6.03 7.87 -49.11
C ALA A 154 -6.92 8.03 -47.88
N ALA A 155 -8.22 7.72 -48.01
CA ALA A 155 -9.12 7.77 -46.88
C ALA A 155 -8.72 6.72 -45.85
N SER A 156 -8.75 7.11 -44.58
CA SER A 156 -8.31 6.22 -43.51
C SER A 156 -9.22 5.01 -43.33
N SER A 157 -10.47 5.08 -43.77
CA SER A 157 -11.35 3.93 -43.68
C SER A 157 -10.98 2.87 -44.71
N VAL A 158 -10.67 3.29 -45.94
CA VAL A 158 -10.23 2.36 -46.97
C VAL A 158 -8.92 1.70 -46.58
N SER A 159 -8.02 2.48 -45.99
CA SER A 159 -6.69 1.98 -45.63
C SER A 159 -6.78 0.76 -44.74
N ILE A 160 -7.71 0.75 -43.79
CA ILE A 160 -7.76 -0.31 -42.78
C ILE A 160 -7.98 -1.67 -43.43
N MET A 161 -9.10 -1.82 -44.12
CA MET A 161 -9.45 -3.14 -44.61
C MET A 161 -8.73 -3.47 -45.92
N VAL A 162 -8.30 -2.46 -46.68
CA VAL A 162 -7.35 -2.73 -47.77
C VAL A 162 -6.05 -3.28 -47.21
N ALA A 163 -5.59 -2.75 -46.07
CA ALA A 163 -4.41 -3.31 -45.41
C ALA A 163 -4.67 -4.73 -44.97
N ASN A 164 -5.87 -5.01 -44.46
CA ASN A 164 -6.20 -6.37 -44.06
C ASN A 164 -6.09 -7.34 -45.25
N ILE A 165 -6.75 -7.01 -46.35
CA ILE A 165 -6.76 -7.93 -47.50
C ILE A 165 -5.37 -8.07 -48.08
N LEU A 166 -4.59 -6.98 -48.10
CA LEU A 166 -3.25 -7.06 -48.69
C LEU A 166 -2.25 -7.77 -47.79
N ARG A 167 -2.35 -7.60 -46.46
CA ARG A 167 -1.49 -8.35 -45.56
C ARG A 167 -1.85 -9.83 -45.56
N LEU A 168 -3.09 -10.17 -45.93
CA LEU A 168 -3.37 -11.58 -46.14
C LEU A 168 -2.67 -12.15 -47.37
N PHE A 169 -2.04 -11.31 -48.21
CA PHE A 169 -1.42 -11.76 -49.45
C PHE A 169 0.01 -11.25 -49.61
N LYS A 170 0.61 -10.68 -48.57
CA LYS A 170 2.01 -10.25 -48.57
C LYS A 170 2.29 -9.23 -49.68
N ILE A 171 1.62 -8.08 -49.59
CA ILE A 171 1.84 -6.96 -50.50
C ILE A 171 2.07 -5.70 -49.68
N PRO A 172 3.26 -5.09 -49.74
CA PRO A 172 3.56 -3.90 -48.94
C PRO A 172 3.00 -2.64 -49.59
N GLN A 173 2.02 -2.01 -48.93
CA GLN A 173 1.46 -0.76 -49.41
C GLN A 173 2.08 0.42 -48.66
N ILE A 174 2.08 1.58 -49.32
CA ILE A 174 2.59 2.82 -48.75
C ILE A 174 1.51 3.87 -48.96
N SER A 175 0.78 4.19 -47.90
CA SER A 175 -0.28 5.20 -47.97
C SER A 175 0.32 6.59 -47.86
N TYR A 176 -0.48 7.60 -48.25
CA TYR A 176 0.01 8.97 -48.32
C TYR A 176 -0.89 9.99 -47.63
N ALA A 177 -2.15 9.68 -47.36
CA ALA A 177 -3.04 10.63 -46.69
C ALA A 177 -3.86 9.95 -45.61
N SER A 178 -3.25 9.01 -44.89
CA SER A 178 -3.93 8.25 -43.84
C SER A 178 -3.16 8.44 -42.54
N THR A 179 -3.69 9.29 -41.66
CA THR A 179 -2.99 9.70 -40.45
C THR A 179 -3.58 9.13 -39.17
N ALA A 180 -4.57 8.24 -39.26
CA ALA A 180 -5.17 7.67 -38.06
C ALA A 180 -4.13 6.91 -37.25
N PRO A 181 -4.03 7.14 -35.93
CA PRO A 181 -3.00 6.46 -35.13
C PRO A 181 -3.23 4.96 -34.96
N GLU A 182 -4.43 4.46 -35.25
CA GLU A 182 -4.73 3.05 -35.07
C GLU A 182 -4.02 2.14 -36.08
N LEU A 183 -3.41 2.71 -37.13
CA LEU A 183 -2.67 1.93 -38.12
C LEU A 183 -1.18 1.84 -37.80
N SER A 184 -0.82 1.94 -36.52
CA SER A 184 0.57 1.96 -36.10
C SER A 184 0.93 0.75 -35.23
N ASP A 185 0.27 -0.38 -35.47
CA ASP A 185 0.53 -1.62 -34.73
C ASP A 185 0.82 -2.74 -35.71
N ASN A 186 1.95 -3.43 -35.51
CA ASN A 186 2.32 -4.54 -36.38
C ASN A 186 1.71 -5.85 -35.88
N THR A 187 0.39 -5.86 -35.69
CA THR A 187 -0.32 -7.08 -35.36
C THR A 187 -1.57 -7.28 -36.20
N ARG A 188 -2.04 -6.23 -36.89
CA ARG A 188 -3.13 -6.34 -37.84
C ARG A 188 -2.84 -5.67 -39.17
N TYR A 189 -1.84 -4.79 -39.24
CA TYR A 189 -1.43 -4.09 -40.45
C TYR A 189 0.07 -4.18 -40.63
N ASP A 190 0.60 -5.40 -40.46
CA ASP A 190 2.05 -5.61 -40.43
C ASP A 190 2.72 -5.15 -41.73
N PHE A 191 2.02 -5.18 -42.85
CA PHE A 191 2.57 -4.79 -44.14
C PHE A 191 2.24 -3.34 -44.50
N PHE A 192 1.72 -2.56 -43.57
CA PHE A 192 1.35 -1.18 -43.84
C PHE A 192 2.54 -0.24 -43.65
N SER A 193 2.47 0.90 -44.33
CA SER A 193 3.45 1.97 -44.20
C SER A 193 2.81 3.26 -44.67
N ARG A 194 3.40 4.38 -44.26
CA ARG A 194 2.84 5.68 -44.60
C ARG A 194 3.96 6.71 -44.65
N VAL A 195 3.88 7.62 -45.63
CA VAL A 195 4.82 8.72 -45.70
C VAL A 195 4.33 9.94 -44.93
N VAL A 196 3.02 10.07 -44.74
CA VAL A 196 2.44 11.17 -43.98
C VAL A 196 2.59 10.84 -42.49
N PRO A 197 2.87 11.80 -41.63
CA PRO A 197 3.03 11.51 -40.21
C PRO A 197 1.71 11.09 -39.58
N PRO A 198 1.75 10.28 -38.53
CA PRO A 198 0.52 9.93 -37.82
C PRO A 198 0.06 11.05 -36.91
N ASP A 199 -1.21 10.97 -36.53
CA ASP A 199 -1.80 12.00 -35.67
C ASP A 199 -1.31 11.92 -34.23
N SER A 200 -0.60 10.87 -33.86
CA SER A 200 -0.06 10.75 -32.51
C SER A 200 1.33 11.35 -32.37
N TYR A 201 1.89 11.90 -33.44
CA TYR A 201 3.16 12.60 -33.38
C TYR A 201 2.98 14.11 -33.21
N GLN A 202 1.73 14.59 -33.15
CA GLN A 202 1.45 16.00 -32.95
C GLN A 202 1.23 16.33 -31.49
N ALA A 203 0.46 15.49 -30.79
CA ALA A 203 0.19 15.72 -29.37
C ALA A 203 1.48 15.90 -28.59
N GLN A 204 2.47 15.04 -28.85
CA GLN A 204 3.76 15.17 -28.18
C GLN A 204 4.35 16.55 -28.40
N ALA A 205 4.32 17.03 -29.64
CA ALA A 205 4.77 18.39 -29.93
C ALA A 205 4.06 19.38 -29.02
N MET A 206 2.72 19.27 -28.93
CA MET A 206 1.95 20.12 -28.04
C MET A 206 2.52 20.06 -26.62
N VAL A 207 2.77 18.85 -26.12
CA VAL A 207 3.33 18.70 -24.79
C VAL A 207 4.62 19.50 -24.67
N ASP A 208 5.50 19.36 -25.66
CA ASP A 208 6.75 20.12 -25.64
C ASP A 208 6.46 21.61 -25.55
N ILE A 209 5.57 22.11 -26.42
CA ILE A 209 5.32 23.54 -26.40
C ILE A 209 4.50 23.93 -25.19
N VAL A 210 3.80 22.97 -24.58
CA VAL A 210 3.20 23.23 -23.28
C VAL A 210 4.29 23.35 -22.21
N THR A 211 5.29 22.46 -22.27
CA THR A 211 6.32 22.46 -21.24
C THR A 211 7.27 23.64 -21.40
N ALA A 212 7.70 23.93 -22.63
CA ALA A 212 8.72 24.96 -22.85
C ALA A 212 8.21 26.35 -22.50
N LEU A 213 6.90 26.56 -22.44
CA LEU A 213 6.38 27.85 -22.00
C LEU A 213 6.37 27.96 -20.48
N GLY A 214 6.12 26.85 -19.79
CA GLY A 214 6.08 26.83 -18.34
C GLY A 214 4.76 26.37 -17.75
N TRP A 215 3.75 26.11 -18.57
CA TRP A 215 2.43 25.77 -18.06
C TRP A 215 2.43 24.36 -17.49
N ASN A 216 1.73 24.18 -16.37
CA ASN A 216 1.59 22.89 -15.72
C ASN A 216 0.14 22.51 -15.45
N TYR A 217 -0.82 23.20 -16.06
CA TYR A 217 -2.23 22.97 -15.77
C TYR A 217 -3.05 23.48 -16.94
N VAL A 218 -3.75 22.59 -17.64
CA VAL A 218 -4.43 22.91 -18.89
C VAL A 218 -5.76 22.16 -18.96
N SER A 219 -6.64 22.63 -19.83
CA SER A 219 -7.88 21.96 -20.17
C SER A 219 -7.71 21.20 -21.49
N THR A 220 -8.69 20.33 -21.79
CA THR A 220 -8.61 19.47 -22.97
C THR A 220 -10.01 19.31 -23.56
N LEU A 221 -10.32 20.11 -24.57
CA LEU A 221 -11.53 19.92 -25.35
C LEU A 221 -11.34 18.76 -26.34
N ALA A 222 -12.46 18.17 -26.76
CA ALA A 222 -12.41 17.01 -27.64
C ALA A 222 -13.73 16.88 -28.39
N SER A 223 -13.69 17.05 -29.71
CA SER A 223 -14.86 16.85 -30.53
C SER A 223 -15.22 15.36 -30.59
N GLU A 224 -16.43 15.07 -31.08
CA GLU A 224 -16.91 13.69 -31.17
C GLU A 224 -16.53 13.12 -32.52
N GLY A 225 -15.57 12.20 -32.52
CA GLY A 225 -15.15 11.55 -33.74
C GLY A 225 -13.96 10.66 -33.48
N ASN A 226 -13.30 10.26 -34.57
CA ASN A 226 -12.07 9.49 -34.47
C ASN A 226 -10.85 10.38 -34.29
N TYR A 227 -10.88 11.59 -34.84
CA TYR A 227 -9.73 12.49 -34.77
C TYR A 227 -9.53 13.03 -33.36
N GLY A 228 -10.55 13.72 -32.83
CA GLY A 228 -10.39 14.41 -31.56
C GLY A 228 -10.14 13.47 -30.40
N GLU A 229 -10.92 12.38 -30.33
CA GLU A 229 -10.77 11.44 -29.23
C GLU A 229 -9.41 10.78 -29.24
N SER A 230 -8.94 10.36 -30.42
CA SER A 230 -7.61 9.74 -30.51
C SER A 230 -6.52 10.74 -30.14
N GLY A 231 -6.65 11.99 -30.61
CA GLY A 231 -5.64 12.99 -30.27
C GLY A 231 -5.58 13.26 -28.78
N VAL A 232 -6.75 13.41 -28.14
CA VAL A 232 -6.76 13.68 -26.71
C VAL A 232 -6.27 12.47 -25.92
N GLU A 233 -6.59 11.25 -26.36
CA GLU A 233 -6.08 10.06 -25.69
C GLU A 233 -4.57 9.98 -25.81
N ALA A 234 -4.02 10.30 -26.98
CA ALA A 234 -2.57 10.34 -27.13
C ALA A 234 -1.94 11.38 -26.21
N PHE A 235 -2.56 12.56 -26.13
CA PHE A 235 -2.04 13.60 -25.26
C PHE A 235 -2.04 13.16 -23.81
N THR A 236 -3.12 12.53 -23.35
CA THR A 236 -3.17 12.03 -21.98
C THR A 236 -2.15 10.93 -21.76
N GLN A 237 -1.94 10.05 -22.74
CA GLN A 237 -0.97 8.98 -22.59
C GLN A 237 0.45 9.53 -22.47
N ILE A 238 0.77 10.57 -23.24
CA ILE A 238 2.07 11.21 -23.11
C ILE A 238 2.14 12.06 -21.85
N SER A 239 0.99 12.46 -21.31
CA SER A 239 0.98 13.28 -20.09
C SER A 239 1.55 12.54 -18.90
N ARG A 240 1.10 11.31 -18.67
CA ARG A 240 1.53 10.56 -17.48
C ARG A 240 3.02 10.24 -17.53
N GLU A 241 3.58 10.08 -18.74
CA GLU A 241 4.96 9.65 -18.87
C GLU A 241 5.93 10.61 -18.19
N ILE A 242 5.76 11.91 -18.44
CA ILE A 242 6.67 12.91 -17.90
C ILE A 242 6.03 13.82 -16.86
N GLY A 243 4.70 13.84 -16.76
CA GLY A 243 4.04 14.67 -15.78
C GLY A 243 4.24 16.16 -16.04
N GLY A 244 3.92 16.96 -15.03
CA GLY A 244 4.04 18.40 -15.14
C GLY A 244 3.11 19.04 -16.15
N VAL A 245 2.14 18.30 -16.67
CA VAL A 245 1.19 18.79 -17.66
C VAL A 245 -0.23 18.50 -17.18
N CYS A 246 -0.41 18.48 -15.86
CA CYS A 246 -1.67 18.09 -15.22
C CYS A 246 -2.88 18.71 -15.91
N ILE A 247 -3.81 17.86 -16.35
CA ILE A 247 -5.01 18.31 -17.05
C ILE A 247 -6.13 18.51 -16.03
N ALA A 248 -6.70 19.71 -16.02
CA ALA A 248 -7.80 20.01 -15.10
C ALA A 248 -9.08 19.30 -15.51
N GLN A 249 -9.57 19.58 -16.71
CA GLN A 249 -10.84 19.04 -17.18
C GLN A 249 -10.63 18.29 -18.49
N SER A 250 -11.69 17.61 -18.93
CA SER A 250 -11.70 16.94 -20.22
C SER A 250 -13.14 17.00 -20.73
N GLN A 251 -13.44 17.99 -21.56
CA GLN A 251 -14.79 18.20 -22.06
C GLN A 251 -15.07 17.31 -23.26
N LYS A 252 -16.29 17.39 -23.78
CA LYS A 252 -16.72 16.48 -24.84
C LYS A 252 -17.92 17.15 -25.50
N ILE A 253 -17.84 17.38 -26.81
CA ILE A 253 -18.92 18.03 -27.53
C ILE A 253 -19.58 17.03 -28.48
N PRO A 254 -20.89 17.15 -28.71
CA PRO A 254 -21.56 16.22 -29.63
C PRO A 254 -21.42 16.64 -31.08
N ARG A 255 -21.65 15.67 -31.98
CA ARG A 255 -21.64 15.96 -33.41
C ARG A 255 -22.71 16.97 -33.78
N GLU A 256 -23.91 16.84 -33.20
CA GLU A 256 -25.02 17.75 -33.45
C GLU A 256 -25.41 18.37 -32.12
N PRO A 257 -24.92 19.57 -31.82
CA PRO A 257 -25.17 20.18 -30.50
C PRO A 257 -26.63 20.62 -30.37
N ARG A 258 -27.28 20.13 -29.32
CA ARG A 258 -28.62 20.61 -29.00
C ARG A 258 -28.58 22.09 -28.66
N PRO A 259 -29.66 22.82 -28.93
CA PRO A 259 -29.67 24.26 -28.63
C PRO A 259 -29.35 24.54 -27.16
N GLY A 260 -28.40 25.45 -26.94
CA GLY A 260 -28.00 25.84 -25.61
C GLY A 260 -27.20 24.80 -24.87
N GLU A 261 -26.02 24.45 -25.38
CA GLU A 261 -25.12 23.53 -24.68
C GLU A 261 -23.71 24.10 -24.65
N PHE A 262 -23.44 25.06 -25.55
CA PHE A 262 -22.09 25.64 -25.62
C PHE A 262 -21.77 26.44 -24.36
N GLU A 263 -22.74 27.23 -23.88
CA GLU A 263 -22.54 27.99 -22.66
C GLU A 263 -22.29 27.07 -21.46
N LYS A 264 -23.00 25.95 -21.40
CA LYS A 264 -22.77 24.98 -20.34
C LYS A 264 -21.33 24.50 -20.32
N ILE A 265 -20.79 24.13 -21.48
CA ILE A 265 -19.42 23.65 -21.56
C ILE A 265 -18.44 24.75 -21.20
N ILE A 266 -18.69 25.97 -21.69
CA ILE A 266 -17.76 27.07 -21.39
C ILE A 266 -17.76 27.40 -19.91
N LYS A 267 -18.92 27.31 -19.25
CA LYS A 267 -18.96 27.54 -17.81
C LYS A 267 -18.32 26.37 -17.05
N ARG A 268 -18.44 25.15 -17.58
CA ARG A 268 -17.66 24.04 -17.04
C ARG A 268 -16.17 24.35 -17.10
N LEU A 269 -15.71 24.95 -18.19
CA LEU A 269 -14.33 25.40 -18.27
C LEU A 269 -14.03 26.48 -17.24
N LEU A 270 -15.05 27.22 -16.80
CA LEU A 270 -14.89 28.25 -15.78
C LEU A 270 -15.01 27.69 -14.36
N GLU A 271 -14.86 26.38 -14.18
CA GLU A 271 -14.86 25.81 -12.83
C GLU A 271 -13.59 26.19 -12.08
N THR A 272 -12.44 25.81 -12.63
CA THR A 272 -11.16 26.22 -12.07
C THR A 272 -10.60 27.39 -12.87
N PRO A 273 -10.64 28.61 -12.32
CA PRO A 273 -10.12 29.76 -13.08
C PRO A 273 -8.63 29.71 -13.32
N ASN A 274 -7.87 28.91 -12.56
CA ASN A 274 -6.43 28.85 -12.71
C ASN A 274 -5.96 28.10 -13.95
N ALA A 275 -6.86 27.40 -14.64
CA ALA A 275 -6.54 26.70 -15.88
C ALA A 275 -6.97 27.57 -17.05
N ARG A 276 -6.04 28.33 -17.60
CA ARG A 276 -6.34 29.29 -18.66
C ARG A 276 -5.82 28.86 -20.02
N ALA A 277 -5.38 27.61 -20.16
CA ALA A 277 -4.92 27.08 -21.44
C ALA A 277 -5.89 26.00 -21.90
N VAL A 278 -6.46 26.19 -23.09
CA VAL A 278 -7.42 25.25 -23.66
C VAL A 278 -6.75 24.58 -24.85
N ILE A 279 -6.51 23.28 -24.73
CA ILE A 279 -5.89 22.49 -25.79
C ILE A 279 -7.04 21.83 -26.54
N MET A 280 -7.40 22.41 -27.69
CA MET A 280 -8.62 22.03 -28.40
C MET A 280 -8.34 21.01 -29.48
N PHE A 281 -9.29 20.10 -29.67
CA PHE A 281 -9.30 19.16 -30.79
C PHE A 281 -10.74 19.12 -31.30
N ALA A 282 -11.03 19.97 -32.28
CA ALA A 282 -12.41 20.14 -32.74
C ALA A 282 -12.40 20.45 -34.23
N ASN A 283 -13.56 20.86 -34.74
CA ASN A 283 -13.73 21.20 -36.15
C ASN A 283 -14.04 22.68 -36.31
N GLU A 284 -13.87 23.17 -37.53
CA GLU A 284 -14.02 24.58 -37.86
C GLU A 284 -15.24 25.23 -37.20
N ASP A 285 -16.42 24.64 -37.42
CA ASP A 285 -17.64 25.22 -36.86
C ASP A 285 -17.62 25.15 -35.34
N ASP A 286 -17.06 24.08 -34.77
CA ASP A 286 -16.96 23.98 -33.32
C ASP A 286 -16.07 25.08 -32.75
N ILE A 287 -14.91 25.32 -33.38
CA ILE A 287 -14.03 26.40 -32.94
C ILE A 287 -14.77 27.74 -33.00
N ARG A 288 -15.44 27.99 -34.13
CA ARG A 288 -16.15 29.25 -34.30
C ARG A 288 -17.21 29.43 -33.22
N ARG A 289 -18.01 28.39 -32.96
CA ARG A 289 -19.09 28.51 -32.00
C ARG A 289 -18.58 28.66 -30.58
N ILE A 290 -17.51 27.95 -30.22
CA ILE A 290 -16.92 28.12 -28.89
C ILE A 290 -16.42 29.55 -28.71
N LEU A 291 -15.73 30.07 -29.73
CA LEU A 291 -15.19 31.42 -29.61
C LEU A 291 -16.31 32.46 -29.56
N GLU A 292 -17.38 32.26 -30.33
CA GLU A 292 -18.50 33.19 -30.32
C GLU A 292 -19.23 33.17 -28.98
N ALA A 293 -19.44 31.97 -28.40
CA ALA A 293 -20.07 31.88 -27.10
C ALA A 293 -19.19 32.54 -26.03
N ALA A 294 -17.88 32.30 -26.08
CA ALA A 294 -16.97 32.95 -25.15
C ALA A 294 -17.04 34.47 -25.26
N LYS A 295 -17.06 34.98 -26.50
CA LYS A 295 -17.17 36.42 -26.71
C LYS A 295 -18.46 36.97 -26.12
N LYS A 296 -19.58 36.31 -26.40
CA LYS A 296 -20.87 36.77 -25.87
C LYS A 296 -20.87 36.73 -24.35
N LEU A 297 -20.34 35.66 -23.77
CA LEU A 297 -20.36 35.48 -22.31
C LEU A 297 -19.50 36.49 -21.57
N ASN A 298 -18.77 37.36 -22.28
CA ASN A 298 -18.00 38.44 -21.66
C ASN A 298 -16.90 37.89 -20.75
N GLN A 299 -16.14 36.93 -21.28
CA GLN A 299 -15.07 36.26 -20.54
C GLN A 299 -13.79 36.31 -21.37
N SER A 300 -13.48 37.47 -21.92
CA SER A 300 -12.31 37.67 -22.74
C SER A 300 -11.08 37.95 -21.88
N GLY A 301 -9.90 37.87 -22.51
CA GLY A 301 -8.66 38.06 -21.79
C GLY A 301 -8.39 37.02 -20.73
N HIS A 302 -9.09 35.89 -20.77
CA HIS A 302 -8.97 34.85 -19.76
C HIS A 302 -8.53 33.50 -20.33
N PHE A 303 -8.53 33.33 -21.65
CA PHE A 303 -8.26 32.06 -22.28
C PHE A 303 -7.04 32.15 -23.18
N LEU A 304 -6.25 31.08 -23.20
CA LEU A 304 -5.06 30.98 -24.06
C LEU A 304 -5.26 29.74 -24.92
N TRP A 305 -5.78 29.93 -26.13
CA TRP A 305 -6.12 28.81 -27.00
C TRP A 305 -4.88 28.09 -27.49
N ILE A 306 -5.01 26.78 -27.64
CA ILE A 306 -3.95 25.92 -28.15
C ILE A 306 -4.55 25.15 -29.33
N GLY A 307 -4.07 25.43 -30.53
CA GLY A 307 -4.67 24.86 -31.72
C GLY A 307 -4.37 23.39 -31.91
N SER A 308 -4.72 22.87 -33.08
CA SER A 308 -4.54 21.47 -33.42
C SER A 308 -4.34 21.38 -34.93
N ASP A 309 -4.48 20.18 -35.48
CA ASP A 309 -4.38 19.95 -36.91
C ASP A 309 -5.64 20.36 -37.66
N SER A 310 -6.55 21.08 -36.99
CA SER A 310 -7.79 21.53 -37.60
C SER A 310 -8.02 23.03 -37.55
N TRP A 311 -7.18 23.78 -36.82
CA TRP A 311 -7.29 25.23 -36.78
C TRP A 311 -6.37 25.90 -37.80
N GLY A 312 -5.23 25.29 -38.10
CA GLY A 312 -4.30 25.77 -39.11
C GLY A 312 -4.04 27.27 -39.11
N SER A 313 -4.20 27.89 -40.27
CA SER A 313 -3.97 29.32 -40.44
C SER A 313 -5.16 30.00 -41.10
N LYS A 314 -6.35 29.41 -40.94
CA LYS A 314 -7.54 29.95 -41.60
C LYS A 314 -8.07 31.16 -40.85
N ILE A 315 -8.63 32.10 -41.62
CA ILE A 315 -9.28 33.28 -41.05
C ILE A 315 -10.79 33.05 -40.94
N ALA A 316 -11.26 31.88 -41.35
CA ALA A 316 -12.68 31.52 -41.33
C ALA A 316 -13.19 31.22 -39.91
N PRO A 317 -12.46 30.49 -39.06
CA PRO A 317 -12.98 30.24 -37.71
C PRO A 317 -13.16 31.50 -36.88
N VAL A 318 -12.48 32.60 -37.22
CA VAL A 318 -12.66 33.88 -36.54
C VAL A 318 -12.85 34.96 -37.60
N TYR A 319 -14.11 35.27 -37.91
CA TYR A 319 -14.39 36.39 -38.79
C TYR A 319 -14.69 37.65 -37.97
N GLN A 320 -15.72 37.58 -37.12
CA GLN A 320 -15.96 38.62 -36.13
C GLN A 320 -15.28 38.33 -34.80
N GLN A 321 -14.66 37.17 -34.65
CA GLN A 321 -14.02 36.77 -33.40
C GLN A 321 -12.53 37.09 -33.38
N GLU A 322 -12.09 38.04 -34.22
CA GLU A 322 -10.70 38.48 -34.20
C GLU A 322 -10.31 38.98 -32.81
N GLU A 323 -11.23 39.68 -32.14
CA GLU A 323 -10.94 40.21 -30.80
C GLU A 323 -10.70 39.09 -29.80
N ILE A 324 -11.39 37.96 -29.95
CA ILE A 324 -11.40 36.92 -28.93
C ILE A 324 -10.63 35.73 -29.48
N ALA A 325 -9.69 35.99 -30.38
CA ALA A 325 -8.79 34.97 -30.89
C ALA A 325 -7.34 35.24 -30.54
N GLU A 326 -7.07 36.30 -29.77
CA GLU A 326 -5.71 36.66 -29.40
C GLU A 326 -4.99 35.48 -28.76
N GLY A 327 -3.93 35.02 -29.42
CA GLY A 327 -3.20 33.86 -28.93
C GLY A 327 -3.55 32.60 -29.70
N ALA A 328 -2.54 32.00 -30.33
CA ALA A 328 -2.76 30.78 -31.11
C ALA A 328 -1.47 29.99 -31.16
N VAL A 329 -1.57 28.69 -30.94
CA VAL A 329 -0.41 27.79 -31.00
C VAL A 329 -0.77 26.70 -32.00
N THR A 330 -1.60 27.06 -32.98
CA THR A 330 -2.04 26.12 -34.01
C THR A 330 -0.85 25.44 -34.68
N ILE A 331 -0.93 24.12 -34.81
CA ILE A 331 0.14 23.30 -35.36
C ILE A 331 -0.32 22.75 -36.71
N LEU A 332 0.38 23.13 -37.78
CA LEU A 332 -0.02 22.76 -39.12
C LEU A 332 1.06 21.91 -39.79
N PRO A 333 0.69 20.98 -40.67
CA PRO A 333 1.69 20.12 -41.32
C PRO A 333 2.52 20.90 -42.33
N LYS A 334 3.85 20.72 -42.27
CA LYS A 334 4.73 21.40 -43.22
C LYS A 334 4.36 21.05 -44.65
N ARG A 335 4.35 22.06 -45.51
CA ARG A 335 3.85 21.92 -46.87
C ARG A 335 4.95 22.31 -47.86
N ALA A 336 4.63 22.21 -49.14
CA ALA A 336 5.56 22.46 -50.23
C ALA A 336 4.77 22.44 -51.54
N SER A 337 5.47 22.71 -52.64
CA SER A 337 4.85 22.72 -53.96
C SER A 337 5.85 22.18 -54.97
N ILE A 338 5.36 21.38 -55.90
CA ILE A 338 6.20 20.66 -56.86
C ILE A 338 6.05 21.35 -58.21
N ASP A 339 7.13 21.97 -58.70
CA ASP A 339 7.09 22.65 -59.98
C ASP A 339 7.03 21.65 -61.14
N GLY A 340 7.71 20.51 -61.02
CA GLY A 340 7.68 19.53 -62.09
C GLY A 340 6.28 18.99 -62.35
N PHE A 341 5.53 18.70 -61.28
CA PHE A 341 4.17 18.23 -61.46
C PHE A 341 3.30 19.29 -62.12
N ASP A 342 3.50 20.56 -61.79
CA ASP A 342 2.74 21.62 -62.43
C ASP A 342 3.07 21.70 -63.92
N ARG A 343 4.36 21.67 -64.24
CA ARG A 343 4.78 21.68 -65.65
C ARG A 343 4.21 20.50 -66.41
N TYR A 344 4.03 19.35 -65.73
CA TYR A 344 3.43 18.21 -66.38
C TYR A 344 1.93 18.40 -66.57
N PHE A 345 1.21 18.78 -65.51
CA PHE A 345 -0.25 18.81 -65.54
C PHE A 345 -0.78 19.94 -66.42
N ARG A 346 -0.09 21.08 -66.46
CA ARG A 346 -0.56 22.20 -67.27
C ARG A 346 -0.23 22.06 -68.75
N SER A 347 0.61 21.10 -69.12
CA SER A 347 1.00 20.89 -70.50
C SER A 347 0.33 19.67 -71.12
N ARG A 348 -0.86 19.32 -70.64
CA ARG A 348 -1.63 18.20 -71.17
C ARG A 348 -2.82 18.70 -71.97
N THR A 349 -3.17 17.96 -73.02
CA THR A 349 -4.33 18.29 -73.85
C THR A 349 -5.26 17.09 -73.94
N LEU A 350 -6.28 17.18 -74.78
CA LEU A 350 -7.22 16.08 -74.97
C LEU A 350 -6.72 15.06 -75.99
N ALA A 351 -5.57 15.34 -76.62
CA ALA A 351 -4.95 14.39 -77.54
C ALA A 351 -3.50 14.10 -77.18
N ASN A 352 -3.05 14.54 -76.01
CA ASN A 352 -1.72 14.24 -75.51
C ASN A 352 -1.72 13.22 -74.37
N ASN A 353 -2.89 12.93 -73.80
CA ASN A 353 -3.01 11.98 -72.70
C ASN A 353 -4.20 11.07 -72.98
N ARG A 354 -3.92 9.88 -73.51
CA ARG A 354 -4.91 8.81 -73.61
C ARG A 354 -4.75 7.77 -72.51
N ARG A 355 -3.59 7.73 -71.85
CA ARG A 355 -3.35 6.91 -70.67
C ARG A 355 -4.49 7.04 -69.67
N ASN A 356 -4.79 8.26 -69.24
CA ASN A 356 -5.86 8.51 -68.28
C ASN A 356 -7.21 8.15 -68.90
N VAL A 357 -8.06 7.47 -68.15
CA VAL A 357 -9.35 7.02 -68.62
C VAL A 357 -10.49 7.82 -67.97
N TRP A 358 -10.15 8.93 -67.29
CA TRP A 358 -11.14 9.85 -66.75
C TRP A 358 -10.82 11.28 -67.15
N PHE A 359 -10.04 11.47 -68.20
CA PHE A 359 -9.57 12.79 -68.59
C PHE A 359 -10.56 13.55 -69.43
N ALA A 360 -11.48 12.87 -70.12
CA ALA A 360 -12.55 13.55 -70.83
C ALA A 360 -13.50 14.25 -69.86
N GLU A 361 -13.89 13.54 -68.80
CA GLU A 361 -14.74 14.15 -67.77
C GLU A 361 -14.06 15.35 -67.12
N PHE A 362 -12.72 15.30 -66.98
CA PHE A 362 -12.00 16.43 -66.42
C PHE A 362 -11.91 17.59 -67.41
N TRP A 363 -11.77 17.29 -68.71
CA TRP A 363 -11.86 18.33 -69.72
C TRP A 363 -13.27 18.89 -69.86
N GLU A 364 -14.26 18.20 -69.33
CA GLU A 364 -15.64 18.66 -69.36
C GLU A 364 -16.00 19.52 -68.15
N GLU A 365 -15.69 19.04 -66.94
CA GLU A 365 -16.09 19.77 -65.74
C GLU A 365 -15.20 20.96 -65.46
N ASN A 366 -13.97 20.98 -65.96
CA ASN A 366 -13.09 22.12 -65.78
C ASN A 366 -13.39 23.25 -66.74
N PHE A 367 -14.19 23.01 -67.78
CA PHE A 367 -14.50 24.02 -68.78
C PHE A 367 -15.98 24.14 -69.07
N GLY A 368 -16.83 23.36 -68.39
CA GLY A 368 -18.26 23.38 -68.64
C GLY A 368 -18.67 22.72 -69.94
N CYS A 369 -17.69 22.41 -70.79
CA CYS A 369 -17.97 21.79 -72.08
C CYS A 369 -18.58 20.40 -71.88
N LYS A 370 -19.50 20.04 -72.77
CA LYS A 370 -20.16 18.74 -72.70
C LYS A 370 -19.92 17.89 -73.94
N LEU A 371 -19.03 18.32 -74.84
CA LEU A 371 -18.74 17.60 -76.07
C LEU A 371 -20.00 17.21 -76.82
N GLY A 372 -20.18 15.91 -77.07
CA GLY A 372 -21.35 15.43 -77.77
C GLY A 372 -21.16 15.33 -79.27
N SER A 379 -21.89 22.85 -71.11
CA SER A 379 -22.52 22.96 -72.41
C SER A 379 -21.60 23.65 -73.42
N HIS A 380 -22.20 24.41 -74.33
CA HIS A 380 -21.52 25.25 -75.32
C HIS A 380 -20.87 24.43 -76.42
N ILE A 381 -20.90 23.10 -76.29
CA ILE A 381 -20.45 22.14 -77.30
C ILE A 381 -19.13 22.57 -77.93
N LYS A 382 -18.23 23.12 -77.12
CA LYS A 382 -16.93 23.60 -77.60
C LYS A 382 -15.88 22.53 -77.33
N LYS A 383 -15.27 22.02 -78.40
CA LYS A 383 -14.37 20.88 -78.26
C LYS A 383 -13.07 21.26 -77.56
N CYS A 384 -12.42 22.34 -78.01
CA CYS A 384 -11.06 22.64 -77.55
C CYS A 384 -11.04 23.60 -76.37
N THR A 385 -11.60 24.80 -76.54
CA THR A 385 -11.52 25.89 -75.58
C THR A 385 -10.10 26.10 -75.04
N GLY A 386 -9.89 25.79 -73.77
CA GLY A 386 -8.63 26.06 -73.10
C GLY A 386 -7.54 25.04 -73.38
N LEU A 387 -6.98 25.08 -74.58
CA LEU A 387 -5.85 24.23 -74.96
C LEU A 387 -4.80 24.18 -73.85
N GLU A 388 -4.54 25.32 -73.21
CA GLU A 388 -3.73 25.38 -72.00
C GLU A 388 -4.67 25.64 -70.83
N ARG A 389 -4.76 24.65 -69.93
CA ARG A 389 -5.69 24.71 -68.81
C ARG A 389 -5.09 25.35 -67.57
N ILE A 390 -4.04 26.16 -67.73
CA ILE A 390 -3.43 26.83 -66.58
C ILE A 390 -4.33 27.95 -66.07
N ALA A 391 -4.62 28.93 -66.93
CA ALA A 391 -5.44 30.08 -66.53
C ALA A 391 -6.52 30.43 -67.54
N ARG A 392 -6.62 29.73 -68.67
CA ARG A 392 -7.60 30.08 -69.69
C ARG A 392 -9.01 30.05 -69.14
N ASP A 393 -9.38 28.95 -68.48
CA ASP A 393 -10.67 28.81 -67.83
C ASP A 393 -10.44 28.44 -66.37
N SER A 394 -11.09 29.18 -65.47
CA SER A 394 -10.94 28.99 -64.02
C SER A 394 -9.49 29.23 -63.60
N SER A 395 -9.10 28.72 -62.45
CA SER A 395 -7.76 28.90 -61.92
C SER A 395 -7.17 27.56 -61.51
N TYR A 396 -5.85 27.53 -61.42
CA TYR A 396 -5.11 26.33 -61.05
C TYR A 396 -4.61 26.43 -59.62
N GLU A 397 -4.76 25.34 -58.86
CA GLU A 397 -4.32 25.29 -57.47
C GLU A 397 -3.85 23.87 -57.20
N GLN A 398 -2.53 23.68 -57.20
CA GLN A 398 -1.95 22.37 -56.89
C GLN A 398 -2.41 21.89 -55.53
N GLU A 399 -2.90 20.65 -55.48
CA GLU A 399 -3.44 20.10 -54.24
C GLU A 399 -2.32 19.93 -53.22
N GLY A 400 -2.69 20.04 -51.94
CA GLY A 400 -1.69 20.02 -50.88
C GLY A 400 -0.94 18.70 -50.80
N LYS A 401 -1.66 17.59 -50.83
CA LYS A 401 -1.07 16.27 -50.64
C LYS A 401 -0.64 15.66 -51.98
N VAL A 402 0.20 16.40 -52.69
CA VAL A 402 0.81 15.94 -53.92
C VAL A 402 2.30 15.66 -53.73
N GLN A 403 2.82 15.93 -52.53
CA GLN A 403 4.22 15.68 -52.20
C GLN A 403 4.38 14.37 -51.44
N PHE A 404 3.34 13.53 -51.42
CA PHE A 404 3.37 12.29 -50.67
C PHE A 404 3.04 11.06 -51.51
N VAL A 405 2.66 11.24 -52.77
CA VAL A 405 2.54 10.10 -53.69
C VAL A 405 3.84 9.90 -54.46
N ILE A 406 4.46 11.00 -54.89
CA ILE A 406 5.78 10.92 -55.50
C ILE A 406 6.78 10.31 -54.53
N ASP A 407 6.67 10.66 -53.25
CA ASP A 407 7.56 10.10 -52.24
C ASP A 407 7.34 8.60 -52.09
N ALA A 408 6.08 8.15 -52.08
CA ALA A 408 5.80 6.72 -51.97
C ALA A 408 6.37 5.96 -53.16
N VAL A 409 6.14 6.47 -54.36
CA VAL A 409 6.65 5.81 -55.57
C VAL A 409 8.17 5.75 -55.54
N TYR A 410 8.81 6.87 -55.18
CA TYR A 410 10.26 6.91 -55.14
C TYR A 410 10.82 5.97 -54.08
N SER A 411 10.15 5.87 -52.92
CA SER A 411 10.61 4.95 -51.90
C SER A 411 10.51 3.49 -52.36
N MET A 412 9.41 3.15 -53.03
CA MET A 412 9.30 1.79 -53.58
C MET A 412 10.39 1.52 -54.60
N ALA A 413 10.65 2.48 -55.49
CA ALA A 413 11.71 2.31 -56.49
C ALA A 413 13.08 2.16 -55.83
N TYR A 414 13.35 2.96 -54.81
CA TYR A 414 14.62 2.86 -54.09
C TYR A 414 14.75 1.50 -53.41
N ALA A 415 13.67 1.00 -52.82
CA ALA A 415 13.71 -0.33 -52.22
C ALA A 415 14.02 -1.40 -53.25
N LEU A 416 13.39 -1.30 -54.43
CA LEU A 416 13.68 -2.29 -55.48
C LEU A 416 15.13 -2.19 -55.94
N HIS A 417 15.65 -0.97 -56.09
CA HIS A 417 17.05 -0.78 -56.46
C HIS A 417 17.98 -1.39 -55.44
N ASN A 418 17.73 -1.14 -54.15
CA ASN A 418 18.53 -1.74 -53.10
C ASN A 418 18.44 -3.26 -53.12
N MET A 419 17.26 -3.79 -53.44
CA MET A 419 17.11 -5.23 -53.59
C MET A 419 17.98 -5.78 -54.70
N HIS A 420 18.05 -5.06 -55.83
CA HIS A 420 18.82 -5.54 -56.97
C HIS A 420 20.33 -5.46 -56.74
N LYS A 421 20.79 -4.69 -55.75
CA LYS A 421 22.21 -4.50 -55.49
C LYS A 421 22.80 -5.54 -54.55
N ASP A 422 21.98 -6.38 -53.93
CA ASP A 422 22.47 -7.31 -52.92
C ASP A 422 22.26 -8.77 -53.29
N LEU A 423 21.11 -9.12 -53.88
CA LEU A 423 20.82 -10.51 -54.19
C LEU A 423 21.84 -11.08 -55.17
N CYS A 424 21.93 -10.50 -56.36
CA CYS A 424 22.82 -10.98 -57.41
C CYS A 424 23.56 -9.80 -58.04
N PRO A 425 24.54 -9.26 -57.33
CA PRO A 425 25.27 -8.10 -57.87
C PRO A 425 26.10 -8.47 -59.09
N GLY A 426 26.44 -7.45 -59.86
CA GLY A 426 27.25 -7.64 -61.05
C GLY A 426 26.47 -8.01 -62.30
N TYR A 427 25.15 -7.87 -62.31
CA TYR A 427 24.33 -8.22 -63.46
C TYR A 427 23.40 -7.07 -63.79
N ILE A 428 23.34 -6.71 -65.07
CA ILE A 428 22.46 -5.65 -65.56
C ILE A 428 21.17 -6.27 -66.07
N GLY A 429 20.04 -5.68 -65.68
CA GLY A 429 18.76 -6.19 -66.12
C GLY A 429 18.06 -7.02 -65.07
N LEU A 430 17.22 -7.95 -65.51
CA LEU A 430 16.53 -8.85 -64.60
C LEU A 430 17.38 -10.08 -64.32
N CYS A 431 17.09 -10.72 -63.19
CA CYS A 431 17.96 -11.74 -62.62
C CYS A 431 17.16 -12.99 -62.30
N PRO A 432 17.79 -14.18 -62.41
CA PRO A 432 17.10 -15.40 -61.98
C PRO A 432 16.78 -15.40 -60.49
N ARG A 433 17.50 -14.64 -59.68
CA ARG A 433 17.18 -14.46 -58.28
C ARG A 433 16.23 -13.30 -58.05
N MET A 434 15.80 -12.62 -59.12
CA MET A 434 14.91 -11.47 -59.02
C MET A 434 13.67 -11.61 -59.89
N SER A 435 13.39 -12.82 -60.40
CA SER A 435 12.22 -13.04 -61.23
C SER A 435 10.92 -13.14 -60.44
N THR A 436 11.00 -13.15 -59.11
CA THR A 436 9.80 -13.18 -58.27
C THR A 436 10.13 -12.45 -56.97
N ILE A 437 9.56 -11.27 -56.79
CA ILE A 437 9.83 -10.49 -55.59
C ILE A 437 9.12 -11.12 -54.39
N ASP A 438 9.76 -11.05 -53.24
CA ASP A 438 9.22 -11.57 -51.99
C ASP A 438 8.75 -10.42 -51.11
N GLY A 439 7.60 -10.60 -50.47
CA GLY A 439 7.01 -9.51 -49.70
C GLY A 439 7.81 -9.16 -48.46
N LYS A 440 8.33 -10.18 -47.76
CA LYS A 440 9.09 -9.93 -46.54
C LYS A 440 10.38 -9.17 -46.84
N GLU A 441 11.14 -9.64 -47.83
CA GLU A 441 12.36 -8.96 -48.21
C GLU A 441 12.08 -7.55 -48.72
N LEU A 442 11.04 -7.40 -49.54
CA LEU A 442 10.70 -6.06 -50.05
C LEU A 442 10.32 -5.13 -48.92
N LEU A 443 9.62 -5.62 -47.91
CA LEU A 443 9.28 -4.79 -46.76
C LEU A 443 10.53 -4.42 -45.97
N GLY A 444 11.46 -5.38 -45.80
CA GLY A 444 12.71 -5.07 -45.13
C GLY A 444 13.51 -4.00 -45.84
N TYR A 445 13.49 -4.01 -47.18
CA TYR A 445 14.19 -3.00 -47.95
C TYR A 445 13.45 -1.67 -47.97
N ILE A 446 12.12 -1.69 -47.95
CA ILE A 446 11.33 -0.46 -47.86
C ILE A 446 11.61 0.26 -46.56
N ARG A 447 11.65 -0.50 -45.45
CA ARG A 447 11.77 0.10 -44.13
C ARG A 447 13.21 0.45 -43.76
N ALA A 448 14.12 0.51 -44.74
CA ALA A 448 15.50 0.89 -44.50
C ALA A 448 16.01 1.88 -45.55
N VAL A 449 15.11 2.72 -46.07
CA VAL A 449 15.46 3.71 -47.09
C VAL A 449 15.76 5.04 -46.43
N ASN A 450 16.79 5.73 -46.93
CA ASN A 450 17.11 7.07 -46.49
C ASN A 450 17.56 7.86 -47.72
N PHE A 451 16.79 8.85 -48.12
CA PHE A 451 17.10 9.62 -49.32
C PHE A 451 16.35 10.95 -49.27
N ASN A 452 16.84 11.89 -50.07
CA ASN A 452 16.20 13.20 -50.22
C ASN A 452 15.28 13.16 -51.43
N GLY A 453 14.00 13.39 -51.21
CA GLY A 453 13.00 13.38 -52.26
C GLY A 453 12.65 14.77 -52.74
N SER A 454 11.40 14.92 -53.17
CA SER A 454 10.93 16.23 -53.62
C SER A 454 10.94 17.22 -52.46
N ALA A 455 11.24 18.48 -52.78
CA ALA A 455 11.32 19.57 -51.81
C ALA A 455 12.38 19.33 -50.75
N GLY A 456 13.36 18.48 -51.06
CA GLY A 456 14.48 18.24 -50.15
C GLY A 456 14.09 17.76 -48.77
N THR A 457 13.14 16.83 -48.69
CA THR A 457 12.68 16.32 -47.41
C THR A 457 13.14 14.88 -47.23
N PRO A 458 13.94 14.57 -46.22
CA PRO A 458 14.34 13.18 -45.99
C PRO A 458 13.15 12.28 -45.74
N VAL A 459 13.23 11.05 -46.25
CA VAL A 459 12.20 10.05 -46.08
C VAL A 459 12.79 8.87 -45.33
N THR A 460 12.16 8.49 -44.22
CA THR A 460 12.63 7.40 -43.39
C THR A 460 11.44 6.88 -42.60
N PHE A 461 11.49 5.60 -42.25
CA PHE A 461 10.42 4.93 -41.53
C PHE A 461 10.94 4.34 -40.23
N ASN A 462 10.05 4.20 -39.26
CA ASN A 462 10.36 3.54 -38.01
C ASN A 462 10.20 2.03 -38.19
N GLU A 463 10.26 1.28 -37.08
CA GLU A 463 10.02 -0.16 -37.16
C GLU A 463 8.61 -0.45 -37.66
N ASN A 464 7.62 0.29 -37.19
CA ASN A 464 6.25 0.12 -37.67
C ASN A 464 6.14 0.54 -39.14
N GLY A 465 6.79 1.63 -39.51
CA GLY A 465 6.71 2.15 -40.87
C GLY A 465 6.04 3.51 -40.90
N ASP A 466 6.18 4.26 -39.82
CA ASP A 466 5.57 5.57 -39.68
C ASP A 466 6.64 6.64 -39.86
N ALA A 467 6.45 7.51 -40.85
CA ALA A 467 7.41 8.57 -41.09
C ALA A 467 7.41 9.56 -39.93
N PRO A 468 8.57 10.12 -39.58
CA PRO A 468 8.61 11.15 -38.54
C PRO A 468 7.84 12.39 -38.97
N GLY A 469 7.36 13.13 -37.98
CA GLY A 469 6.57 14.31 -38.23
C GLY A 469 7.41 15.57 -38.36
N ARG A 470 6.88 16.52 -39.13
CA ARG A 470 7.54 17.80 -39.35
C ARG A 470 6.44 18.85 -39.46
N TYR A 471 6.17 19.54 -38.35
CA TYR A 471 5.10 20.53 -38.29
C TYR A 471 5.67 21.93 -38.19
N ASP A 472 4.83 22.91 -38.47
CA ASP A 472 5.13 24.30 -38.16
C ASP A 472 4.08 24.85 -37.20
N ILE A 473 4.45 25.89 -36.48
CA ILE A 473 3.62 26.45 -35.42
C ILE A 473 3.39 27.92 -35.71
N PHE A 474 2.15 28.36 -35.61
CA PHE A 474 1.73 29.70 -35.96
C PHE A 474 1.32 30.46 -34.71
N GLN A 475 0.85 31.69 -34.92
CA GLN A 475 0.25 32.48 -33.85
C GLN A 475 -0.66 33.52 -34.49
N TYR A 476 -1.56 34.05 -33.67
CA TYR A 476 -2.63 34.94 -34.15
C TYR A 476 -2.78 36.06 -33.14
N GLN A 477 -2.49 37.29 -33.56
CA GLN A 477 -2.62 38.44 -32.68
C GLN A 477 -2.85 39.68 -33.52
N ILE A 478 -3.48 40.69 -32.89
CA ILE A 478 -3.75 41.93 -33.59
C ILE A 478 -2.43 42.63 -33.91
N THR A 479 -2.40 43.34 -35.04
CA THR A 479 -1.24 44.12 -35.44
C THR A 479 -1.74 45.27 -36.29
N ASN A 480 -1.86 46.45 -35.69
CA ASN A 480 -2.32 47.66 -36.36
C ASN A 480 -3.64 47.42 -37.08
N LYS A 481 -4.57 46.79 -36.38
CA LYS A 481 -5.91 46.49 -36.88
C LYS A 481 -5.84 45.67 -38.18
N SER A 482 -5.29 44.47 -38.05
CA SER A 482 -5.15 43.56 -39.17
C SER A 482 -5.05 42.13 -38.65
N THR A 483 -4.75 41.20 -39.55
CA THR A 483 -4.68 39.79 -39.22
C THR A 483 -3.45 39.18 -39.88
N GLU A 484 -2.76 38.31 -39.14
CA GLU A 484 -1.47 37.80 -39.58
C GLU A 484 -1.07 36.56 -38.80
N TYR A 485 -0.75 35.49 -39.54
CA TYR A 485 -0.24 34.24 -38.97
C TYR A 485 1.26 34.09 -39.20
N LYS A 486 2.07 34.81 -38.42
CA LYS A 486 3.52 34.57 -38.49
C LYS A 486 3.88 33.21 -37.89
N VAL A 487 4.88 32.57 -38.48
CA VAL A 487 5.47 31.36 -37.91
C VAL A 487 6.23 31.74 -36.65
N ILE A 488 5.95 31.05 -35.55
CA ILE A 488 6.67 31.26 -34.30
C ILE A 488 7.55 30.06 -33.96
N GLY A 489 7.92 29.27 -34.96
CA GLY A 489 8.76 28.11 -34.75
C GLY A 489 8.29 26.89 -35.51
N HIS A 490 8.98 25.77 -35.33
CA HIS A 490 8.64 24.54 -36.04
C HIS A 490 8.93 23.35 -35.13
N TRP A 491 8.68 22.15 -35.65
CA TRP A 491 8.84 20.93 -34.87
C TRP A 491 9.28 19.83 -35.84
N THR A 492 10.59 19.59 -35.91
CA THR A 492 11.18 18.53 -36.73
C THR A 492 12.03 17.67 -35.80
N ASN A 493 11.42 16.64 -35.20
CA ASN A 493 12.01 15.69 -34.26
C ASN A 493 12.36 16.34 -32.93
N GLN A 494 12.17 17.66 -32.78
CA GLN A 494 12.41 18.39 -31.56
C GLN A 494 11.57 19.65 -31.61
N LEU A 495 11.63 20.45 -30.55
CA LEU A 495 10.90 21.71 -30.48
C LEU A 495 11.82 22.86 -30.85
N HIS A 496 11.37 23.68 -31.80
CA HIS A 496 12.06 24.91 -32.17
C HIS A 496 11.06 26.06 -32.04
N LEU A 497 11.43 27.09 -31.28
CA LEU A 497 10.50 28.16 -30.97
C LEU A 497 11.14 29.51 -31.27
N LYS A 498 10.29 30.53 -31.33
CA LYS A 498 10.65 31.91 -31.62
C LYS A 498 10.04 32.84 -30.57
N VAL A 499 10.22 32.47 -29.28
CA VAL A 499 9.55 33.16 -28.18
C VAL A 499 9.87 34.65 -28.16
N GLU A 500 10.95 35.07 -28.82
CA GLU A 500 11.18 36.50 -28.98
C GLU A 500 10.16 37.14 -29.92
N ASP A 501 9.68 36.38 -30.91
CA ASP A 501 8.69 36.87 -31.86
C ASP A 501 7.26 36.53 -31.44
N MET A 502 7.01 36.35 -30.14
CA MET A 502 5.69 36.01 -29.63
C MET A 502 5.09 37.22 -28.94
N GLN A 503 3.77 37.39 -29.09
CA GLN A 503 3.10 38.58 -28.57
C GLN A 503 1.69 38.18 -28.12
N TRP A 504 1.52 37.97 -26.82
CA TRP A 504 0.20 37.70 -26.24
C TRP A 504 -0.45 39.05 -25.93
N ALA A 505 -1.13 39.61 -26.93
CA ALA A 505 -1.76 40.91 -26.78
C ALA A 505 -2.94 40.85 -25.83
N HIS A 509 0.77 41.75 -20.57
CA HIS A 509 0.72 40.48 -19.85
C HIS A 509 2.09 39.83 -19.81
N THR A 510 3.06 40.44 -20.51
CA THR A 510 4.40 39.89 -20.67
C THR A 510 4.30 38.46 -21.20
N HIS A 511 4.51 37.47 -20.33
CA HIS A 511 4.29 36.07 -20.67
C HIS A 511 3.27 35.49 -19.71
N PRO A 512 2.06 35.13 -20.17
CA PRO A 512 1.06 34.57 -19.25
C PRO A 512 1.47 33.19 -18.73
N ALA A 513 0.66 32.63 -17.83
CA ALA A 513 0.94 31.31 -17.29
C ALA A 513 -0.38 30.66 -16.87
N SER A 514 -0.36 29.33 -16.78
CA SER A 514 -1.51 28.55 -16.35
C SER A 514 -1.08 27.51 -15.33
N VAL A 515 -0.29 27.93 -14.35
CA VAL A 515 0.18 27.06 -13.28
C VAL A 515 -0.89 27.00 -12.20
N CYS A 516 -1.08 25.80 -11.62
CA CYS A 516 -2.12 25.59 -10.62
C CYS A 516 -1.89 26.47 -9.39
N SER A 517 -0.78 26.26 -8.70
CA SER A 517 -0.49 26.93 -7.43
C SER A 517 0.63 27.93 -7.62
N LEU A 518 0.41 29.15 -7.15
CA LEU A 518 1.45 30.15 -7.18
C LEU A 518 2.60 29.71 -6.27
N PRO A 519 3.84 30.08 -6.59
CA PRO A 519 4.97 29.62 -5.76
C PRO A 519 4.82 30.09 -4.33
N CYS A 520 5.30 29.26 -3.41
CA CYS A 520 5.04 29.46 -2.00
C CYS A 520 6.16 30.33 -1.42
N LYS A 521 6.15 30.51 -0.10
CA LYS A 521 7.03 31.50 0.51
C LYS A 521 7.64 30.89 1.76
N PRO A 522 8.95 31.08 1.99
CA PRO A 522 9.57 30.55 3.20
C PRO A 522 8.92 31.06 4.48
N GLY A 523 8.47 30.13 5.31
CA GLY A 523 7.75 30.46 6.52
C GLY A 523 6.47 29.66 6.62
N GLU A 524 5.97 29.20 5.48
CA GLU A 524 4.71 28.47 5.40
C GLU A 524 4.95 27.23 4.55
N ARG A 525 4.80 26.05 5.16
CA ARG A 525 5.30 24.81 4.59
C ARG A 525 4.44 24.34 3.43
N LYS A 526 5.07 23.98 2.31
CA LYS A 526 4.37 23.44 1.16
C LYS A 526 4.25 21.92 1.26
N LYS A 527 3.04 21.41 1.12
CA LYS A 527 2.76 19.98 1.07
C LYS A 527 2.15 19.63 -0.28
N THR A 528 2.74 18.65 -0.95
CA THR A 528 2.23 18.21 -2.24
C THR A 528 0.95 17.40 -2.06
N VAL A 529 -0.08 17.75 -2.82
CA VAL A 529 -1.36 17.05 -2.76
C VAL A 529 -1.18 15.69 -3.41
N LYS A 530 -2.13 14.77 -3.18
CA LYS A 530 -2.04 13.41 -3.68
C LYS A 530 -2.85 13.26 -4.96
N GLY A 531 -2.46 12.28 -5.76
CA GLY A 531 -3.06 12.01 -7.05
C GLY A 531 -2.44 12.78 -8.20
N VAL A 532 -2.09 14.05 -7.98
CA VAL A 532 -1.42 14.88 -8.97
C VAL A 532 -0.37 15.73 -8.25
N PRO A 533 0.92 15.52 -8.53
CA PRO A 533 1.98 16.33 -7.91
C PRO A 533 2.11 17.71 -8.54
N CYS A 534 0.99 18.42 -8.61
CA CYS A 534 0.91 19.67 -9.36
C CYS A 534 0.41 20.85 -8.54
N CYS A 535 -0.42 20.62 -7.53
CA CYS A 535 -1.08 21.70 -6.78
C CYS A 535 -0.67 21.58 -5.32
N TRP A 536 0.46 22.19 -4.97
CA TRP A 536 0.94 22.13 -3.60
C TRP A 536 0.16 23.10 -2.72
N HIS A 537 -0.36 22.60 -1.60
CA HIS A 537 -1.05 23.44 -0.64
C HIS A 537 -0.09 23.83 0.48
N CYS A 538 -0.06 25.11 0.82
CA CYS A 538 0.83 25.59 1.87
C CYS A 538 0.05 25.83 3.15
N GLU A 539 0.63 25.39 4.26
CA GLU A 539 0.04 25.50 5.59
C GLU A 539 1.06 26.08 6.55
N ARG A 540 0.60 26.94 7.44
CA ARG A 540 1.50 27.66 8.34
C ARG A 540 1.76 26.84 9.60
N CYS A 541 3.03 26.67 9.96
CA CYS A 541 3.42 25.90 11.13
C CYS A 541 4.10 26.76 12.20
N GLU A 542 3.57 27.97 12.42
CA GLU A 542 4.07 28.83 13.49
C GLU A 542 4.17 28.06 14.81
N GLY A 543 5.22 28.37 15.56
CA GLY A 543 5.44 27.78 16.86
C GLY A 543 6.90 27.48 17.07
N TYR A 544 7.16 26.57 18.00
CA TYR A 544 8.51 26.24 18.45
C TYR A 544 9.07 25.17 17.52
N ASN A 545 9.48 25.59 16.33
CA ASN A 545 9.90 24.65 15.29
C ASN A 545 10.71 25.37 14.22
N TYR A 546 11.69 24.66 13.65
CA TYR A 546 12.58 25.19 12.63
C TYR A 546 12.42 24.42 11.32
N GLN A 547 12.57 25.13 10.21
CA GLN A 547 12.52 24.51 8.89
C GLN A 547 13.86 23.84 8.60
N VAL A 548 13.89 22.50 8.70
CA VAL A 548 15.10 21.75 8.37
C VAL A 548 15.39 21.84 6.88
N ASP A 549 14.36 21.65 6.06
CA ASP A 549 14.49 21.74 4.61
C ASP A 549 13.46 22.72 4.06
N GLU A 550 13.31 22.75 2.74
CA GLU A 550 12.41 23.73 2.11
C GLU A 550 10.98 23.56 2.63
N LEU A 551 10.50 22.33 2.71
CA LEU A 551 9.11 22.10 3.12
C LEU A 551 8.98 21.83 4.62
N SER A 552 9.66 20.80 5.14
CA SER A 552 9.41 20.34 6.50
C SER A 552 9.94 21.33 7.52
N CYS A 553 9.10 21.66 8.51
CA CYS A 553 9.45 22.55 9.60
C CYS A 553 9.45 21.73 10.90
N GLU A 554 10.59 21.12 11.21
CA GLU A 554 10.72 20.25 12.36
C GLU A 554 10.99 21.05 13.63
N LEU A 555 11.02 20.33 14.75
CA LEU A 555 11.32 20.92 16.06
C LEU A 555 12.64 21.70 16.03
N CYS A 556 12.58 22.98 16.47
CA CYS A 556 13.80 23.75 16.57
C CYS A 556 14.50 23.44 17.90
N PRO A 557 15.78 23.08 17.88
CA PRO A 557 16.46 22.62 19.10
C PRO A 557 16.41 23.59 20.26
N LEU A 558 16.66 23.08 21.46
CA LEU A 558 16.66 23.90 22.66
C LEU A 558 17.76 24.95 22.59
N ASP A 559 17.61 25.99 23.42
CA ASP A 559 18.46 27.18 23.41
C ASP A 559 18.42 27.92 22.08
N GLN A 560 17.49 27.57 21.20
CA GLN A 560 17.46 28.11 19.85
C GLN A 560 16.00 28.40 19.53
N ARG A 561 15.61 29.68 19.62
CA ARG A 561 14.20 30.07 19.57
C ARG A 561 13.85 30.63 18.20
N PRO A 562 12.88 30.05 17.49
CA PRO A 562 12.47 30.61 16.20
C PRO A 562 12.16 32.10 16.29
N ASN A 563 12.51 32.83 15.23
CA ASN A 563 12.49 34.28 15.21
C ASN A 563 11.43 34.79 14.23
N MET A 564 11.38 36.12 14.09
CA MET A 564 10.46 36.79 13.17
C MET A 564 11.13 37.16 11.84
N ASN A 565 12.39 36.81 11.65
CA ASN A 565 13.08 37.08 10.39
C ASN A 565 12.50 36.20 9.28
N ARG A 566 13.05 36.34 8.07
CA ARG A 566 12.61 35.52 6.96
C ARG A 566 12.64 34.04 7.32
N THR A 567 13.70 33.59 7.99
CA THR A 567 13.75 32.29 8.62
C THR A 567 14.93 32.27 9.58
N GLY A 568 14.70 31.72 10.77
CA GLY A 568 15.77 31.64 11.75
C GLY A 568 15.24 31.19 13.09
N CYS A 569 16.19 30.81 13.96
CA CYS A 569 15.90 30.44 15.37
C CYS A 569 16.95 31.21 16.19
N GLN A 570 16.60 32.37 16.75
CA GLN A 570 17.52 33.27 17.42
C GLN A 570 17.57 32.97 18.91
N LEU A 571 18.76 33.14 19.50
CA LEU A 571 19.02 32.75 20.88
C LEU A 571 18.08 33.44 21.85
N ILE A 572 17.62 32.69 22.85
CA ILE A 572 16.73 33.26 23.88
C ILE A 572 17.53 34.25 24.72
N PRO A 573 16.99 35.44 25.01
CA PRO A 573 17.67 36.35 25.94
C PRO A 573 17.80 35.72 27.32
N ILE A 574 18.89 36.09 28.00
CA ILE A 574 19.20 35.54 29.31
C ILE A 574 19.03 36.65 30.35
N ILE A 575 18.34 36.33 31.45
CA ILE A 575 18.08 37.30 32.50
C ILE A 575 18.63 36.74 33.82
N LYS A 576 18.96 37.66 34.72
CA LYS A 576 19.44 37.33 36.06
C LYS A 576 19.46 38.61 36.88
N LEU A 577 19.12 38.49 38.16
CA LEU A 577 19.16 39.65 39.04
C LEU A 577 20.61 40.09 39.24
N GLU A 578 20.86 41.39 39.03
CA GLU A 578 22.20 41.95 39.16
C GLU A 578 22.14 43.18 40.05
N TRP A 579 23.31 43.78 40.28
CA TRP A 579 23.47 44.85 41.25
C TRP A 579 22.36 45.90 41.17
N HIS A 580 22.13 46.45 39.99
CA HIS A 580 21.07 47.43 39.81
C HIS A 580 19.79 46.73 39.39
N SER A 581 18.72 46.91 40.16
CA SER A 581 17.44 46.27 39.89
C SER A 581 16.37 46.86 40.81
N PRO A 582 15.09 46.82 40.40
CA PRO A 582 14.04 47.28 41.32
C PRO A 582 13.98 46.49 42.61
N TRP A 583 14.09 45.17 42.54
CA TRP A 583 14.15 44.34 43.74
C TRP A 583 15.58 44.06 44.16
N ALA A 584 16.40 45.11 44.27
CA ALA A 584 17.77 44.95 44.74
C ALA A 584 18.23 46.02 45.72
N VAL A 585 17.54 47.16 45.84
CA VAL A 585 18.04 48.25 46.66
C VAL A 585 17.88 47.93 48.14
N VAL A 586 16.80 47.27 48.51
CA VAL A 586 16.44 47.02 49.91
C VAL A 586 17.52 46.21 50.62
N PRO A 587 17.95 45.05 50.11
CA PRO A 587 18.92 44.25 50.88
C PRO A 587 20.30 44.89 50.96
N VAL A 588 20.78 45.53 49.90
CA VAL A 588 22.09 46.15 49.98
C VAL A 588 22.06 47.37 50.90
N PHE A 589 20.98 48.15 50.86
CA PHE A 589 20.85 49.27 51.80
C PHE A 589 20.83 48.77 53.24
N VAL A 590 20.04 47.73 53.51
CA VAL A 590 19.96 47.19 54.85
C VAL A 590 21.33 46.68 55.30
N ALA A 591 22.05 46.01 54.40
CA ALA A 591 23.33 45.42 54.76
C ALA A 591 24.40 46.47 55.00
N ILE A 592 24.43 47.54 54.18
CA ILE A 592 25.42 48.60 54.43
C ILE A 592 25.12 49.29 55.75
N LEU A 593 23.83 49.57 56.03
CA LEU A 593 23.48 50.14 57.32
C LEU A 593 23.86 49.21 58.46
N GLY A 594 23.69 47.90 58.27
CA GLY A 594 24.05 46.94 59.30
C GLY A 594 25.53 46.92 59.59
N ILE A 595 26.36 46.93 58.54
CA ILE A 595 27.81 46.96 58.78
C ILE A 595 28.23 48.29 59.40
N ILE A 596 27.57 49.40 59.04
CA ILE A 596 27.85 50.66 59.74
C ILE A 596 27.56 50.51 61.23
N ALA A 597 26.40 49.92 61.56
CA ALA A 597 26.06 49.74 62.97
C ALA A 597 27.07 48.83 63.68
N THR A 598 27.47 47.75 63.01
CA THR A 598 28.43 46.82 63.63
C THR A 598 29.79 47.46 63.81
N THR A 599 30.21 48.32 62.87
CA THR A 599 31.45 49.05 63.04
C THR A 599 31.35 50.04 64.20
N PHE A 600 30.21 50.71 64.33
CA PHE A 600 29.99 51.59 65.47
C PHE A 600 30.12 50.81 66.78
N VAL A 601 29.53 49.61 66.81
CA VAL A 601 29.55 48.79 68.03
C VAL A 601 30.97 48.33 68.34
N ILE A 602 31.71 47.87 67.34
CA ILE A 602 33.09 47.43 67.59
C ILE A 602 33.96 48.60 68.00
N VAL A 603 33.70 49.81 67.49
CA VAL A 603 34.41 51.00 67.95
C VAL A 603 34.14 51.23 69.43
N THR A 604 32.87 51.14 69.83
CA THR A 604 32.54 51.30 71.24
C THR A 604 33.28 50.27 72.10
N PHE A 605 33.31 49.00 71.65
CA PHE A 605 33.93 47.95 72.47
C PHE A 605 35.44 48.05 72.51
N VAL A 606 36.09 48.51 71.44
CA VAL A 606 37.55 48.58 71.45
C VAL A 606 38.03 49.88 72.10
N ARG A 607 37.24 50.95 72.02
CA ARG A 607 37.62 52.20 72.68
C ARG A 607 37.64 52.05 74.19
N TYR A 608 36.78 51.18 74.74
CA TYR A 608 36.79 50.84 76.16
C TYR A 608 36.74 49.32 76.30
N ASN A 609 37.86 48.71 76.67
CA ASN A 609 37.88 47.30 77.03
C ASN A 609 38.20 47.04 78.50
N ASP A 610 39.11 47.82 79.08
CA ASP A 610 39.42 47.69 80.50
C ASP A 610 38.24 48.07 81.38
N THR A 611 37.32 48.87 80.85
CA THR A 611 36.17 49.32 81.62
C THR A 611 35.41 48.13 82.20
N PRO A 612 35.03 48.17 83.48
CA PRO A 612 34.36 47.01 84.09
C PRO A 612 33.03 46.65 83.44
N ILE A 613 32.39 47.57 82.74
CA ILE A 613 31.15 47.22 82.04
C ILE A 613 31.41 46.15 80.99
N VAL A 614 32.61 46.11 80.43
CA VAL A 614 32.96 45.06 79.48
C VAL A 614 33.17 43.74 80.20
N ARG A 615 33.69 43.77 81.43
CA ARG A 615 34.10 42.56 82.15
C ARG A 615 32.95 41.61 82.44
N ALA A 616 31.72 42.00 82.11
CA ALA A 616 30.61 41.07 82.20
C ALA A 616 30.56 40.09 81.02
N SER A 617 31.35 40.34 79.99
CA SER A 617 31.42 39.50 78.80
C SER A 617 32.74 39.78 78.10
N GLY A 618 32.87 39.33 76.86
CA GLY A 618 33.94 39.79 76.00
C GLY A 618 35.30 39.18 76.25
N ARG A 619 35.44 38.33 77.28
CA ARG A 619 36.72 37.66 77.49
C ARG A 619 37.05 36.77 76.31
N GLU A 620 36.13 35.89 75.93
CA GLU A 620 36.33 35.03 74.76
C GLU A 620 35.07 34.86 73.92
N LEU A 621 33.99 35.58 74.24
CA LEU A 621 32.71 35.40 73.58
C LEU A 621 32.37 36.52 72.60
N SER A 622 32.69 37.76 72.93
CA SER A 622 32.29 38.88 72.09
C SER A 622 32.96 38.83 70.74
N TYR A 623 34.24 38.42 70.70
CA TYR A 623 34.94 38.32 69.41
C TYR A 623 34.21 37.38 68.47
N VAL A 624 33.86 36.18 68.95
CA VAL A 624 33.19 35.20 68.10
C VAL A 624 31.81 35.70 67.69
N LEU A 625 31.07 36.29 68.64
CA LEU A 625 29.72 36.74 68.32
C LEU A 625 29.75 37.87 67.29
N LEU A 626 30.70 38.79 67.42
CA LEU A 626 30.85 39.87 66.44
C LEU A 626 31.25 39.32 65.08
N THR A 627 32.14 38.32 65.06
CA THR A 627 32.51 37.71 63.79
C THR A 627 31.29 37.09 63.11
N GLY A 628 30.44 36.44 63.89
CA GLY A 628 29.22 35.88 63.30
C GLY A 628 28.28 36.95 62.76
N ILE A 629 28.11 38.04 63.51
CA ILE A 629 27.24 39.11 63.03
C ILE A 629 27.79 39.74 61.77
N PHE A 630 29.12 39.85 61.66
CA PHE A 630 29.72 40.40 60.45
C PHE A 630 29.53 39.46 59.26
N LEU A 631 29.73 38.16 59.49
CA LEU A 631 29.55 37.19 58.41
C LEU A 631 28.11 37.12 57.93
N CYS A 632 27.13 37.42 58.81
CA CYS A 632 25.75 37.45 58.35
C CYS A 632 25.53 38.54 57.30
N TYR A 633 26.07 39.73 57.53
CA TYR A 633 25.96 40.78 56.53
C TYR A 633 26.81 40.48 55.30
N SER A 634 27.92 39.75 55.48
CA SER A 634 28.67 39.30 54.31
C SER A 634 27.82 38.38 53.44
N ILE A 635 27.06 37.48 54.07
CA ILE A 635 26.09 36.67 53.33
C ILE A 635 25.07 37.54 52.62
N THR A 636 24.57 38.57 53.33
CA THR A 636 23.60 39.47 52.72
C THR A 636 24.14 40.08 51.43
N PHE A 637 25.41 40.54 51.44
CA PHE A 637 26.01 41.05 50.21
C PHE A 637 26.35 39.98 49.19
N LEU A 638 26.58 38.74 49.61
CA LEU A 638 27.09 37.74 48.69
C LEU A 638 26.01 36.94 47.99
N MET A 639 24.82 36.83 48.58
CA MET A 639 23.75 36.06 47.94
C MET A 639 23.33 36.67 46.61
N ILE A 640 23.19 38.00 46.55
CA ILE A 640 22.57 38.64 45.39
C ILE A 640 23.53 38.80 44.21
N ALA A 641 24.84 38.69 44.44
CA ALA A 641 25.79 38.85 43.35
C ALA A 641 25.61 37.77 42.30
N ALA A 642 25.93 38.10 41.06
CA ALA A 642 25.78 37.16 39.95
C ALA A 642 26.65 35.94 40.17
N PRO A 643 26.08 34.73 40.15
CA PRO A 643 26.86 33.52 40.45
C PRO A 643 27.57 32.96 39.21
N ASP A 644 28.43 33.79 38.61
CA ASP A 644 29.08 33.39 37.36
C ASP A 644 29.98 32.18 37.54
N THR A 645 31.08 32.33 38.30
CA THR A 645 32.00 31.22 38.53
C THR A 645 32.15 30.86 40.00
N ILE A 646 32.50 31.82 40.84
CA ILE A 646 32.91 31.51 42.21
C ILE A 646 31.85 31.91 43.24
N ILE A 647 31.01 32.90 42.92
CA ILE A 647 30.13 33.50 43.92
C ILE A 647 29.23 32.44 44.56
N CYS A 648 28.71 31.51 43.78
CA CYS A 648 27.86 30.47 44.34
C CYS A 648 28.65 29.35 45.00
N SER A 649 29.95 29.24 44.72
CA SER A 649 30.76 28.20 45.35
C SER A 649 30.92 28.45 46.83
N PHE A 650 31.36 29.65 47.22
CA PHE A 650 31.58 29.98 48.61
C PHE A 650 30.28 30.22 49.38
N ARG A 651 29.15 30.22 48.67
CA ARG A 651 27.89 30.63 49.27
C ARG A 651 27.51 29.74 50.44
N ARG A 652 27.49 28.42 50.23
CA ARG A 652 27.10 27.50 51.29
C ARG A 652 28.08 27.53 52.44
N VAL A 653 29.38 27.61 52.13
CA VAL A 653 30.41 27.60 53.17
C VAL A 653 30.22 28.78 54.11
N PHE A 654 30.14 29.98 53.54
CA PHE A 654 29.99 31.17 54.39
C PHE A 654 28.62 31.20 55.06
N LEU A 655 27.57 30.76 54.36
CA LEU A 655 26.22 30.74 54.92
C LEU A 655 26.18 29.90 56.18
N GLY A 656 26.81 28.74 56.15
CA GLY A 656 27.00 27.99 57.38
C GLY A 656 27.80 28.78 58.39
N LEU A 657 29.06 29.08 58.05
CA LEU A 657 30.03 29.54 59.04
C LEU A 657 29.55 30.73 59.84
N GLY A 658 28.91 31.70 59.19
CA GLY A 658 28.53 32.90 59.91
C GLY A 658 27.56 32.70 61.05
N MET A 659 26.36 32.25 60.72
CA MET A 659 25.37 32.00 61.76
C MET A 659 25.82 30.87 62.68
N CYS A 660 26.67 29.97 62.19
CA CYS A 660 27.25 28.97 63.08
C CYS A 660 28.05 29.64 64.19
N PHE A 661 28.98 30.53 63.82
CA PHE A 661 29.73 31.28 64.82
C PHE A 661 28.80 31.96 65.81
N SER A 662 27.85 32.73 65.29
CA SER A 662 26.97 33.51 66.16
C SER A 662 26.23 32.61 67.15
N TYR A 663 25.50 31.62 66.62
CA TYR A 663 24.59 30.85 67.46
C TYR A 663 25.35 29.90 68.38
N ALA A 664 26.47 29.33 67.92
CA ALA A 664 27.26 28.48 68.79
C ALA A 664 27.88 29.28 69.92
N ALA A 665 28.34 30.50 69.63
CA ALA A 665 28.85 31.35 70.69
C ALA A 665 27.77 31.64 71.73
N LEU A 666 26.57 31.98 71.27
CA LEU A 666 25.52 32.26 72.24
C LEU A 666 25.14 31.02 73.04
N LEU A 667 25.11 29.85 72.38
CA LEU A 667 24.80 28.60 73.07
C LEU A 667 25.82 28.30 74.15
N THR A 668 27.11 28.42 73.83
CA THR A 668 28.13 28.13 74.84
C THR A 668 28.10 29.16 75.96
N LYS A 669 27.80 30.42 75.64
CA LYS A 669 27.64 31.42 76.69
C LYS A 669 26.53 31.04 77.65
N THR A 670 25.37 30.63 77.12
CA THR A 670 24.26 30.23 77.98
C THR A 670 24.62 29.02 78.81
N ASN A 671 25.25 28.01 78.19
CA ASN A 671 25.61 26.80 78.92
C ASN A 671 26.61 27.11 80.03
N ARG A 672 27.58 27.97 79.78
CA ARG A 672 28.60 28.24 80.80
C ARG A 672 28.04 29.12 81.91
N ILE A 673 27.18 30.09 81.59
CA ILE A 673 26.59 30.90 82.66
C ILE A 673 25.69 30.04 83.53
N HIS A 674 24.95 29.10 82.92
CA HIS A 674 24.13 28.19 83.72
C HIS A 674 25.00 27.28 84.59
N ARG A 675 26.07 26.72 84.02
CA ARG A 675 26.91 25.79 84.75
C ARG A 675 27.61 26.48 85.92
N ILE A 676 28.07 27.72 85.71
CA ILE A 676 28.70 28.43 86.82
C ILE A 676 27.64 28.91 87.82
N PHE A 677 26.40 29.11 87.37
CA PHE A 677 25.33 29.38 88.33
C PHE A 677 25.04 28.17 89.20
N GLU A 678 25.27 26.97 88.68
CA GLU A 678 25.05 25.75 89.45
C GLU A 678 26.37 24.99 89.65
N LYS A 688 34.08 25.07 84.71
CA LYS A 688 35.28 25.26 83.90
C LYS A 688 35.13 26.48 83.00
N PHE A 689 35.17 27.66 83.61
CA PHE A 689 35.01 28.92 82.89
C PHE A 689 36.34 29.57 82.54
N ILE A 690 37.44 28.81 82.61
CA ILE A 690 38.76 29.36 82.31
C ILE A 690 38.77 29.94 80.89
N SER A 691 39.34 31.14 80.75
CA SER A 691 39.23 31.88 79.50
C SER A 691 39.78 31.11 78.30
N PRO A 692 41.02 30.60 78.32
CA PRO A 692 41.44 29.75 77.19
C PRO A 692 40.61 28.48 77.06
N ALA A 693 40.16 27.90 78.18
CA ALA A 693 39.30 26.73 78.12
C ALA A 693 37.98 27.07 77.44
N SER A 694 37.39 28.22 77.80
CA SER A 694 36.16 28.64 77.16
C SER A 694 36.36 28.94 75.68
N GLN A 695 37.50 29.55 75.34
CA GLN A 695 37.81 29.80 73.93
C GLN A 695 37.92 28.48 73.16
N LEU A 696 38.55 27.48 73.76
CA LEU A 696 38.67 26.19 73.09
C LEU A 696 37.31 25.51 72.93
N VAL A 697 36.46 25.60 73.97
CA VAL A 697 35.18 24.92 73.89
C VAL A 697 34.19 25.70 73.02
N ILE A 698 34.47 26.95 72.68
CA ILE A 698 33.61 27.70 71.77
C ILE A 698 34.07 27.57 70.32
N THR A 699 35.38 27.71 70.07
CA THR A 699 35.87 27.72 68.70
C THR A 699 35.70 26.35 68.02
N PHE A 700 35.49 25.29 68.79
CA PHE A 700 35.44 23.95 68.22
C PHE A 700 34.22 23.13 68.66
N SER A 701 33.30 23.72 69.43
CA SER A 701 32.10 22.99 69.81
C SER A 701 31.30 22.57 68.59
N LEU A 702 30.85 23.55 67.81
CA LEU A 702 30.03 23.28 66.64
C LEU A 702 30.66 23.77 65.34
N ILE A 703 31.73 24.58 65.42
CA ILE A 703 32.36 25.09 64.21
C ILE A 703 33.16 24.00 63.52
N SER A 704 33.90 23.21 64.29
CA SER A 704 34.69 22.11 63.73
C SER A 704 33.83 21.19 62.88
N VAL A 705 32.57 21.00 63.28
CA VAL A 705 31.65 20.17 62.50
C VAL A 705 31.53 20.71 61.08
N GLN A 706 31.25 22.01 60.94
CA GLN A 706 31.12 22.59 59.61
C GLN A 706 32.46 22.72 58.90
N LEU A 707 33.57 22.85 59.64
CA LEU A 707 34.87 22.87 58.99
C LEU A 707 35.18 21.53 58.35
N LEU A 708 34.83 20.44 59.02
CA LEU A 708 34.99 19.12 58.42
C LEU A 708 34.00 18.88 57.30
N GLY A 709 32.78 19.41 57.44
CA GLY A 709 31.81 19.34 56.35
C GLY A 709 32.28 20.05 55.10
N VAL A 710 32.91 21.22 55.27
CA VAL A 710 33.51 21.92 54.14
C VAL A 710 34.69 21.14 53.58
N PHE A 711 35.52 20.57 54.47
CA PHE A 711 36.71 19.86 54.02
C PHE A 711 36.36 18.69 53.11
N VAL A 712 35.27 17.98 53.42
CA VAL A 712 34.75 16.94 52.55
C VAL A 712 33.42 17.43 51.99
N TRP A 713 33.45 17.94 50.77
CA TRP A 713 32.30 18.64 50.19
C TRP A 713 31.08 17.74 50.13
N PHE A 714 30.05 18.11 50.88
CA PHE A 714 28.74 17.46 50.81
C PHE A 714 27.67 18.41 50.31
N VAL A 715 27.59 19.61 50.89
CA VAL A 715 26.64 20.60 50.40
C VAL A 715 27.22 21.40 49.24
N VAL A 716 28.53 21.66 49.24
CA VAL A 716 29.17 22.41 48.17
C VAL A 716 29.62 21.47 47.08
N ASP A 717 28.73 21.18 46.13
CA ASP A 717 29.11 20.41 44.96
C ASP A 717 29.90 21.28 44.00
N PRO A 718 30.64 20.67 43.08
CA PRO A 718 31.27 21.46 42.02
C PRO A 718 30.22 22.27 41.28
N PRO A 719 30.53 23.53 40.91
CA PRO A 719 29.49 24.43 40.40
C PRO A 719 28.63 23.81 39.32
N HIS A 720 27.33 23.66 39.61
CA HIS A 720 26.42 23.10 38.62
C HIS A 720 26.21 24.06 37.47
N ILE A 721 25.91 25.32 37.80
CA ILE A 721 25.64 26.38 36.83
C ILE A 721 24.67 25.82 35.79
N ILE A 722 23.58 25.22 36.25
CA ILE A 722 22.61 24.65 35.33
C ILE A 722 22.03 25.79 34.51
N ILE A 723 22.38 25.82 33.22
CA ILE A 723 21.97 26.95 32.39
C ILE A 723 20.52 26.75 32.00
N ASP A 724 19.68 27.73 32.33
CA ASP A 724 18.23 27.57 32.27
C ASP A 724 17.73 27.90 30.86
N TYR A 725 18.08 27.02 29.92
CA TYR A 725 17.52 27.13 28.58
C TYR A 725 16.00 26.95 28.61
N GLY A 726 15.52 25.91 29.30
CA GLY A 726 14.10 25.71 29.44
C GLY A 726 13.48 26.45 30.61
N GLU A 727 13.97 26.15 31.82
CA GLU A 727 13.39 26.66 33.08
C GLU A 727 11.87 26.64 32.95
N GLN A 728 11.19 27.77 33.08
CA GLN A 728 9.77 27.83 32.73
C GLN A 728 9.65 27.75 31.21
N ARG A 729 9.10 26.65 30.71
CA ARG A 729 8.95 26.46 29.27
C ARG A 729 7.83 27.36 28.79
N THR A 730 8.18 28.50 28.22
CA THR A 730 7.20 29.49 27.82
C THR A 730 6.49 29.03 26.56
N LEU A 731 5.18 28.77 26.67
CA LEU A 731 4.38 28.47 25.49
C LEU A 731 4.18 29.72 24.66
N ASP A 732 3.88 29.52 23.38
CA ASP A 732 3.81 30.62 22.41
C ASP A 732 5.11 31.43 22.49
N PRO A 733 6.25 30.86 22.03
CA PRO A 733 7.56 31.45 22.30
C PRO A 733 7.90 32.69 21.48
N GLU A 734 6.97 33.65 21.47
CA GLU A 734 7.29 34.98 20.97
C GLU A 734 8.20 35.75 21.92
N LYS A 735 8.41 35.23 23.12
CA LYS A 735 9.22 35.85 24.16
C LYS A 735 9.38 34.81 25.27
N ALA A 736 10.51 34.85 25.94
CA ALA A 736 10.85 33.84 26.94
C ALA A 736 11.99 34.39 27.79
N ARG A 737 12.53 33.54 28.67
CA ARG A 737 13.55 33.95 29.60
C ARG A 737 14.55 32.82 29.82
N GLY A 738 15.77 33.20 30.15
CA GLY A 738 16.82 32.25 30.50
C GLY A 738 17.58 32.70 31.72
N VAL A 739 17.93 31.75 32.60
CA VAL A 739 18.51 32.08 33.89
C VAL A 739 19.90 31.44 33.98
N LEU A 740 20.82 32.18 34.60
CA LEU A 740 22.18 31.71 34.86
C LEU A 740 22.37 31.31 36.31
N LYS A 741 21.33 30.76 36.94
CA LYS A 741 21.38 30.45 38.36
C LYS A 741 22.32 29.28 38.62
N CYS A 742 22.94 29.30 39.81
CA CYS A 742 23.69 28.16 40.31
C CYS A 742 22.71 27.25 41.02
N ASP A 743 22.32 26.16 40.36
CA ASP A 743 21.17 25.36 40.79
C ASP A 743 21.55 24.35 41.87
N ILE A 744 22.14 24.83 42.96
CA ILE A 744 22.28 24.00 44.15
C ILE A 744 20.88 23.79 44.73
N SER A 745 20.51 22.53 44.93
CA SER A 745 19.15 22.19 45.30
C SER A 745 18.71 22.91 46.56
N ASP A 746 17.39 23.13 46.67
CA ASP A 746 16.84 23.75 47.86
C ASP A 746 17.07 22.89 49.10
N LEU A 747 17.28 21.58 48.92
CA LEU A 747 17.54 20.72 50.05
C LEU A 747 18.85 21.07 50.75
N SER A 748 19.78 21.72 50.05
CA SER A 748 20.98 22.22 50.72
C SER A 748 20.64 23.36 51.68
N LEU A 749 19.78 24.27 51.23
CA LEU A 749 19.23 25.28 52.14
C LEU A 749 18.53 24.62 53.31
N ILE A 750 17.77 23.56 53.04
CA ILE A 750 17.07 22.83 54.10
C ILE A 750 18.06 22.28 55.12
N CYS A 751 19.13 21.65 54.66
CA CYS A 751 20.05 21.02 55.60
C CYS A 751 20.84 22.04 56.40
N SER A 752 21.26 23.14 55.76
CA SER A 752 21.96 24.20 56.48
C SER A 752 21.04 24.82 57.55
N LEU A 753 19.81 25.14 57.15
CA LEU A 753 18.85 25.70 58.10
C LEU A 753 18.57 24.71 59.23
N GLY A 754 18.44 23.43 58.90
CA GLY A 754 18.18 22.42 59.91
C GLY A 754 19.31 22.30 60.92
N TYR A 755 20.56 22.33 60.45
CA TYR A 755 21.68 22.28 61.38
C TYR A 755 21.70 23.51 62.27
N SER A 756 21.47 24.68 61.69
CA SER A 756 21.47 25.90 62.47
C SER A 756 20.36 25.89 63.52
N ILE A 757 19.17 25.41 63.13
CA ILE A 757 18.06 25.33 64.08
C ILE A 757 18.36 24.28 65.15
N LEU A 758 19.06 23.20 64.79
CA LEU A 758 19.46 22.22 65.79
C LEU A 758 20.38 22.85 66.83
N LEU A 759 21.31 23.70 66.39
CA LEU A 759 22.13 24.44 67.35
C LEU A 759 21.29 25.42 68.15
N MET A 760 20.25 25.99 67.53
CA MET A 760 19.38 26.96 68.18
C MET A 760 18.51 26.34 69.26
N VAL A 761 18.10 25.09 69.07
CA VAL A 761 17.09 24.48 69.94
C VAL A 761 17.58 24.38 71.38
N THR A 762 18.82 23.89 71.56
CA THR A 762 19.35 23.72 72.90
C THR A 762 19.50 25.06 73.60
N CYS A 763 19.98 26.08 72.89
CA CYS A 763 20.13 27.40 73.49
C CYS A 763 18.77 27.97 73.87
N THR A 764 17.76 27.82 73.01
CA THR A 764 16.43 28.33 73.32
C THR A 764 15.86 27.62 74.54
N VAL A 765 16.01 26.29 74.60
CA VAL A 765 15.47 25.53 75.73
C VAL A 765 16.15 25.96 77.03
N TYR A 766 17.48 26.02 77.03
CA TYR A 766 18.20 26.35 78.24
C TYR A 766 18.08 27.83 78.61
N ALA A 767 17.64 28.68 77.69
CA ALA A 767 17.25 30.03 78.06
C ALA A 767 15.84 30.05 78.66
N ILE A 768 14.96 29.19 78.14
CA ILE A 768 13.61 29.08 78.70
C ILE A 768 13.67 28.63 80.15
N LYS A 769 14.51 27.63 80.44
CA LYS A 769 14.51 27.04 81.77
C LYS A 769 14.92 28.05 82.84
N THR A 770 15.99 28.81 82.58
CA THR A 770 16.42 29.84 83.52
C THR A 770 15.81 31.21 83.20
N ARG A 771 14.48 31.26 83.10
CA ARG A 771 13.80 32.51 82.79
C ARG A 771 14.05 33.57 83.87
N GLY A 772 14.13 33.14 85.13
CA GLY A 772 14.41 34.06 86.21
C GLY A 772 15.55 33.59 87.09
N VAL A 773 16.62 34.39 87.16
CA VAL A 773 17.80 34.01 87.93
C VAL A 773 18.27 35.19 88.78
N PRO A 774 18.46 35.00 90.08
CA PRO A 774 18.92 36.09 90.93
C PRO A 774 20.42 36.33 90.79
N GLU A 775 20.85 37.46 91.39
CA GLU A 775 22.25 37.88 91.45
C GLU A 775 22.99 37.63 90.13
N THR A 776 22.34 38.05 89.04
CA THR A 776 22.89 37.90 87.70
C THR A 776 22.82 39.23 86.99
N PHE A 777 23.77 39.45 86.08
CA PHE A 777 23.83 40.71 85.35
C PHE A 777 22.59 40.86 84.46
N ASN A 778 22.36 42.10 84.04
CA ASN A 778 21.20 42.42 83.20
C ASN A 778 21.26 41.78 81.83
N GLU A 779 22.34 41.08 81.48
CA GLU A 779 22.46 40.48 80.15
C GLU A 779 21.61 39.22 80.03
N ALA A 780 21.26 38.57 81.13
CA ALA A 780 20.65 37.25 81.07
C ALA A 780 19.27 37.27 80.44
N LYS A 781 18.51 38.36 80.60
CA LYS A 781 17.17 38.43 80.05
C LYS A 781 17.17 38.72 78.55
N PRO A 782 17.98 39.68 78.06
CA PRO A 782 18.01 39.91 76.60
C PRO A 782 18.44 38.70 75.80
N ILE A 783 19.22 37.78 76.37
CA ILE A 783 19.51 36.53 75.67
C ILE A 783 18.22 35.81 75.34
N GLY A 784 17.37 35.63 76.35
CA GLY A 784 16.07 35.01 76.12
C GLY A 784 15.20 35.80 75.16
N PHE A 785 15.21 37.13 75.29
CA PHE A 785 14.39 37.96 74.40
C PHE A 785 14.81 37.78 72.94
N THR A 786 16.12 37.78 72.68
CA THR A 786 16.60 37.58 71.32
C THR A 786 16.28 36.18 70.81
N MET A 787 16.41 35.17 71.66
CA MET A 787 16.04 33.82 71.23
C MET A 787 14.56 33.72 70.89
N TYR A 788 13.70 34.35 71.69
CA TYR A 788 12.27 34.35 71.39
C TYR A 788 11.99 35.05 70.06
N THR A 789 12.61 36.22 69.85
CA THR A 789 12.38 36.96 68.61
C THR A 789 12.88 36.19 67.40
N THR A 790 14.03 35.53 67.52
CA THR A 790 14.55 34.72 66.42
C THR A 790 13.65 33.52 66.14
N CYS A 791 13.14 32.88 67.20
CA CYS A 791 12.17 31.80 66.99
C CYS A 791 10.96 32.31 66.20
N ILE A 792 10.44 33.47 66.59
CA ILE A 792 9.26 34.03 65.91
C ILE A 792 9.59 34.32 64.45
N ILE A 793 10.73 34.95 64.20
CA ILE A 793 11.06 35.36 62.83
C ILE A 793 11.29 34.13 61.95
N TRP A 794 11.87 33.06 62.51
CA TRP A 794 12.08 31.85 61.71
C TRP A 794 10.77 31.12 61.44
N LEU A 795 9.87 31.10 62.44
CA LEU A 795 8.55 30.52 62.22
C LEU A 795 7.80 31.27 61.13
N ALA A 796 7.91 32.60 61.12
CA ALA A 796 7.32 33.39 60.04
C ALA A 796 8.04 33.17 58.71
N PHE A 797 9.35 32.90 58.76
CA PHE A 797 10.15 32.78 57.55
C PHE A 797 9.83 31.51 56.78
N ILE A 798 9.76 30.38 57.46
CA ILE A 798 9.70 29.08 56.78
C ILE A 798 8.53 28.96 55.80
N PRO A 799 7.30 29.46 56.10
CA PRO A 799 6.26 29.39 55.06
C PRO A 799 6.59 30.22 53.84
N ILE A 800 7.37 31.30 53.99
CA ILE A 800 7.77 32.08 52.83
C ILE A 800 8.73 31.27 51.97
N PHE A 801 9.61 30.48 52.59
CA PHE A 801 10.38 29.51 51.83
C PHE A 801 9.46 28.56 51.09
N PHE A 802 8.42 28.07 51.77
CA PHE A 802 7.46 27.18 51.12
C PHE A 802 6.53 27.92 50.17
N GLY A 803 6.74 29.21 49.99
CA GLY A 803 6.04 30.00 48.99
C GLY A 803 6.70 30.02 47.63
N THR A 804 7.72 29.19 47.41
CA THR A 804 8.42 29.11 46.14
C THR A 804 7.72 28.09 45.23
N ALA A 805 8.39 27.72 44.14
CA ALA A 805 7.83 26.83 43.12
C ALA A 805 6.63 27.47 42.44
N GLN A 806 6.77 28.75 42.10
CA GLN A 806 5.75 29.51 41.38
C GLN A 806 6.39 30.12 40.15
N SER A 807 5.66 30.09 39.03
CA SER A 807 6.20 30.57 37.77
C SER A 807 6.44 32.07 37.78
N ALA A 808 5.87 32.80 38.73
CA ALA A 808 5.96 34.26 38.73
C ALA A 808 7.41 34.72 38.84
N GLU A 809 8.06 34.40 39.96
CA GLU A 809 9.40 34.94 40.24
C GLU A 809 10.17 33.89 41.05
N LYS A 810 11.03 33.13 40.37
CA LYS A 810 11.84 32.13 41.03
C LYS A 810 13.09 32.72 41.68
N MET A 811 13.51 33.91 41.28
CA MET A 811 14.71 34.52 41.85
C MET A 811 14.44 35.86 42.50
N TYR A 812 13.22 36.39 42.41
CA TYR A 812 12.89 37.65 43.06
C TYR A 812 12.27 37.47 44.44
N ILE A 813 11.53 36.37 44.65
CA ILE A 813 10.91 36.13 45.93
C ILE A 813 11.90 35.53 46.93
N GLN A 814 12.48 34.38 46.56
CA GLN A 814 13.29 33.61 47.51
C GLN A 814 14.52 34.37 47.97
N THR A 815 15.21 35.05 47.05
CA THR A 815 16.45 35.71 47.42
C THR A 815 16.20 36.90 48.34
N THR A 816 15.22 37.74 48.01
CA THR A 816 14.87 38.84 48.89
C THR A 816 14.39 38.34 50.24
N THR A 817 13.57 37.29 50.24
CA THR A 817 13.10 36.71 51.49
C THR A 817 14.26 36.27 52.37
N LEU A 818 15.18 35.49 51.82
CA LEU A 818 16.29 34.95 52.60
C LEU A 818 17.18 36.08 53.12
N THR A 819 17.50 37.04 52.26
CA THR A 819 18.41 38.10 52.68
C THR A 819 17.77 38.99 53.74
N VAL A 820 16.48 39.29 53.62
CA VAL A 820 15.81 40.12 54.61
C VAL A 820 15.69 39.38 55.93
N SER A 821 15.39 38.07 55.87
CA SER A 821 15.34 37.28 57.10
C SER A 821 16.69 37.25 57.79
N MET A 822 17.77 37.05 57.02
CA MET A 822 19.11 37.06 57.61
C MET A 822 19.41 38.39 58.26
N SER A 823 19.13 39.49 57.57
CA SER A 823 19.42 40.82 58.10
C SER A 823 18.61 41.10 59.35
N LEU A 824 17.33 40.73 59.36
CA LEU A 824 16.48 40.99 60.52
C LEU A 824 16.93 40.15 61.71
N SER A 825 17.30 38.89 61.49
CA SER A 825 17.81 38.07 62.59
C SER A 825 19.10 38.67 63.15
N ALA A 826 20.00 39.12 62.27
CA ALA A 826 21.24 39.74 62.75
C ALA A 826 20.95 41.00 63.55
N SER A 827 20.03 41.84 63.06
CA SER A 827 19.69 43.07 63.78
C SER A 827 19.06 42.76 65.13
N VAL A 828 18.16 41.78 65.18
CA VAL A 828 17.52 41.41 66.44
C VAL A 828 18.56 40.93 67.44
N SER A 829 19.45 40.03 67.02
CA SER A 829 20.48 39.54 67.91
C SER A 829 21.42 40.66 68.34
N LEU A 830 21.62 41.66 67.48
CA LEU A 830 22.49 42.79 67.77
C LEU A 830 21.75 43.91 68.48
N GLY A 831 20.68 44.41 67.85
CA GLY A 831 20.06 45.63 68.31
C GLY A 831 19.45 45.52 69.70
N MET A 832 18.92 44.36 70.04
CA MET A 832 18.17 44.19 71.28
C MET A 832 18.98 43.55 72.40
N LEU A 833 20.23 43.16 72.17
CA LEU A 833 20.93 42.38 73.18
C LEU A 833 22.10 43.14 73.80
N TYR A 834 23.06 43.55 72.98
CA TYR A 834 24.21 44.29 73.49
C TYR A 834 24.41 45.63 72.79
N MET A 835 23.74 45.86 71.67
CA MET A 835 23.71 47.21 71.12
C MET A 835 23.15 48.23 72.09
N PRO A 836 22.08 47.98 72.86
CA PRO A 836 21.67 48.98 73.87
C PRO A 836 22.62 48.95 75.05
N LYS A 837 22.32 49.76 76.07
CA LYS A 837 23.18 49.93 77.25
C LYS A 837 24.64 50.18 76.87
N VAL A 838 24.86 50.86 75.74
CA VAL A 838 26.20 51.28 75.37
C VAL A 838 26.35 52.80 75.37
N TYR A 839 25.25 53.55 75.22
CA TYR A 839 25.33 55.01 75.30
C TYR A 839 25.86 55.45 76.65
N ILE A 840 25.66 54.64 77.69
CA ILE A 840 26.24 54.92 78.99
C ILE A 840 27.76 54.83 78.92
N ILE A 841 28.29 53.92 78.11
CA ILE A 841 29.73 53.75 77.97
C ILE A 841 30.17 54.03 76.54
N SER B 39 -13.67 -29.75 -57.82
CA SER B 39 -14.81 -29.16 -57.13
C SER B 39 -16.10 -29.92 -57.41
N ILE B 40 -17.07 -29.77 -56.51
CA ILE B 40 -18.36 -30.43 -56.62
C ILE B 40 -19.41 -29.32 -56.74
N ARG B 41 -19.89 -29.09 -57.96
CA ARG B 41 -20.81 -27.99 -58.25
C ARG B 41 -22.25 -28.48 -58.24
N VAL B 42 -22.81 -28.60 -57.04
CA VAL B 42 -24.23 -28.92 -56.90
C VAL B 42 -25.03 -27.63 -56.99
N ASP B 43 -26.13 -27.67 -57.74
CA ASP B 43 -26.97 -26.49 -57.94
C ASP B 43 -28.09 -26.43 -56.91
N GLY B 44 -28.44 -25.22 -56.50
CA GLY B 44 -29.49 -25.02 -55.52
C GLY B 44 -29.86 -23.57 -55.41
N ASP B 45 -31.04 -23.34 -54.83
CA ASP B 45 -31.51 -21.96 -54.64
C ASP B 45 -30.62 -21.19 -53.68
N ILE B 46 -30.14 -21.84 -52.63
CA ILE B 46 -29.23 -21.23 -51.65
C ILE B 46 -28.00 -22.11 -51.59
N ILE B 47 -26.88 -21.61 -52.11
CA ILE B 47 -25.66 -22.39 -52.24
C ILE B 47 -24.70 -22.02 -51.11
N LEU B 48 -24.27 -23.02 -50.35
CA LEU B 48 -23.33 -22.83 -49.26
C LEU B 48 -22.13 -23.76 -49.47
N GLY B 49 -20.92 -23.21 -49.35
CA GLY B 49 -19.71 -23.93 -49.70
C GLY B 49 -19.04 -24.61 -48.52
N GLY B 50 -17.90 -25.24 -48.81
CA GLY B 50 -17.18 -25.99 -47.81
C GLY B 50 -15.73 -26.21 -48.17
N LEU B 51 -14.95 -26.56 -47.14
CA LEU B 51 -13.52 -26.79 -47.25
C LEU B 51 -13.15 -28.03 -46.45
N PHE B 52 -12.29 -28.88 -47.00
CA PHE B 52 -11.95 -30.13 -46.35
C PHE B 52 -10.49 -30.49 -46.55
N PRO B 53 -9.90 -31.25 -45.61
CA PRO B 53 -8.45 -31.48 -45.62
C PRO B 53 -7.94 -32.49 -46.62
N VAL B 54 -8.74 -32.86 -47.62
CA VAL B 54 -8.35 -33.86 -48.62
C VAL B 54 -6.92 -33.60 -49.11
N HIS B 55 -6.14 -34.68 -49.23
CA HIS B 55 -4.72 -34.66 -49.55
C HIS B 55 -3.92 -34.11 -48.38
N ALA B 56 -2.65 -33.78 -48.60
CA ALA B 56 -1.77 -33.37 -47.51
C ALA B 56 -0.80 -32.31 -48.04
N LYS B 57 0.11 -31.88 -47.16
CA LYS B 57 1.07 -30.84 -47.49
C LYS B 57 2.12 -31.40 -48.45
N GLY B 58 2.16 -30.87 -49.66
CA GLY B 58 3.15 -31.27 -50.64
C GLY B 58 4.43 -30.45 -50.57
N GLU B 59 5.48 -31.03 -49.99
CA GLU B 59 6.74 -30.31 -49.82
C GLU B 59 7.42 -29.99 -51.15
N ARG B 60 7.04 -30.67 -52.23
CA ARG B 60 7.68 -30.50 -53.53
C ARG B 60 7.13 -29.31 -54.30
N GLY B 61 6.33 -28.45 -53.68
CA GLY B 61 5.65 -27.40 -54.39
C GLY B 61 4.39 -27.83 -55.09
N VAL B 62 4.00 -29.09 -54.97
CA VAL B 62 2.77 -29.63 -55.53
C VAL B 62 2.19 -30.57 -54.48
N PRO B 63 0.87 -30.54 -54.22
CA PRO B 63 0.30 -31.43 -53.19
C PRO B 63 0.68 -32.88 -53.39
N CYS B 64 1.44 -33.43 -52.43
CA CYS B 64 1.86 -34.81 -52.52
C CYS B 64 0.66 -35.73 -52.35
N GLY B 65 0.50 -36.67 -53.28
CA GLY B 65 -0.67 -37.52 -53.25
C GLY B 65 -0.72 -38.39 -52.01
N GLU B 66 -1.61 -38.02 -51.09
CA GLU B 66 -1.91 -38.84 -49.92
C GLU B 66 -3.36 -39.27 -49.89
N LEU B 67 -4.29 -38.34 -50.01
CA LEU B 67 -5.72 -38.60 -49.90
C LEU B 67 -5.97 -39.46 -48.66
N LYS B 68 -5.68 -38.85 -47.51
CA LYS B 68 -5.74 -39.54 -46.22
C LYS B 68 -7.02 -40.38 -46.08
N LYS B 69 -8.13 -39.87 -46.60
CA LYS B 69 -9.42 -40.55 -46.77
C LYS B 69 -10.08 -40.90 -45.44
N GLU B 70 -9.43 -40.63 -44.31
CA GLU B 70 -10.09 -40.72 -43.02
C GLU B 70 -10.64 -39.35 -42.62
N LYS B 71 -9.84 -38.31 -42.79
CA LYS B 71 -10.26 -36.95 -42.50
C LYS B 71 -10.70 -36.18 -43.74
N GLY B 72 -10.37 -36.66 -44.93
CA GLY B 72 -10.80 -35.98 -46.14
C GLY B 72 -12.09 -36.48 -46.75
N ILE B 73 -12.19 -37.78 -47.01
CA ILE B 73 -13.35 -38.31 -47.73
C ILE B 73 -14.55 -38.43 -46.81
N HIS B 74 -14.35 -38.95 -45.60
CA HIS B 74 -15.44 -39.18 -44.65
C HIS B 74 -16.13 -37.89 -44.24
N ARG B 75 -15.62 -36.73 -44.65
CA ARG B 75 -16.23 -35.44 -44.34
C ARG B 75 -16.93 -34.81 -45.53
N LEU B 76 -16.38 -34.93 -46.74
CA LEU B 76 -17.18 -34.57 -47.92
C LEU B 76 -18.42 -35.43 -48.01
N GLU B 77 -18.28 -36.74 -47.80
CA GLU B 77 -19.44 -37.61 -47.88
C GLU B 77 -20.44 -37.30 -46.78
N ALA B 78 -19.96 -36.90 -45.60
CA ALA B 78 -20.86 -36.55 -44.51
C ALA B 78 -21.61 -35.25 -44.81
N MET B 79 -20.91 -34.24 -45.35
CA MET B 79 -21.58 -33.00 -45.70
C MET B 79 -22.61 -33.22 -46.80
N LEU B 80 -22.27 -34.02 -47.81
CA LEU B 80 -23.23 -34.29 -48.88
C LEU B 80 -24.39 -35.12 -48.39
N TYR B 81 -24.16 -36.04 -47.45
CA TYR B 81 -25.24 -36.80 -46.84
C TYR B 81 -26.18 -35.87 -46.08
N ALA B 82 -25.62 -34.96 -45.29
CA ALA B 82 -26.45 -34.01 -44.55
C ALA B 82 -27.28 -33.16 -45.50
N ILE B 83 -26.67 -32.67 -46.58
CA ILE B 83 -27.38 -31.84 -47.55
C ILE B 83 -28.50 -32.64 -48.21
N ASP B 84 -28.21 -33.88 -48.61
CA ASP B 84 -29.24 -34.71 -49.24
C ASP B 84 -30.39 -35.01 -48.29
N GLN B 85 -30.09 -35.16 -46.99
CA GLN B 85 -31.17 -35.38 -46.02
C GLN B 85 -32.00 -34.12 -45.83
N ILE B 86 -31.34 -32.97 -45.75
CA ILE B 86 -32.06 -31.70 -45.58
C ILE B 86 -32.96 -31.43 -46.78
N ASN B 87 -32.46 -31.73 -47.99
CA ASN B 87 -33.25 -31.54 -49.22
C ASN B 87 -34.35 -32.57 -49.38
N LYS B 88 -34.57 -33.43 -48.40
CA LYS B 88 -35.60 -34.47 -48.48
C LYS B 88 -36.43 -34.47 -47.20
N ASP B 89 -36.60 -33.29 -46.59
CA ASP B 89 -37.37 -33.13 -45.37
C ASP B 89 -38.48 -32.12 -45.65
N PRO B 90 -39.76 -32.49 -45.55
CA PRO B 90 -40.84 -31.58 -45.96
C PRO B 90 -41.03 -30.37 -45.06
N ASP B 91 -40.39 -30.32 -43.89
CA ASP B 91 -40.62 -29.22 -42.95
C ASP B 91 -39.31 -28.70 -42.38
N LEU B 92 -38.28 -28.59 -43.22
CA LEU B 92 -37.04 -27.97 -42.77
C LEU B 92 -36.77 -26.67 -43.51
N LEU B 93 -36.77 -26.72 -44.85
CA LEU B 93 -36.63 -25.54 -45.68
C LEU B 93 -37.79 -25.38 -46.66
N SER B 94 -38.84 -26.18 -46.47
CA SER B 94 -40.05 -26.11 -47.33
C SER B 94 -39.68 -26.29 -48.80
N ASN B 95 -40.18 -25.41 -49.66
CA ASN B 95 -39.93 -25.57 -51.09
C ASN B 95 -38.52 -25.17 -51.50
N ILE B 96 -37.80 -24.44 -50.65
CA ILE B 96 -36.43 -24.05 -50.98
C ILE B 96 -35.53 -25.30 -50.99
N THR B 97 -34.50 -25.24 -51.82
CA THR B 97 -33.51 -26.31 -51.94
C THR B 97 -32.13 -25.73 -51.73
N LEU B 98 -31.16 -26.62 -51.51
CA LEU B 98 -29.79 -26.22 -51.20
C LEU B 98 -28.81 -26.84 -52.17
N GLY B 99 -27.68 -26.16 -52.36
CA GLY B 99 -26.61 -26.67 -53.17
C GLY B 99 -25.27 -26.33 -52.53
N VAL B 100 -24.25 -27.09 -52.89
CA VAL B 100 -22.96 -27.02 -52.22
C VAL B 100 -21.85 -26.93 -53.26
N ARG B 101 -20.94 -25.98 -53.07
CA ARG B 101 -19.68 -25.91 -53.80
C ARG B 101 -18.57 -26.34 -52.86
N ILE B 102 -18.04 -27.55 -53.06
CA ILE B 102 -17.01 -28.10 -52.19
C ILE B 102 -15.63 -27.84 -52.80
N LEU B 103 -14.70 -27.41 -51.95
CA LEU B 103 -13.34 -27.13 -52.37
C LEU B 103 -12.38 -27.92 -51.49
N ASP B 104 -11.12 -27.98 -51.92
CA ASP B 104 -10.11 -28.86 -51.32
C ASP B 104 -8.92 -28.03 -50.84
N THR B 105 -8.83 -27.83 -49.53
CA THR B 105 -7.62 -27.28 -48.93
C THR B 105 -6.61 -28.40 -48.72
N CYS B 106 -5.42 -28.27 -49.32
CA CYS B 106 -4.41 -29.31 -49.22
C CYS B 106 -3.59 -29.14 -47.94
N SER B 107 -4.26 -29.06 -46.80
CA SER B 107 -3.66 -28.97 -45.48
C SER B 107 -2.78 -27.73 -45.31
N ARG B 108 -2.82 -26.80 -46.25
CA ARG B 108 -2.04 -25.58 -46.19
C ARG B 108 -2.93 -24.35 -46.10
N ASP B 109 -2.32 -23.23 -45.70
CA ASP B 109 -3.02 -21.97 -45.61
C ASP B 109 -3.04 -21.26 -46.97
N THR B 110 -1.85 -21.00 -47.50
CA THR B 110 -1.73 -20.23 -48.74
C THR B 110 -2.50 -20.89 -49.86
N TYR B 111 -2.48 -22.23 -49.93
CA TYR B 111 -3.28 -22.94 -50.92
C TYR B 111 -4.78 -22.72 -50.68
N ALA B 112 -5.19 -22.66 -49.42
CA ALA B 112 -6.58 -22.39 -49.10
C ALA B 112 -7.01 -20.99 -49.54
N LEU B 113 -6.06 -20.06 -49.67
CA LEU B 113 -6.42 -18.70 -50.06
C LEU B 113 -7.05 -18.63 -51.45
N GLU B 114 -6.51 -19.36 -52.43
CA GLU B 114 -7.12 -19.31 -53.77
C GLU B 114 -8.54 -19.84 -53.73
N GLN B 115 -8.78 -20.89 -52.94
CA GLN B 115 -10.12 -21.42 -52.81
C GLN B 115 -11.06 -20.41 -52.16
N SER B 116 -10.57 -19.74 -51.11
CA SER B 116 -11.38 -18.71 -50.45
C SER B 116 -11.71 -17.58 -51.41
N LEU B 117 -10.75 -17.19 -52.25
CA LEU B 117 -11.02 -16.20 -53.28
C LEU B 117 -12.07 -16.70 -54.26
N THR B 118 -11.95 -17.97 -54.67
CA THR B 118 -12.93 -18.57 -55.56
C THR B 118 -14.34 -18.49 -54.98
N PHE B 119 -14.45 -18.63 -53.66
CA PHE B 119 -15.76 -18.49 -53.01
C PHE B 119 -16.43 -17.17 -53.37
N VAL B 120 -15.71 -16.06 -53.19
CA VAL B 120 -16.24 -14.72 -53.49
C VAL B 120 -15.91 -14.41 -54.95
N GLN B 121 -16.78 -14.86 -55.85
CA GLN B 121 -16.65 -14.53 -57.26
C GLN B 121 -17.89 -13.89 -57.85
N ALA B 122 -18.94 -13.69 -57.06
CA ALA B 122 -20.15 -13.01 -57.50
C ALA B 122 -20.20 -11.55 -57.05
N LEU B 123 -19.04 -11.00 -56.69
CA LEU B 123 -18.93 -9.61 -56.24
C LEU B 123 -18.10 -8.75 -57.19
N ILE B 124 -17.05 -9.32 -57.77
CA ILE B 124 -16.20 -8.59 -58.70
C ILE B 124 -17.00 -8.16 -59.92
N PRO B 139 -16.98 -15.43 -75.92
CA PRO B 139 -17.22 -15.02 -74.55
C PRO B 139 -18.51 -15.62 -73.97
N ILE B 140 -18.55 -16.95 -73.86
CA ILE B 140 -19.71 -17.64 -73.30
C ILE B 140 -19.51 -17.68 -71.78
N PHE B 141 -19.96 -16.63 -71.11
CA PHE B 141 -19.81 -16.51 -69.67
C PHE B 141 -20.88 -17.32 -68.95
N THR B 142 -20.51 -17.83 -67.78
CA THR B 142 -21.43 -18.58 -66.91
C THR B 142 -21.67 -17.76 -65.66
N LYS B 143 -22.93 -17.49 -65.37
CA LYS B 143 -23.28 -16.68 -64.21
C LYS B 143 -22.82 -17.43 -62.95
N PRO B 144 -22.02 -16.80 -62.10
CA PRO B 144 -21.54 -17.49 -60.90
C PRO B 144 -22.52 -17.39 -59.73
N ASP B 145 -22.33 -18.31 -58.79
CA ASP B 145 -23.24 -18.45 -57.66
C ASP B 145 -22.72 -17.70 -56.44
N LYS B 146 -23.65 -17.26 -55.60
CA LYS B 146 -23.34 -16.50 -54.39
C LYS B 146 -23.37 -17.43 -53.19
N ILE B 147 -22.23 -17.55 -52.51
CA ILE B 147 -22.16 -18.38 -51.31
C ILE B 147 -22.86 -17.68 -50.15
N SER B 148 -23.65 -18.44 -49.39
CA SER B 148 -24.31 -17.93 -48.20
C SER B 148 -23.73 -18.48 -46.91
N GLY B 149 -22.82 -19.43 -46.98
CA GLY B 149 -22.21 -20.00 -45.79
C GLY B 149 -21.11 -20.99 -46.12
N VAL B 150 -20.04 -20.99 -45.34
CA VAL B 150 -18.89 -21.86 -45.58
C VAL B 150 -18.70 -22.76 -44.38
N ILE B 151 -18.67 -24.07 -44.62
CA ILE B 151 -18.34 -25.05 -43.58
C ILE B 151 -17.00 -25.66 -43.95
N GLY B 152 -15.98 -25.41 -43.13
CA GLY B 152 -14.67 -25.93 -43.45
C GLY B 152 -13.61 -25.44 -42.49
N ALA B 153 -12.37 -25.46 -42.99
CA ALA B 153 -11.19 -25.06 -42.23
C ALA B 153 -11.03 -25.90 -40.98
N ALA B 154 -10.84 -27.21 -41.18
CA ALA B 154 -10.68 -28.13 -40.07
C ALA B 154 -9.41 -27.83 -39.29
N ALA B 155 -8.28 -27.72 -39.98
CA ALA B 155 -7.04 -27.35 -39.31
C ALA B 155 -7.13 -25.94 -38.75
N SER B 156 -6.64 -25.76 -37.52
CA SER B 156 -6.75 -24.47 -36.85
C SER B 156 -5.94 -23.38 -37.51
N SER B 157 -4.91 -23.73 -38.28
CA SER B 157 -4.14 -22.71 -39.00
C SER B 157 -4.93 -22.16 -40.18
N VAL B 158 -5.61 -23.03 -40.92
CA VAL B 158 -6.45 -22.58 -42.04
C VAL B 158 -7.58 -21.72 -41.52
N SER B 159 -8.17 -22.11 -40.39
CA SER B 159 -9.32 -21.41 -39.85
C SER B 159 -9.03 -19.93 -39.63
N ILE B 160 -7.82 -19.59 -39.16
CA ILE B 160 -7.52 -18.22 -38.77
C ILE B 160 -7.64 -17.28 -39.96
N MET B 161 -6.84 -17.52 -40.99
CA MET B 161 -6.79 -16.56 -42.09
C MET B 161 -7.94 -16.75 -43.07
N VAL B 162 -8.53 -17.95 -43.14
CA VAL B 162 -9.80 -18.08 -43.84
C VAL B 162 -10.88 -17.24 -43.15
N ALA B 163 -10.87 -17.21 -41.82
CA ALA B 163 -11.79 -16.34 -41.10
C ALA B 163 -11.51 -14.89 -41.39
N ASN B 164 -10.23 -14.51 -41.50
CA ASN B 164 -9.89 -13.15 -41.85
C ASN B 164 -10.47 -12.76 -43.21
N ILE B 165 -10.21 -13.57 -44.24
CA ILE B 165 -10.67 -13.22 -45.58
C ILE B 165 -12.19 -13.23 -45.66
N LEU B 166 -12.84 -14.15 -44.94
CA LEU B 166 -14.30 -14.23 -45.01
C LEU B 166 -14.98 -13.13 -44.20
N ARG B 167 -14.41 -12.74 -43.06
CA ARG B 167 -14.97 -11.61 -42.31
C ARG B 167 -14.74 -10.30 -43.06
N LEU B 168 -13.74 -10.24 -43.93
CA LEU B 168 -13.65 -9.07 -44.80
C LEU B 168 -14.78 -9.03 -45.83
N PHE B 169 -15.58 -10.09 -45.97
CA PHE B 169 -16.63 -10.14 -46.98
C PHE B 169 -17.99 -10.56 -46.41
N LYS B 170 -18.14 -10.59 -45.09
CA LYS B 170 -19.42 -10.87 -44.43
C LYS B 170 -19.99 -12.24 -44.85
N ILE B 171 -19.24 -13.29 -44.52
CA ILE B 171 -19.68 -14.66 -44.74
C ILE B 171 -19.51 -15.45 -43.44
N PRO B 172 -20.59 -15.93 -42.82
CA PRO B 172 -20.49 -16.65 -41.55
C PRO B 172 -20.11 -18.11 -41.76
N GLN B 173 -18.92 -18.47 -41.29
CA GLN B 173 -18.46 -19.85 -41.35
C GLN B 173 -18.68 -20.56 -40.02
N ILE B 174 -18.83 -21.88 -40.09
CA ILE B 174 -19.02 -22.73 -38.92
C ILE B 174 -18.00 -23.85 -39.02
N SER B 175 -16.91 -23.76 -38.25
CA SER B 175 -15.89 -24.79 -38.25
C SER B 175 -16.29 -25.96 -37.37
N TYR B 176 -15.61 -27.08 -37.56
CA TYR B 176 -15.97 -28.32 -36.87
C TYR B 176 -14.82 -29.03 -36.18
N ALA B 177 -13.57 -28.73 -36.50
CA ALA B 177 -12.43 -29.38 -35.87
C ALA B 177 -11.34 -28.38 -35.52
N SER B 178 -11.74 -27.18 -35.10
CA SER B 178 -10.80 -26.11 -34.77
C SER B 178 -11.06 -25.68 -33.33
N THR B 179 -10.19 -26.11 -32.41
CA THR B 179 -10.39 -25.93 -30.99
C THR B 179 -9.44 -24.92 -30.35
N ALA B 180 -8.62 -24.23 -31.14
CA ALA B 180 -7.69 -23.28 -30.58
C ALA B 180 -8.44 -22.16 -29.85
N PRO B 181 -8.05 -21.80 -28.62
CA PRO B 181 -8.80 -20.77 -27.88
C PRO B 181 -8.65 -19.37 -28.44
N GLU B 182 -7.66 -19.13 -29.30
CA GLU B 182 -7.43 -17.80 -29.85
C GLU B 182 -8.52 -17.34 -30.83
N LEU B 183 -9.40 -18.24 -31.26
CA LEU B 183 -10.49 -17.90 -32.17
C LEU B 183 -11.78 -17.56 -31.43
N SER B 184 -11.67 -17.10 -30.19
CA SER B 184 -12.83 -16.83 -29.33
C SER B 184 -12.95 -15.34 -28.99
N ASP B 185 -12.51 -14.46 -29.90
CA ASP B 185 -12.60 -13.02 -29.70
C ASP B 185 -13.29 -12.39 -30.89
N ASN B 186 -14.33 -11.60 -30.62
CA ASN B 186 -15.06 -10.92 -31.69
C ASN B 186 -14.42 -9.59 -32.03
N THR B 187 -13.12 -9.59 -32.33
CA THR B 187 -12.44 -8.40 -32.81
C THR B 187 -11.57 -8.68 -34.03
N ARG B 188 -11.29 -9.94 -34.32
CA ARG B 188 -10.61 -10.34 -35.55
C ARG B 188 -11.29 -11.47 -36.29
N TYR B 189 -12.17 -12.21 -35.63
CA TYR B 189 -12.92 -13.33 -36.22
C TYR B 189 -14.40 -13.20 -35.89
N ASP B 190 -14.93 -11.98 -36.08
CA ASP B 190 -16.29 -11.67 -35.64
C ASP B 190 -17.33 -12.57 -36.29
N PHE B 191 -17.06 -13.07 -37.50
CA PHE B 191 -17.99 -13.93 -38.22
C PHE B 191 -17.70 -15.40 -38.04
N PHE B 192 -16.83 -15.77 -37.10
CA PHE B 192 -16.47 -17.15 -36.89
C PHE B 192 -17.44 -17.83 -35.92
N SER B 193 -17.53 -19.15 -36.05
CA SER B 193 -18.31 -19.98 -35.15
C SER B 193 -17.78 -21.40 -35.23
N ARG B 194 -18.11 -22.21 -34.22
CA ARG B 194 -17.60 -23.56 -34.15
C ARG B 194 -18.58 -24.44 -33.37
N VAL B 195 -18.77 -25.65 -33.84
CA VAL B 195 -19.59 -26.62 -33.11
C VAL B 195 -18.76 -27.44 -32.13
N VAL B 196 -17.46 -27.58 -32.36
CA VAL B 196 -16.58 -28.30 -31.46
C VAL B 196 -16.24 -27.37 -30.31
N PRO B 197 -16.12 -27.87 -29.08
CA PRO B 197 -15.80 -26.98 -27.95
C PRO B 197 -14.39 -26.45 -28.06
N PRO B 198 -14.13 -25.28 -27.50
CA PRO B 198 -12.76 -24.75 -27.48
C PRO B 198 -11.93 -25.42 -26.39
N ASP B 199 -10.60 -25.30 -26.54
CA ASP B 199 -9.68 -25.93 -25.60
C ASP B 199 -9.64 -25.21 -24.25
N SER B 200 -10.27 -24.05 -24.12
CA SER B 200 -10.31 -23.32 -22.86
C SER B 200 -11.52 -23.69 -22.02
N TYR B 201 -12.37 -24.60 -22.49
CA TYR B 201 -13.48 -25.11 -21.70
C TYR B 201 -13.14 -26.42 -20.99
N GLN B 202 -11.92 -26.93 -21.19
CA GLN B 202 -11.47 -28.14 -20.53
C GLN B 202 -10.74 -27.85 -19.23
N ALA B 203 -9.84 -26.86 -19.25
CA ALA B 203 -9.08 -26.49 -18.06
C ALA B 203 -10.01 -26.23 -16.88
N GLN B 204 -11.09 -25.48 -17.13
CA GLN B 204 -12.06 -25.21 -16.07
C GLN B 204 -12.57 -26.52 -15.47
N ALA B 205 -12.94 -27.47 -16.32
CA ALA B 205 -13.35 -28.79 -15.83
C ALA B 205 -12.29 -29.36 -14.90
N MET B 206 -11.03 -29.32 -15.34
CA MET B 206 -9.92 -29.79 -14.49
C MET B 206 -9.98 -29.10 -13.14
N VAL B 207 -10.13 -27.77 -13.13
CA VAL B 207 -10.20 -27.03 -11.88
C VAL B 207 -11.29 -27.61 -11.01
N ASP B 208 -12.49 -27.81 -11.58
CA ASP B 208 -13.58 -28.39 -10.83
C ASP B 208 -13.18 -29.73 -10.23
N ILE B 209 -12.60 -30.62 -11.05
CA ILE B 209 -12.25 -31.93 -10.54
C ILE B 209 -11.03 -31.83 -9.63
N VAL B 210 -10.24 -30.77 -9.76
CA VAL B 210 -9.21 -30.50 -8.76
C VAL B 210 -9.85 -30.08 -7.45
N THR B 211 -10.88 -29.23 -7.52
CA THR B 211 -11.49 -28.71 -6.30
C THR B 211 -12.33 -29.78 -5.61
N ALA B 212 -13.14 -30.51 -6.38
CA ALA B 212 -14.09 -31.46 -5.78
C ALA B 212 -13.39 -32.61 -5.07
N LEU B 213 -12.13 -32.89 -5.39
CA LEU B 213 -11.39 -33.91 -4.66
C LEU B 213 -10.84 -33.37 -3.34
N GLY B 214 -10.47 -32.09 -3.31
CA GLY B 214 -9.92 -31.48 -2.11
C GLY B 214 -8.52 -30.91 -2.26
N TRP B 215 -7.88 -31.11 -3.41
CA TRP B 215 -6.50 -30.68 -3.58
C TRP B 215 -6.40 -29.17 -3.70
N ASN B 216 -5.38 -28.59 -3.07
CA ASN B 216 -5.13 -27.16 -3.11
C ASN B 216 -3.70 -26.83 -3.55
N TYR B 217 -2.96 -27.78 -4.10
CA TYR B 217 -1.56 -27.56 -4.43
C TYR B 217 -1.15 -28.59 -5.48
N VAL B 218 -0.81 -28.11 -6.69
CA VAL B 218 -0.58 -28.98 -7.84
C VAL B 218 0.58 -28.44 -8.67
N SER B 219 1.13 -29.31 -9.50
CA SER B 219 2.13 -28.93 -10.50
C SER B 219 1.45 -28.79 -11.87
N THR B 220 2.20 -28.21 -12.82
CA THR B 220 1.65 -27.92 -14.15
C THR B 220 2.75 -28.13 -15.19
N LEU B 221 2.74 -29.31 -15.81
CA LEU B 221 3.59 -29.54 -16.97
C LEU B 221 2.99 -28.90 -18.22
N ALA B 222 3.84 -28.63 -19.20
CA ALA B 222 3.41 -27.94 -20.41
C ALA B 222 4.37 -28.25 -21.55
N SER B 223 3.89 -28.94 -22.57
CA SER B 223 4.69 -29.20 -23.76
C SER B 223 4.88 -27.90 -24.55
N GLU B 224 5.82 -27.94 -25.50
CA GLU B 224 6.13 -26.77 -26.32
C GLU B 224 5.26 -26.78 -27.56
N GLY B 225 4.31 -25.87 -27.62
CA GLY B 225 3.44 -25.76 -28.77
C GLY B 225 2.34 -24.76 -28.51
N ASN B 226 1.32 -24.79 -29.37
CA ASN B 226 0.15 -23.96 -29.17
C ASN B 226 -0.87 -24.59 -28.24
N TYR B 227 -0.94 -25.93 -28.21
CA TYR B 227 -1.92 -26.61 -27.37
C TYR B 227 -1.57 -26.50 -25.90
N GLY B 228 -0.39 -26.98 -25.51
CA GLY B 228 -0.05 -27.07 -24.09
C GLY B 228 0.06 -25.70 -23.43
N GLU B 229 0.72 -24.75 -24.10
CA GLU B 229 0.89 -23.44 -23.52
C GLU B 229 -0.44 -22.73 -23.33
N SER B 230 -1.32 -22.80 -24.33
CA SER B 230 -2.64 -22.18 -24.21
C SER B 230 -3.45 -22.84 -23.11
N GLY B 231 -3.40 -24.17 -23.01
CA GLY B 231 -4.15 -24.86 -21.97
C GLY B 231 -3.68 -24.48 -20.58
N VAL B 232 -2.35 -24.43 -20.39
CA VAL B 232 -1.82 -24.09 -19.08
C VAL B 232 -2.11 -22.62 -18.75
N GLU B 233 -2.05 -21.73 -19.75
CA GLU B 233 -2.38 -20.34 -19.50
C GLU B 233 -3.84 -20.18 -19.10
N ALA B 234 -4.75 -20.92 -19.77
CA ALA B 234 -6.15 -20.90 -19.38
C ALA B 234 -6.33 -21.42 -17.96
N PHE B 235 -5.63 -22.50 -17.61
CA PHE B 235 -5.74 -23.05 -16.25
C PHE B 235 -5.27 -22.04 -15.21
N THR B 236 -4.15 -21.36 -15.49
CA THR B 236 -3.67 -20.34 -14.56
C THR B 236 -4.64 -19.17 -14.46
N GLN B 237 -5.23 -18.77 -15.60
CA GLN B 237 -6.18 -17.66 -15.58
C GLN B 237 -7.42 -17.99 -14.76
N ILE B 238 -7.91 -19.23 -14.87
CA ILE B 238 -9.03 -19.65 -14.04
C ILE B 238 -8.60 -19.89 -12.60
N SER B 239 -7.30 -20.11 -12.37
CA SER B 239 -6.81 -20.36 -11.01
C SER B 239 -6.99 -19.14 -10.12
N ARG B 240 -6.57 -17.96 -10.60
CA ARG B 240 -6.63 -16.76 -9.77
C ARG B 240 -8.07 -16.36 -9.43
N GLU B 241 -9.01 -16.68 -10.32
CA GLU B 241 -10.39 -16.24 -10.14
C GLU B 241 -10.99 -16.74 -8.83
N ILE B 242 -10.81 -18.04 -8.55
CA ILE B 242 -11.40 -18.65 -7.36
C ILE B 242 -10.37 -19.08 -6.33
N GLY B 243 -9.10 -19.17 -6.70
CA GLY B 243 -8.07 -19.56 -5.75
C GLY B 243 -8.23 -21.00 -5.28
N GLY B 244 -7.53 -21.33 -4.21
CA GLY B 244 -7.56 -22.67 -3.65
C GLY B 244 -6.99 -23.75 -4.55
N VAL B 245 -6.32 -23.36 -5.64
CA VAL B 245 -5.74 -24.30 -6.59
C VAL B 245 -4.27 -23.96 -6.81
N CYS B 246 -3.63 -23.40 -5.77
CA CYS B 246 -2.27 -22.87 -5.82
C CYS B 246 -1.33 -23.82 -6.55
N ILE B 247 -0.68 -23.31 -7.60
CA ILE B 247 0.24 -24.10 -8.41
C ILE B 247 1.65 -23.95 -7.86
N ALA B 248 2.29 -25.08 -7.55
CA ALA B 248 3.65 -25.05 -7.03
C ALA B 248 4.65 -24.67 -8.11
N GLN B 249 4.72 -25.47 -9.17
CA GLN B 249 5.69 -25.28 -10.24
C GLN B 249 4.99 -25.13 -11.58
N SER B 250 5.77 -24.78 -12.59
CA SER B 250 5.29 -24.72 -13.97
C SER B 250 6.48 -25.11 -14.87
N GLN B 251 6.54 -26.38 -15.25
CA GLN B 251 7.65 -26.87 -16.04
C GLN B 251 7.42 -26.59 -17.52
N LYS B 252 8.39 -26.98 -18.34
CA LYS B 252 8.36 -26.64 -19.76
C LYS B 252 9.30 -27.60 -20.46
N ILE B 253 8.79 -28.36 -21.43
CA ILE B 253 9.61 -29.34 -22.13
C ILE B 253 9.83 -28.88 -23.58
N PRO B 254 10.97 -29.18 -24.19
CA PRO B 254 11.21 -28.78 -25.57
C PRO B 254 10.61 -29.76 -26.56
N ARG B 255 10.45 -29.27 -27.80
CA ARG B 255 9.97 -30.13 -28.88
C ARG B 255 10.92 -31.28 -29.14
N GLU B 256 12.22 -31.01 -29.13
CA GLU B 256 13.25 -32.03 -29.34
C GLU B 256 14.12 -32.08 -28.09
N PRO B 257 13.85 -33.00 -27.16
CA PRO B 257 14.59 -33.02 -25.89
C PRO B 257 16.04 -33.47 -26.10
N ARG B 258 16.98 -32.65 -25.64
CA ARG B 258 18.37 -33.04 -25.65
C ARG B 258 18.57 -34.24 -24.72
N PRO B 259 19.54 -35.11 -25.01
CA PRO B 259 19.77 -36.28 -24.16
C PRO B 259 20.00 -35.89 -22.71
N GLY B 260 19.25 -36.55 -21.82
CA GLY B 260 19.37 -36.32 -20.39
C GLY B 260 18.79 -34.99 -19.92
N GLU B 261 17.48 -34.81 -20.10
CA GLU B 261 16.82 -33.62 -19.59
C GLU B 261 15.55 -34.01 -18.83
N PHE B 262 15.06 -35.22 -19.08
CA PHE B 262 13.83 -35.68 -18.45
C PHE B 262 14.02 -35.84 -16.94
N GLU B 263 15.16 -36.43 -16.54
CA GLU B 263 15.46 -36.60 -15.12
C GLU B 263 15.55 -35.25 -14.42
N LYS B 264 16.16 -34.26 -15.09
CA LYS B 264 16.23 -32.92 -14.52
C LYS B 264 14.86 -32.37 -14.20
N ILE B 265 13.92 -32.47 -15.16
CA ILE B 265 12.57 -31.96 -14.94
C ILE B 265 11.86 -32.74 -13.84
N ILE B 266 12.02 -34.06 -13.82
CA ILE B 266 11.35 -34.85 -12.81
C ILE B 266 11.89 -34.53 -11.42
N LYS B 267 13.18 -34.26 -11.31
CA LYS B 267 13.74 -33.87 -10.01
C LYS B 267 13.31 -32.46 -9.63
N ARG B 268 13.14 -31.58 -10.62
CA ARG B 268 12.52 -30.29 -10.37
C ARG B 268 11.13 -30.48 -9.77
N LEU B 269 10.36 -31.44 -10.29
CA LEU B 269 9.08 -31.77 -9.70
C LEU B 269 9.24 -32.29 -8.27
N LEU B 270 10.40 -32.85 -7.94
CA LEU B 270 10.69 -33.35 -6.60
C LEU B 270 11.25 -32.26 -5.69
N GLU B 271 11.07 -30.98 -6.03
CA GLU B 271 11.49 -29.91 -5.14
C GLU B 271 10.59 -29.84 -3.91
N THR B 272 9.30 -29.64 -4.13
CA THR B 272 8.32 -29.66 -3.05
C THR B 272 7.61 -31.02 -3.03
N PRO B 273 7.94 -31.90 -2.08
CA PRO B 273 7.28 -33.21 -2.06
C PRO B 273 5.78 -33.15 -1.77
N ASN B 274 5.28 -32.04 -1.21
CA ASN B 274 3.88 -31.95 -0.85
C ASN B 274 2.97 -31.75 -2.05
N ALA B 275 3.51 -31.48 -3.22
CA ALA B 275 2.72 -31.32 -4.44
C ALA B 275 2.80 -32.64 -5.21
N ARG B 276 1.78 -33.48 -5.04
CA ARG B 276 1.78 -34.82 -5.63
C ARG B 276 0.78 -34.95 -6.78
N ALA B 277 0.22 -33.85 -7.27
CA ALA B 277 -0.68 -33.87 -8.41
C ALA B 277 -0.02 -33.16 -9.58
N VAL B 278 0.12 -33.87 -10.70
CA VAL B 278 0.74 -33.34 -11.90
C VAL B 278 -0.34 -33.18 -12.95
N ILE B 279 -0.62 -31.93 -13.31
CA ILE B 279 -1.63 -31.61 -14.32
C ILE B 279 -0.87 -31.42 -15.62
N MET B 280 -0.88 -32.45 -16.47
CA MET B 280 -0.02 -32.50 -17.64
C MET B 280 -0.74 -32.00 -18.88
N PHE B 281 0.02 -31.33 -19.75
CA PHE B 281 -0.43 -30.94 -21.09
C PHE B 281 0.73 -31.25 -22.03
N ALA B 282 0.74 -32.45 -22.60
CA ALA B 282 1.88 -32.90 -23.39
C ALA B 282 1.38 -33.81 -24.51
N ASN B 283 2.32 -34.49 -25.17
CA ASN B 283 2.03 -35.39 -26.27
C ASN B 283 2.38 -36.82 -25.88
N GLU B 284 1.83 -37.76 -26.66
CA GLU B 284 1.96 -39.19 -26.39
C GLU B 284 3.39 -39.60 -25.99
N ASP B 285 4.37 -39.26 -26.83
CA ASP B 285 5.74 -39.64 -26.53
C ASP B 285 6.25 -38.93 -25.28
N ASP B 286 5.84 -37.69 -25.05
CA ASP B 286 6.24 -36.98 -23.84
C ASP B 286 5.69 -37.67 -22.60
N ILE B 287 4.41 -38.06 -22.62
CA ILE B 287 3.81 -38.78 -21.49
C ILE B 287 4.58 -40.07 -21.25
N ARG B 288 4.84 -40.83 -22.31
CA ARG B 288 5.55 -42.10 -22.19
C ARG B 288 6.92 -41.89 -21.57
N ARG B 289 7.68 -40.91 -22.06
CA ARG B 289 9.04 -40.71 -21.57
C ARG B 289 9.06 -40.20 -20.13
N ILE B 290 8.12 -39.31 -19.76
CA ILE B 290 8.05 -38.87 -18.37
C ILE B 290 7.75 -40.05 -17.46
N LEU B 291 6.80 -40.89 -17.85
CA LEU B 291 6.44 -42.03 -17.00
C LEU B 291 7.59 -43.03 -16.91
N GLU B 292 8.30 -43.26 -18.01
CA GLU B 292 9.43 -44.18 -18.00
C GLU B 292 10.57 -43.66 -17.13
N ALA B 293 10.87 -42.36 -17.23
CA ALA B 293 11.90 -41.78 -16.38
C ALA B 293 11.51 -41.86 -14.91
N ALA B 294 10.24 -41.56 -14.59
CA ALA B 294 9.76 -41.68 -13.22
C ALA B 294 9.90 -43.11 -12.72
N LYS B 295 9.53 -44.09 -13.54
CA LYS B 295 9.68 -45.50 -13.16
C LYS B 295 11.13 -45.84 -12.87
N LYS B 296 12.03 -45.45 -13.77
CA LYS B 296 13.45 -45.75 -13.58
C LYS B 296 13.99 -45.09 -12.32
N LEU B 297 13.60 -43.83 -12.09
CA LEU B 297 14.11 -43.06 -10.95
C LEU B 297 13.63 -43.59 -9.61
N ASN B 298 12.78 -44.62 -9.59
CA ASN B 298 12.35 -45.28 -8.35
C ASN B 298 11.60 -44.31 -7.44
N GLN B 299 10.63 -43.60 -8.02
CA GLN B 299 9.83 -42.60 -7.32
C GLN B 299 8.34 -42.89 -7.56
N SER B 300 7.97 -44.16 -7.42
CA SER B 300 6.59 -44.58 -7.63
C SER B 300 5.76 -44.38 -6.36
N GLY B 301 4.44 -44.47 -6.52
CA GLY B 301 3.54 -44.25 -5.40
C GLY B 301 3.57 -42.84 -4.85
N HIS B 302 4.13 -41.89 -5.61
CA HIS B 302 4.28 -40.51 -5.14
C HIS B 302 3.58 -39.50 -6.03
N PHE B 303 3.10 -39.91 -7.21
CA PHE B 303 2.54 -38.98 -8.19
C PHE B 303 1.10 -39.36 -8.49
N LEU B 304 0.26 -38.34 -8.67
CA LEU B 304 -1.15 -38.50 -9.02
C LEU B 304 -1.37 -37.75 -10.34
N TRP B 305 -1.28 -38.48 -11.45
CA TRP B 305 -1.34 -37.86 -12.76
C TRP B 305 -2.73 -37.30 -13.05
N ILE B 306 -2.76 -36.20 -13.78
CA ILE B 306 -3.99 -35.54 -14.21
C ILE B 306 -3.89 -35.38 -15.71
N GLY B 307 -4.74 -36.11 -16.44
CA GLY B 307 -4.64 -36.13 -17.89
C GLY B 307 -5.10 -34.86 -18.56
N SER B 308 -5.22 -34.91 -19.88
CA SER B 308 -5.61 -33.77 -20.69
C SER B 308 -6.33 -34.30 -21.93
N ASP B 309 -6.47 -33.45 -22.94
CA ASP B 309 -7.09 -33.84 -24.21
C ASP B 309 -6.13 -34.62 -25.09
N SER B 310 -4.99 -35.07 -24.55
CA SER B 310 -4.00 -35.82 -25.31
C SER B 310 -3.66 -37.18 -24.71
N TRP B 311 -4.13 -37.49 -23.50
CA TRP B 311 -3.92 -38.79 -22.90
C TRP B 311 -5.07 -39.75 -23.14
N GLY B 312 -6.29 -39.23 -23.27
CA GLY B 312 -7.47 -40.02 -23.59
C GLY B 312 -7.59 -41.35 -22.88
N SER B 313 -7.78 -42.42 -23.65
CA SER B 313 -7.96 -43.76 -23.12
C SER B 313 -7.01 -44.74 -23.79
N LYS B 314 -5.89 -44.25 -24.31
CA LYS B 314 -4.97 -45.09 -25.05
C LYS B 314 -4.12 -45.93 -24.10
N ILE B 315 -3.80 -47.14 -24.54
CA ILE B 315 -2.89 -48.02 -23.81
C ILE B 315 -1.46 -47.88 -24.33
N ALA B 316 -1.25 -47.02 -25.32
CA ALA B 316 0.06 -46.81 -25.94
C ALA B 316 1.00 -46.00 -25.05
N PRO B 317 0.55 -44.92 -24.40
CA PRO B 317 1.48 -44.17 -23.53
C PRO B 317 2.03 -44.98 -22.38
N VAL B 318 1.37 -46.05 -21.97
CA VAL B 318 1.87 -46.94 -20.92
C VAL B 318 1.76 -48.38 -21.43
N TYR B 319 2.86 -48.89 -21.99
CA TYR B 319 2.92 -50.30 -22.36
C TYR B 319 3.57 -51.12 -21.25
N GLN B 320 4.81 -50.78 -20.92
CA GLN B 320 5.46 -51.32 -19.73
C GLN B 320 5.26 -50.45 -18.50
N GLN B 321 4.65 -49.28 -18.65
CA GLN B 321 4.45 -48.36 -17.54
C GLN B 321 3.09 -48.53 -16.87
N GLU B 322 2.46 -49.69 -17.04
CA GLU B 322 1.21 -49.97 -16.35
C GLU B 322 1.36 -49.82 -14.85
N GLU B 323 2.50 -50.24 -14.31
CA GLU B 323 2.74 -50.14 -12.87
C GLU B 323 2.77 -48.69 -12.41
N ILE B 324 3.28 -47.79 -13.24
CA ILE B 324 3.55 -46.42 -12.82
C ILE B 324 2.55 -45.51 -13.52
N ALA B 325 1.38 -46.05 -13.84
CA ALA B 325 0.28 -45.27 -14.40
C ALA B 325 -0.93 -45.26 -13.48
N GLU B 326 -0.84 -45.85 -12.29
CA GLU B 326 -1.95 -45.92 -11.36
C GLU B 326 -2.50 -44.53 -11.07
N GLY B 327 -3.74 -44.30 -11.45
CA GLY B 327 -4.35 -42.99 -11.28
C GLY B 327 -4.39 -42.20 -12.57
N ALA B 328 -5.59 -41.84 -13.01
CA ALA B 328 -5.75 -41.08 -14.24
C ALA B 328 -7.05 -40.29 -14.16
N VAL B 329 -6.98 -39.02 -14.57
CA VAL B 329 -8.15 -38.15 -14.60
C VAL B 329 -8.24 -37.61 -16.02
N THR B 330 -7.77 -38.41 -16.97
CA THR B 330 -7.79 -38.02 -18.38
C THR B 330 -9.19 -37.60 -18.82
N ILE B 331 -9.26 -36.46 -19.50
CA ILE B 331 -10.52 -35.87 -19.94
C ILE B 331 -10.59 -35.97 -21.46
N LEU B 332 -11.59 -36.70 -21.96
CA LEU B 332 -11.71 -36.96 -23.38
C LEU B 332 -13.02 -36.38 -23.92
N PRO B 333 -13.04 -35.94 -25.19
CA PRO B 333 -14.27 -35.36 -25.75
C PRO B 333 -15.33 -36.42 -25.98
N LYS B 334 -16.56 -36.12 -25.55
CA LYS B 334 -17.66 -37.06 -25.76
C LYS B 334 -17.84 -37.37 -27.24
N ARG B 335 -18.05 -38.65 -27.54
CA ARG B 335 -18.07 -39.13 -28.91
C ARG B 335 -19.40 -39.81 -29.20
N ALA B 336 -19.55 -40.27 -30.44
CA ALA B 336 -20.79 -40.89 -30.92
C ALA B 336 -20.50 -41.47 -32.30
N SER B 337 -21.50 -42.12 -32.87
CA SER B 337 -21.38 -42.74 -34.19
C SER B 337 -22.70 -42.59 -34.92
N ILE B 338 -22.64 -42.29 -36.21
CA ILE B 338 -23.81 -41.99 -37.03
C ILE B 338 -24.08 -43.18 -37.93
N ASP B 339 -25.21 -43.86 -37.71
CA ASP B 339 -25.57 -45.01 -38.51
C ASP B 339 -25.97 -44.60 -39.93
N GLY B 340 -26.66 -43.46 -40.07
CA GLY B 340 -27.08 -43.01 -41.38
C GLY B 340 -25.91 -42.75 -42.31
N PHE B 341 -24.86 -42.11 -41.79
CA PHE B 341 -23.69 -41.85 -42.60
C PHE B 341 -23.01 -43.16 -43.02
N ASP B 342 -22.99 -44.15 -42.13
CA ASP B 342 -22.42 -45.45 -42.50
C ASP B 342 -23.24 -46.11 -43.60
N ARG B 343 -24.56 -46.11 -43.44
CA ARG B 343 -25.43 -46.68 -44.47
C ARG B 343 -25.26 -45.97 -45.81
N TYR B 344 -24.94 -44.68 -45.77
CA TYR B 344 -24.69 -43.94 -47.01
C TYR B 344 -23.33 -44.32 -47.60
N PHE B 345 -22.27 -44.29 -46.80
CA PHE B 345 -20.92 -44.44 -47.32
C PHE B 345 -20.63 -45.87 -47.77
N ARG B 346 -21.21 -46.86 -47.09
CA ARG B 346 -20.95 -48.25 -47.46
C ARG B 346 -21.79 -48.72 -48.65
N SER B 347 -22.77 -47.94 -49.07
CA SER B 347 -23.64 -48.30 -50.19
C SER B 347 -23.31 -47.51 -51.45
N ARG B 348 -22.06 -47.08 -51.61
CA ARG B 348 -21.62 -46.35 -52.78
C ARG B 348 -20.73 -47.24 -53.65
N THR B 349 -20.82 -47.03 -54.97
CA THR B 349 -20.00 -47.77 -55.92
C THR B 349 -19.26 -46.79 -56.83
N LEU B 350 -18.59 -47.30 -57.85
CA LEU B 350 -17.87 -46.47 -58.79
C LEU B 350 -18.77 -45.93 -59.90
N ALA B 351 -20.03 -46.35 -59.92
CA ALA B 351 -21.00 -45.82 -60.88
C ALA B 351 -22.26 -45.29 -60.19
N ASN B 352 -22.24 -45.17 -58.86
CA ASN B 352 -23.34 -44.58 -58.11
C ASN B 352 -23.02 -43.19 -57.58
N ASN B 353 -21.75 -42.78 -57.62
CA ASN B 353 -21.33 -41.47 -57.14
C ASN B 353 -20.39 -40.85 -58.18
N ARG B 354 -20.93 -39.98 -59.02
CA ARG B 354 -20.12 -39.13 -59.88
C ARG B 354 -19.97 -37.73 -59.33
N ARG B 355 -20.83 -37.32 -58.40
CA ARG B 355 -20.71 -36.07 -57.66
C ARG B 355 -19.28 -35.84 -57.17
N ASN B 356 -18.76 -36.80 -56.40
CA ASN B 356 -17.41 -36.70 -55.87
C ASN B 356 -16.39 -36.76 -57.00
N VAL B 357 -15.39 -35.88 -56.94
CA VAL B 357 -14.37 -35.78 -57.98
C VAL B 357 -13.03 -36.32 -57.48
N TRP B 358 -13.02 -37.01 -56.35
CA TRP B 358 -11.84 -37.70 -55.84
C TRP B 358 -12.16 -39.13 -55.46
N PHE B 359 -13.25 -39.68 -56.01
CA PHE B 359 -13.73 -41.00 -55.61
C PHE B 359 -13.02 -42.13 -56.34
N ALA B 360 -12.45 -41.86 -57.52
CA ALA B 360 -11.65 -42.88 -58.20
C ALA B 360 -10.37 -43.16 -57.43
N GLU B 361 -9.69 -42.11 -56.96
CA GLU B 361 -8.50 -42.31 -56.14
C GLU B 361 -8.82 -43.06 -54.85
N PHE B 362 -10.01 -42.86 -54.30
CA PHE B 362 -10.41 -43.59 -53.10
C PHE B 362 -10.75 -45.04 -53.42
N TRP B 363 -11.34 -45.31 -54.59
CA TRP B 363 -11.53 -46.68 -55.03
C TRP B 363 -10.23 -47.35 -55.40
N GLU B 364 -9.16 -46.57 -55.60
CA GLU B 364 -7.85 -47.13 -55.90
C GLU B 364 -7.03 -47.41 -54.64
N GLU B 365 -6.92 -46.46 -53.72
CA GLU B 365 -6.09 -46.64 -52.54
C GLU B 365 -6.73 -47.55 -51.50
N ASN B 366 -8.06 -47.66 -51.49
CA ASN B 366 -8.74 -48.55 -50.56
C ASN B 366 -8.69 -50.01 -51.00
N PHE B 367 -8.32 -50.28 -52.26
CA PHE B 367 -8.30 -51.65 -52.76
C PHE B 367 -7.00 -51.98 -53.48
N GLY B 368 -6.03 -51.07 -53.52
CA GLY B 368 -4.78 -51.29 -54.22
C GLY B 368 -4.90 -51.28 -55.74
N CYS B 369 -6.13 -51.28 -56.24
CA CYS B 369 -6.37 -51.27 -57.67
C CYS B 369 -5.84 -49.99 -58.31
N LYS B 370 -5.30 -50.10 -59.52
CA LYS B 370 -4.76 -48.95 -60.23
C LYS B 370 -5.48 -48.68 -61.55
N LEU B 371 -6.59 -49.37 -61.82
CA LEU B 371 -7.35 -49.21 -63.04
C LEU B 371 -6.46 -49.27 -64.28
N GLY B 372 -6.47 -48.22 -65.09
CA GLY B 372 -5.67 -48.16 -66.29
C GLY B 372 -6.37 -48.68 -67.52
N SER B 379 -2.29 -52.14 -57.76
CA SER B 379 -2.13 -52.84 -59.03
C SER B 379 -3.29 -53.81 -59.27
N HIS B 380 -2.99 -54.92 -59.93
CA HIS B 380 -3.90 -56.04 -60.17
C HIS B 380 -4.95 -55.71 -61.23
N ILE B 381 -4.98 -54.45 -61.67
CA ILE B 381 -5.82 -53.97 -62.77
C ILE B 381 -7.24 -54.52 -62.66
N LYS B 382 -7.76 -54.61 -61.44
CA LYS B 382 -9.10 -55.14 -61.20
C LYS B 382 -10.07 -53.97 -61.06
N LYS B 383 -11.05 -53.91 -61.96
CA LYS B 383 -11.94 -52.75 -62.02
C LYS B 383 -12.88 -52.70 -60.81
N CYS B 384 -13.56 -53.82 -60.51
CA CYS B 384 -14.65 -53.78 -59.53
C CYS B 384 -14.18 -54.16 -58.13
N THR B 385 -13.64 -55.37 -57.98
CA THR B 385 -13.29 -55.94 -56.67
C THR B 385 -14.42 -55.80 -55.66
N GLY B 386 -14.20 -54.96 -54.64
CA GLY B 386 -15.13 -54.83 -53.54
C GLY B 386 -16.31 -53.94 -53.82
N LEU B 387 -17.26 -54.42 -54.62
CA LEU B 387 -18.51 -53.73 -54.90
C LEU B 387 -19.11 -53.13 -53.63
N GLU B 388 -19.05 -53.87 -52.53
CA GLU B 388 -19.38 -53.37 -51.20
C GLU B 388 -18.08 -53.18 -50.43
N ARG B 389 -17.74 -51.92 -50.12
CA ARG B 389 -16.49 -51.57 -49.47
C ARG B 389 -16.58 -51.60 -47.95
N ILE B 390 -17.55 -52.32 -47.39
CA ILE B 390 -17.68 -52.39 -45.94
C ILE B 390 -16.58 -53.26 -45.34
N ALA B 391 -16.52 -54.52 -45.76
CA ALA B 391 -15.53 -55.46 -45.24
C ALA B 391 -14.84 -56.29 -46.30
N ARG B 392 -15.19 -56.13 -47.58
CA ARG B 392 -14.60 -56.95 -48.63
C ARG B 392 -13.10 -56.81 -48.66
N ASP B 393 -12.60 -55.57 -48.70
CA ASP B 393 -11.18 -55.28 -48.65
C ASP B 393 -10.92 -54.31 -47.50
N SER B 394 -9.94 -54.65 -46.66
CA SER B 394 -9.61 -53.86 -45.47
C SER B 394 -10.79 -53.79 -44.52
N SER B 395 -10.80 -52.81 -43.63
CA SER B 395 -11.86 -52.66 -42.65
C SER B 395 -12.37 -51.23 -42.66
N TYR B 396 -13.58 -51.05 -42.13
CA TYR B 396 -14.24 -49.75 -42.07
C TYR B 396 -14.20 -49.21 -40.65
N GLU B 397 -13.89 -47.92 -40.53
CA GLU B 397 -13.82 -47.26 -39.23
C GLU B 397 -14.28 -45.82 -39.43
N GLN B 398 -15.53 -45.54 -39.07
CA GLN B 398 -16.06 -44.18 -39.15
C GLN B 398 -15.19 -43.21 -38.36
N GLU B 399 -14.82 -42.11 -39.01
CA GLU B 399 -13.93 -41.14 -38.38
C GLU B 399 -14.63 -40.47 -37.22
N GLY B 400 -13.84 -40.07 -36.22
CA GLY B 400 -14.41 -39.52 -34.99
C GLY B 400 -15.19 -38.23 -35.21
N LYS B 401 -14.61 -37.30 -35.97
CA LYS B 401 -15.19 -35.98 -36.15
C LYS B 401 -16.10 -35.95 -37.37
N VAL B 402 -17.08 -36.86 -37.38
CA VAL B 402 -18.13 -36.90 -38.39
C VAL B 402 -19.46 -36.44 -37.83
N GLN B 403 -19.53 -36.16 -36.53
CA GLN B 403 -20.73 -35.68 -35.88
C GLN B 403 -20.71 -34.16 -35.72
N PHE B 404 -19.81 -33.48 -36.41
CA PHE B 404 -19.67 -32.04 -36.30
C PHE B 404 -19.75 -31.31 -37.64
N VAL B 405 -19.81 -32.02 -38.75
CA VAL B 405 -20.11 -31.39 -40.03
C VAL B 405 -21.61 -31.43 -40.33
N ILE B 406 -22.25 -32.55 -40.01
CA ILE B 406 -23.71 -32.62 -40.10
C ILE B 406 -24.34 -31.58 -39.20
N ASP B 407 -23.78 -31.38 -38.01
CA ASP B 407 -24.30 -30.38 -37.09
C ASP B 407 -24.16 -28.97 -37.66
N ALA B 408 -23.02 -28.67 -38.27
CA ALA B 408 -22.82 -27.35 -38.88
C ALA B 408 -23.83 -27.11 -40.00
N VAL B 409 -23.99 -28.10 -40.88
CA VAL B 409 -24.92 -27.96 -42.00
C VAL B 409 -26.35 -27.78 -41.47
N TYR B 410 -26.74 -28.59 -40.48
CA TYR B 410 -28.07 -28.50 -39.93
C TYR B 410 -28.31 -27.15 -39.25
N SER B 411 -27.30 -26.63 -38.55
CA SER B 411 -27.44 -25.33 -37.90
C SER B 411 -27.61 -24.22 -38.94
N MET B 412 -26.84 -24.27 -40.03
CA MET B 412 -27.03 -23.29 -41.09
C MET B 412 -28.43 -23.38 -41.69
N ALA B 413 -28.91 -24.60 -41.94
CA ALA B 413 -30.25 -24.78 -42.48
C ALA B 413 -31.32 -24.25 -41.53
N TYR B 414 -31.16 -24.54 -40.23
CA TYR B 414 -32.11 -24.04 -39.24
C TYR B 414 -32.10 -22.52 -39.19
N ALA B 415 -30.92 -21.91 -39.28
CA ALA B 415 -30.85 -20.45 -39.31
C ALA B 415 -31.58 -19.89 -40.52
N LEU B 416 -31.41 -20.51 -41.69
CA LEU B 416 -32.11 -20.05 -42.89
C LEU B 416 -33.62 -20.20 -42.73
N HIS B 417 -34.06 -21.33 -42.16
CA HIS B 417 -35.48 -21.55 -41.92
C HIS B 417 -36.05 -20.49 -40.99
N ASN B 418 -35.34 -20.20 -39.90
CA ASN B 418 -35.79 -19.16 -38.98
C ASN B 418 -35.83 -17.80 -39.67
N MET B 419 -34.86 -17.55 -40.57
CA MET B 419 -34.89 -16.31 -41.34
C MET B 419 -36.13 -16.21 -42.21
N HIS B 420 -36.53 -17.32 -42.82
CA HIS B 420 -37.69 -17.31 -43.71
C HIS B 420 -39.00 -17.16 -42.97
N LYS B 421 -39.03 -17.42 -41.66
CA LYS B 421 -40.26 -17.37 -40.88
C LYS B 421 -40.57 -15.99 -40.31
N ASP B 422 -39.66 -15.03 -40.43
CA ASP B 422 -39.84 -13.73 -39.81
C ASP B 422 -39.88 -12.58 -40.80
N LEU B 423 -39.03 -12.61 -41.83
CA LEU B 423 -38.97 -11.50 -42.78
C LEU B 423 -40.31 -11.30 -43.49
N CYS B 424 -40.75 -12.32 -44.22
CA CYS B 424 -42.00 -12.25 -45.00
C CYS B 424 -42.81 -13.53 -44.77
N PRO B 425 -43.44 -13.65 -43.61
CA PRO B 425 -44.22 -14.86 -43.32
C PRO B 425 -45.44 -14.96 -44.23
N GLY B 426 -45.96 -16.19 -44.32
CA GLY B 426 -47.13 -16.44 -45.13
C GLY B 426 -46.87 -16.70 -46.60
N TYR B 427 -45.63 -16.93 -47.00
CA TYR B 427 -45.28 -17.16 -48.40
C TYR B 427 -44.43 -18.41 -48.51
N ILE B 428 -44.79 -19.28 -49.46
CA ILE B 428 -44.06 -20.52 -49.72
C ILE B 428 -43.08 -20.27 -50.86
N GLY B 429 -41.85 -20.73 -50.68
CA GLY B 429 -40.82 -20.56 -51.71
C GLY B 429 -39.87 -19.42 -51.41
N LEU B 430 -39.32 -18.83 -52.46
CA LEU B 430 -38.42 -17.69 -52.31
C LEU B 430 -39.22 -16.39 -52.29
N CYS B 431 -38.62 -15.36 -51.72
CA CYS B 431 -39.31 -14.13 -51.36
C CYS B 431 -38.55 -12.93 -51.90
N PRO B 432 -39.27 -11.85 -52.26
CA PRO B 432 -38.56 -10.61 -52.65
C PRO B 432 -37.76 -10.02 -51.51
N ARG B 433 -38.09 -10.31 -50.26
CA ARG B 433 -37.28 -9.91 -49.11
C ARG B 433 -36.22 -10.94 -48.77
N MET B 434 -36.15 -12.04 -49.53
CA MET B 434 -35.19 -13.11 -49.27
C MET B 434 -34.34 -13.44 -50.49
N SER B 435 -34.34 -12.59 -51.52
CA SER B 435 -33.56 -12.83 -52.73
C SER B 435 -32.08 -12.50 -52.55
N THR B 436 -31.70 -11.95 -51.40
CA THR B 436 -30.29 -11.66 -51.12
C THR B 436 -30.10 -11.74 -49.61
N ILE B 437 -29.41 -12.79 -49.16
CA ILE B 437 -29.18 -12.98 -47.73
C ILE B 437 -28.15 -11.95 -47.24
N ASP B 438 -28.35 -11.48 -46.01
CA ASP B 438 -27.45 -10.54 -45.38
C ASP B 438 -26.62 -11.25 -44.32
N GLY B 439 -25.33 -10.91 -44.25
CA GLY B 439 -24.44 -11.62 -43.35
C GLY B 439 -24.72 -11.35 -41.88
N LYS B 440 -25.04 -10.10 -41.54
CA LYS B 440 -25.32 -9.75 -40.15
C LYS B 440 -26.57 -10.46 -39.64
N GLU B 441 -27.66 -10.39 -40.41
CA GLU B 441 -28.88 -11.07 -40.01
C GLU B 441 -28.69 -12.58 -39.96
N LEU B 442 -27.99 -13.15 -40.94
CA LEU B 442 -27.74 -14.59 -40.93
C LEU B 442 -26.92 -15.00 -39.72
N LEU B 443 -25.95 -14.18 -39.32
CA LEU B 443 -25.18 -14.48 -38.12
C LEU B 443 -26.06 -14.38 -36.87
N GLY B 444 -26.92 -13.38 -36.80
CA GLY B 444 -27.84 -13.27 -35.69
C GLY B 444 -28.75 -14.48 -35.56
N TYR B 445 -29.20 -15.02 -36.70
CA TYR B 445 -30.04 -16.21 -36.67
C TYR B 445 -29.25 -17.48 -36.38
N ILE B 446 -28.00 -17.55 -36.84
CA ILE B 446 -27.15 -18.69 -36.54
C ILE B 446 -26.89 -18.77 -35.03
N ARG B 447 -26.61 -17.63 -34.42
CA ARG B 447 -26.23 -17.61 -33.00
C ARG B 447 -27.42 -17.66 -32.06
N ALA B 448 -28.59 -18.05 -32.54
CA ALA B 448 -29.77 -18.18 -31.70
C ALA B 448 -30.53 -19.48 -31.99
N VAL B 449 -29.81 -20.53 -32.39
CA VAL B 449 -30.42 -21.82 -32.72
C VAL B 449 -30.36 -22.73 -31.50
N ASN B 450 -31.43 -23.47 -31.28
CA ASN B 450 -31.49 -24.49 -30.23
C ASN B 450 -32.27 -25.67 -30.78
N PHE B 451 -31.61 -26.80 -30.97
CA PHE B 451 -32.26 -27.97 -31.54
C PHE B 451 -31.45 -29.21 -31.21
N ASN B 452 -32.09 -30.36 -31.31
CA ASN B 452 -31.44 -31.65 -31.11
C ASN B 452 -31.01 -32.21 -32.46
N GLY B 453 -29.72 -32.43 -32.63
CA GLY B 453 -29.14 -32.92 -33.86
C GLY B 453 -28.87 -34.41 -33.80
N SER B 454 -27.85 -34.83 -34.54
CA SER B 454 -27.45 -36.24 -34.52
C SER B 454 -26.99 -36.65 -33.13
N ALA B 455 -27.29 -37.90 -32.78
CA ALA B 455 -26.94 -38.48 -31.47
C ALA B 455 -27.59 -37.72 -30.31
N GLY B 456 -28.67 -37.01 -30.59
CA GLY B 456 -29.43 -36.33 -29.54
C GLY B 456 -28.62 -35.35 -28.72
N THR B 457 -27.78 -34.54 -29.36
CA THR B 457 -26.93 -33.59 -28.66
C THR B 457 -27.41 -32.17 -28.97
N PRO B 458 -27.85 -31.41 -27.96
CA PRO B 458 -28.26 -30.03 -28.21
C PRO B 458 -27.11 -29.20 -28.79
N VAL B 459 -27.47 -28.30 -29.70
CA VAL B 459 -26.52 -27.39 -30.34
C VAL B 459 -26.91 -25.96 -30.00
N THR B 460 -25.96 -25.22 -29.44
CA THR B 460 -26.20 -23.84 -29.03
C THR B 460 -24.85 -23.13 -29.00
N PHE B 461 -24.89 -21.82 -29.22
CA PHE B 461 -23.68 -21.00 -29.26
C PHE B 461 -23.77 -19.88 -28.24
N ASN B 462 -22.61 -19.42 -27.79
CA ASN B 462 -22.51 -18.27 -26.91
C ASN B 462 -22.55 -17.00 -27.75
N GLU B 463 -22.28 -15.86 -27.11
CA GLU B 463 -22.18 -14.61 -27.85
C GLU B 463 -21.07 -14.66 -28.90
N ASN B 464 -19.92 -15.22 -28.52
CA ASN B 464 -18.83 -15.37 -29.47
C ASN B 464 -19.20 -16.36 -30.57
N GLY B 465 -19.85 -17.46 -30.20
CA GLY B 465 -20.20 -18.50 -31.15
C GLY B 465 -19.49 -19.80 -30.84
N ASP B 466 -19.18 -20.01 -29.57
CA ASP B 466 -18.45 -21.20 -29.11
C ASP B 466 -19.44 -22.15 -28.45
N ALA B 467 -19.53 -23.36 -28.98
CA ALA B 467 -20.43 -24.34 -28.41
C ALA B 467 -19.95 -24.77 -27.02
N PRO B 468 -20.88 -25.03 -26.10
CA PRO B 468 -20.47 -25.52 -24.78
C PRO B 468 -19.81 -26.88 -24.88
N GLY B 469 -18.96 -27.18 -23.90
CA GLY B 469 -18.22 -28.42 -23.90
C GLY B 469 -18.95 -29.55 -23.19
N ARG B 470 -18.65 -30.77 -23.63
CA ARG B 470 -19.24 -31.97 -23.04
C ARG B 470 -18.16 -33.06 -23.08
N TYR B 471 -17.47 -33.24 -21.96
CA TYR B 471 -16.38 -34.19 -21.86
C TYR B 471 -16.77 -35.37 -20.98
N ASP B 472 -16.01 -36.45 -21.11
CA ASP B 472 -16.07 -37.55 -20.16
C ASP B 472 -14.71 -37.72 -19.49
N ILE B 473 -14.73 -38.34 -18.31
CA ILE B 473 -13.55 -38.46 -17.48
C ILE B 473 -13.32 -39.93 -17.17
N PHE B 474 -12.08 -40.38 -17.35
CA PHE B 474 -11.71 -41.78 -17.22
C PHE B 474 -10.83 -41.99 -16.00
N GLN B 475 -10.37 -43.22 -15.81
CA GLN B 475 -9.38 -43.54 -14.80
C GLN B 475 -8.66 -44.81 -15.21
N TYR B 476 -7.50 -45.03 -14.61
CA TYR B 476 -6.61 -46.11 -15.01
C TYR B 476 -6.02 -46.72 -13.75
N GLN B 477 -6.35 -47.98 -13.49
CA GLN B 477 -5.84 -48.66 -12.31
C GLN B 477 -5.81 -50.16 -12.58
N ILE B 478 -4.93 -50.85 -11.85
CA ILE B 478 -4.82 -52.29 -12.00
C ILE B 478 -6.10 -52.96 -11.52
N THR B 479 -6.47 -54.07 -12.18
CA THR B 479 -7.64 -54.84 -11.77
C THR B 479 -7.38 -56.29 -12.19
N ASN B 480 -6.96 -57.11 -11.23
CA ASN B 480 -6.68 -58.53 -11.44
C ASN B 480 -5.70 -58.72 -12.61
N LYS B 481 -4.64 -57.92 -12.61
CA LYS B 481 -3.59 -57.97 -13.62
C LYS B 481 -4.15 -57.75 -15.02
N SER B 482 -4.72 -56.57 -15.22
CA SER B 482 -5.31 -56.22 -16.50
C SER B 482 -5.33 -54.69 -16.63
N THR B 483 -6.01 -54.20 -17.65
CA THR B 483 -6.07 -52.78 -17.95
C THR B 483 -7.49 -52.40 -18.34
N GLU B 484 -7.94 -51.26 -17.84
CA GLU B 484 -9.34 -50.88 -17.98
C GLU B 484 -9.54 -49.40 -17.71
N TYR B 485 -10.18 -48.72 -18.66
CA TYR B 485 -10.56 -47.30 -18.54
C TYR B 485 -12.06 -47.15 -18.27
N LYS B 486 -12.48 -47.40 -17.03
CA LYS B 486 -13.87 -47.11 -16.69
C LYS B 486 -14.11 -45.59 -16.63
N VAL B 487 -15.30 -45.18 -17.05
CA VAL B 487 -15.75 -43.80 -16.87
C VAL B 487 -16.00 -43.56 -15.39
N ILE B 488 -15.41 -42.50 -14.85
CA ILE B 488 -15.63 -42.10 -13.48
C ILE B 488 -16.44 -40.81 -13.39
N GLY B 489 -17.19 -40.48 -14.43
CA GLY B 489 -17.99 -39.28 -14.43
C GLY B 489 -17.91 -38.53 -15.75
N HIS B 490 -18.57 -37.38 -15.84
CA HIS B 490 -18.60 -36.60 -17.06
C HIS B 490 -18.65 -35.12 -16.69
N TRP B 491 -18.69 -34.27 -17.72
CA TRP B 491 -18.66 -32.82 -17.52
C TRP B 491 -19.50 -32.20 -18.65
N THR B 492 -20.76 -31.90 -18.35
CA THR B 492 -21.67 -31.23 -19.28
C THR B 492 -22.23 -30.00 -18.56
N ASN B 493 -21.52 -28.87 -18.71
CA ASN B 493 -21.84 -27.58 -18.11
C ASN B 493 -21.65 -27.58 -16.59
N GLN B 494 -21.32 -28.73 -15.99
CA GLN B 494 -21.06 -28.86 -14.56
C GLN B 494 -20.19 -30.09 -14.37
N LEU B 495 -19.82 -30.37 -13.13
CA LEU B 495 -19.02 -31.53 -12.81
C LEU B 495 -19.92 -32.66 -12.31
N HIS B 496 -19.76 -33.83 -12.92
CA HIS B 496 -20.44 -35.05 -12.47
C HIS B 496 -19.38 -36.11 -12.23
N LEU B 497 -19.37 -36.69 -11.04
CA LEU B 497 -18.32 -37.60 -10.63
C LEU B 497 -18.91 -38.90 -10.11
N LYS B 498 -18.05 -39.92 -10.03
CA LYS B 498 -18.38 -41.26 -9.56
C LYS B 498 -17.38 -41.70 -8.50
N VAL B 499 -17.13 -40.82 -7.53
CA VAL B 499 -16.08 -41.04 -6.54
C VAL B 499 -16.25 -42.36 -5.79
N GLU B 500 -17.45 -42.93 -5.80
CA GLU B 500 -17.62 -44.27 -5.25
C GLU B 500 -16.93 -45.32 -6.12
N ASP B 501 -16.88 -45.09 -7.44
CA ASP B 501 -16.25 -46.00 -8.38
C ASP B 501 -14.80 -45.63 -8.66
N MET B 502 -14.13 -44.94 -7.74
CA MET B 502 -12.74 -44.53 -7.90
C MET B 502 -11.84 -45.39 -7.02
N GLN B 503 -10.66 -45.70 -7.52
CA GLN B 503 -9.75 -46.62 -6.83
C GLN B 503 -8.32 -46.18 -7.10
N TRP B 504 -7.72 -45.47 -6.16
CA TRP B 504 -6.31 -45.08 -6.23
C TRP B 504 -5.49 -46.23 -5.63
N ALA B 505 -5.16 -47.19 -6.48
CA ALA B 505 -4.41 -48.37 -6.03
C ALA B 505 -2.99 -48.01 -5.65
N HIS B 509 -4.57 -46.33 0.42
CA HIS B 509 -4.38 -44.88 0.47
C HIS B 509 -5.69 -44.17 0.71
N THR B 510 -6.79 -44.94 0.71
CA THR B 510 -8.14 -44.40 0.81
C THR B 510 -8.34 -43.33 -0.27
N HIS B 511 -8.31 -42.07 0.13
CA HIS B 511 -8.33 -40.96 -0.82
C HIS B 511 -7.09 -40.11 -0.61
N PRO B 512 -6.15 -40.07 -1.56
CA PRO B 512 -4.94 -39.26 -1.37
C PRO B 512 -5.25 -37.77 -1.37
N ALA B 513 -4.23 -36.94 -1.14
CA ALA B 513 -4.39 -35.50 -1.14
C ALA B 513 -3.07 -34.84 -1.51
N SER B 514 -3.17 -33.60 -1.98
CA SER B 514 -2.01 -32.80 -2.35
C SER B 514 -2.14 -31.40 -1.78
N VAL B 515 -2.50 -31.31 -0.50
CA VAL B 515 -2.63 -30.03 0.20
C VAL B 515 -1.26 -29.61 0.71
N CYS B 516 -0.99 -28.30 0.63
CA CYS B 516 0.32 -27.78 1.03
C CYS B 516 0.59 -28.04 2.51
N SER B 517 -0.23 -27.48 3.39
CA SER B 517 0.00 -27.53 4.83
C SER B 517 -1.04 -28.41 5.47
N LEU B 518 -0.58 -29.34 6.31
CA LEU B 518 -1.49 -30.19 7.06
C LEU B 518 -2.27 -29.32 8.04
N PRO B 519 -3.52 -29.68 8.34
CA PRO B 519 -4.34 -28.84 9.24
C PRO B 519 -3.67 -28.68 10.59
N CYS B 520 -3.85 -27.50 11.18
CA CYS B 520 -3.11 -27.11 12.36
C CYS B 520 -3.88 -27.56 13.60
N LYS B 521 -3.40 -27.18 14.78
CA LYS B 521 -3.93 -27.75 16.01
C LYS B 521 -4.13 -26.62 17.01
N PRO B 522 -5.26 -26.61 17.74
CA PRO B 522 -5.47 -25.56 18.75
C PRO B 522 -4.38 -25.54 19.81
N GLY B 523 -3.73 -24.39 19.96
CA GLY B 523 -2.62 -24.25 20.87
C GLY B 523 -1.45 -23.57 20.18
N GLU B 524 -1.41 -23.68 18.85
CA GLU B 524 -0.32 -23.15 18.05
C GLU B 524 -0.94 -22.37 16.90
N ARG B 525 -0.68 -21.06 16.87
CA ARG B 525 -1.44 -20.13 16.03
C ARG B 525 -1.06 -20.26 14.56
N LYS B 526 -2.07 -20.34 13.71
CA LYS B 526 -1.86 -20.40 12.26
C LYS B 526 -1.82 -18.98 11.67
N LYS B 527 -0.78 -18.68 10.92
CA LYS B 527 -0.65 -17.43 10.19
C LYS B 527 -0.57 -17.73 8.71
N THR B 528 -1.43 -17.07 7.93
CA THR B 528 -1.44 -17.25 6.48
C THR B 528 -0.24 -16.54 5.85
N VAL B 529 0.49 -17.26 5.01
CA VAL B 529 1.65 -16.70 4.32
C VAL B 529 1.16 -15.72 3.27
N LYS B 530 2.04 -14.88 2.75
CA LYS B 530 1.69 -13.84 1.80
C LYS B 530 2.00 -14.30 0.38
N GLY B 531 1.27 -13.72 -0.58
CA GLY B 531 1.37 -14.07 -1.97
C GLY B 531 0.45 -15.20 -2.40
N VAL B 532 0.31 -16.22 -1.57
CA VAL B 532 -0.59 -17.34 -1.81
C VAL B 532 -1.27 -17.73 -0.50
N PRO B 533 -2.59 -17.54 -0.37
CA PRO B 533 -3.30 -17.94 0.84
C PRO B 533 -3.53 -19.44 0.93
N CYS B 534 -2.46 -20.21 0.79
CA CYS B 534 -2.54 -21.66 0.66
C CYS B 534 -1.70 -22.42 1.66
N CYS B 535 -0.59 -21.85 2.14
CA CYS B 535 0.37 -22.57 2.97
C CYS B 535 0.48 -21.82 4.31
N TRP B 536 -0.42 -22.13 5.24
CA TRP B 536 -0.38 -21.46 6.53
C TRP B 536 0.72 -22.04 7.41
N HIS B 537 1.55 -21.16 7.97
CA HIS B 537 2.60 -21.58 8.89
C HIS B 537 2.11 -21.38 10.31
N CYS B 538 2.30 -22.39 11.15
CA CYS B 538 1.86 -22.33 12.54
C CYS B 538 3.06 -22.06 13.45
N GLU B 539 2.86 -21.16 14.40
CA GLU B 539 3.89 -20.75 15.36
C GLU B 539 3.30 -20.79 16.76
N ARG B 540 4.11 -21.24 17.71
CA ARG B 540 3.64 -21.44 19.08
C ARG B 540 3.77 -20.15 19.89
N CYS B 541 2.69 -19.75 20.55
CA CYS B 541 2.67 -18.52 21.34
C CYS B 541 2.47 -18.81 22.83
N GLU B 542 3.12 -19.85 23.35
CA GLU B 542 3.11 -20.13 24.78
C GLU B 542 3.40 -18.88 25.60
N GLY B 543 2.71 -18.77 26.72
CA GLY B 543 2.91 -17.67 27.64
C GLY B 543 1.58 -17.20 28.19
N TYR B 544 1.59 -15.97 28.70
CA TYR B 544 0.46 -15.38 29.40
C TYR B 544 -0.47 -14.75 28.36
N ASN B 545 -1.24 -15.60 27.67
CA ASN B 545 -2.06 -15.14 26.56
C ASN B 545 -3.13 -16.18 26.23
N TYR B 546 -4.29 -15.70 25.80
CA TYR B 546 -5.44 -16.53 25.46
C TYR B 546 -5.80 -16.40 23.99
N GLN B 547 -6.27 -17.50 23.40
CA GLN B 547 -6.73 -17.50 22.01
C GLN B 547 -8.13 -16.90 21.95
N VAL B 548 -8.21 -15.65 21.49
CA VAL B 548 -9.52 -15.00 21.32
C VAL B 548 -10.30 -15.68 20.21
N ASP B 549 -9.64 -15.94 19.08
CA ASP B 549 -10.25 -16.62 17.95
C ASP B 549 -9.41 -17.81 17.53
N GLU B 550 -9.73 -18.41 16.38
CA GLU B 550 -9.02 -19.61 15.96
C GLU B 550 -7.52 -19.37 15.83
N LEU B 551 -7.13 -18.25 15.21
CA LEU B 551 -5.71 -17.99 14.99
C LEU B 551 -5.09 -17.12 16.10
N SER B 552 -5.63 -15.93 16.32
CA SER B 552 -4.96 -14.96 17.19
C SER B 552 -5.03 -15.39 18.65
N CYS B 553 -3.88 -15.34 19.32
CA CYS B 553 -3.76 -15.67 20.75
C CYS B 553 -3.38 -14.38 21.48
N GLU B 554 -4.39 -13.61 21.88
CA GLU B 554 -4.17 -12.32 22.53
C GLU B 554 -3.93 -12.49 24.03
N LEU B 555 -3.63 -11.37 24.68
CA LEU B 555 -3.41 -11.34 26.12
C LEU B 555 -4.58 -11.95 26.88
N CYS B 556 -4.27 -12.93 27.76
CA CYS B 556 -5.32 -13.49 28.61
C CYS B 556 -5.54 -12.60 29.82
N PRO B 557 -6.79 -12.18 30.10
CA PRO B 557 -7.04 -11.19 31.16
C PRO B 557 -6.50 -11.59 32.54
N LEU B 558 -6.37 -10.61 33.41
CA LEU B 558 -5.89 -10.85 34.77
C LEU B 558 -6.86 -11.74 35.53
N ASP B 559 -6.36 -12.36 36.61
CA ASP B 559 -7.06 -13.36 37.39
C ASP B 559 -7.43 -14.59 36.57
N GLN B 560 -6.89 -14.71 35.36
CA GLN B 560 -7.28 -15.77 34.44
C GLN B 560 -6.00 -16.30 33.78
N ARG B 561 -5.51 -17.44 34.26
CA ARG B 561 -4.18 -17.92 33.89
C ARG B 561 -4.28 -19.03 32.86
N PRO B 562 -3.66 -18.89 31.69
CA PRO B 562 -3.69 -19.97 30.69
C PRO B 562 -3.24 -21.30 31.28
N ASN B 563 -3.88 -22.36 30.81
CA ASN B 563 -3.76 -23.69 31.41
C ASN B 563 -3.07 -24.64 30.43
N MET B 564 -2.97 -25.91 30.85
CA MET B 564 -2.38 -26.97 30.04
C MET B 564 -3.42 -27.81 29.32
N ASN B 565 -4.70 -27.48 29.43
CA ASN B 565 -5.74 -28.20 28.73
C ASN B 565 -5.66 -27.89 27.23
N ARG B 566 -6.58 -28.50 26.46
CA ARG B 566 -6.63 -28.24 25.03
C ARG B 566 -6.64 -26.75 24.72
N THR B 567 -7.43 -25.99 25.47
CA THR B 567 -7.37 -24.53 25.47
C THR B 567 -8.14 -24.03 26.68
N GLY B 568 -7.56 -23.06 27.37
CA GLY B 568 -8.22 -22.49 28.52
C GLY B 568 -7.30 -21.56 29.29
N CYS B 569 -7.92 -20.77 30.17
CA CYS B 569 -7.20 -19.87 31.10
C CYS B 569 -7.84 -20.15 32.48
N GLN B 570 -7.22 -20.99 33.31
CA GLN B 570 -7.79 -21.46 34.58
C GLN B 570 -7.33 -20.56 35.73
N LEU B 571 -8.23 -20.36 36.69
CA LEU B 571 -8.02 -19.42 37.78
C LEU B 571 -6.76 -19.71 38.56
N ILE B 572 -6.04 -18.66 38.93
CA ILE B 572 -4.82 -18.80 39.72
C ILE B 572 -5.18 -19.29 41.12
N PRO B 573 -4.49 -20.29 41.68
CA PRO B 573 -4.73 -20.67 43.07
C PRO B 573 -4.43 -19.52 44.02
N ILE B 574 -5.19 -19.47 45.12
CA ILE B 574 -5.07 -18.41 46.10
C ILE B 574 -4.47 -18.99 47.37
N ILE B 575 -3.47 -18.30 47.92
CA ILE B 575 -2.80 -18.75 49.13
C ILE B 575 -2.89 -17.65 50.18
N LYS B 576 -2.82 -18.08 51.44
CA LYS B 576 -2.82 -17.19 52.60
C LYS B 576 -2.46 -18.01 53.83
N LEU B 577 -1.71 -17.39 54.74
CA LEU B 577 -1.37 -18.07 55.98
C LEU B 577 -2.62 -18.28 56.83
N GLU B 578 -2.81 -19.51 57.28
CA GLU B 578 -3.97 -19.85 58.09
C GLU B 578 -3.51 -20.61 59.33
N TRP B 579 -4.49 -20.95 60.17
CA TRP B 579 -4.23 -21.51 61.50
C TRP B 579 -3.14 -22.58 61.50
N HIS B 580 -3.27 -23.58 60.64
CA HIS B 580 -2.28 -24.64 60.53
C HIS B 580 -1.27 -24.27 59.44
N SER B 581 0.00 -24.20 59.81
CA SER B 581 1.06 -23.84 58.87
C SER B 581 2.42 -24.07 59.51
N PRO B 582 3.47 -24.30 58.72
CA PRO B 582 4.81 -24.42 59.32
C PRO B 582 5.25 -23.17 60.05
N TRP B 583 5.03 -22.00 59.47
CA TRP B 583 5.31 -20.74 60.15
C TRP B 583 4.09 -20.19 60.90
N ALA B 584 3.45 -21.04 61.70
CA ALA B 584 2.32 -20.58 62.51
C ALA B 584 2.31 -21.11 63.94
N VAL B 585 3.08 -22.15 64.27
CA VAL B 585 2.98 -22.75 65.59
C VAL B 585 3.62 -21.86 66.65
N VAL B 586 4.72 -21.19 66.30
CA VAL B 586 5.51 -20.42 67.26
C VAL B 586 4.68 -19.29 67.89
N PRO B 587 4.01 -18.42 67.12
CA PRO B 587 3.31 -17.31 67.77
C PRO B 587 2.10 -17.73 68.58
N VAL B 588 1.34 -18.72 68.12
CA VAL B 588 0.18 -19.15 68.90
C VAL B 588 0.61 -19.86 70.18
N PHE B 589 1.67 -20.67 70.10
CA PHE B 589 2.21 -21.31 71.30
C PHE B 589 2.69 -20.26 72.29
N VAL B 590 3.44 -19.27 71.82
CA VAL B 590 3.94 -18.21 72.69
C VAL B 590 2.77 -17.47 73.33
N ALA B 591 1.74 -17.17 72.54
CA ALA B 591 0.62 -16.38 73.04
C ALA B 591 -0.23 -17.15 74.05
N ILE B 592 -0.45 -18.45 73.82
CA ILE B 592 -1.20 -19.23 74.80
C ILE B 592 -0.41 -19.33 76.11
N LEU B 593 0.91 -19.57 76.01
CA LEU B 593 1.72 -19.58 77.22
C LEU B 593 1.69 -18.23 77.92
N GLY B 594 1.68 -17.14 77.15
CA GLY B 594 1.63 -15.81 77.74
C GLY B 594 0.34 -15.55 78.49
N ILE B 595 -0.80 -15.94 77.89
CA ILE B 595 -2.06 -15.75 78.61
C ILE B 595 -2.14 -16.66 79.83
N ILE B 596 -1.57 -17.86 79.76
CA ILE B 596 -1.49 -18.68 80.97
C ILE B 596 -0.71 -17.96 82.06
N ALA B 597 0.44 -17.38 81.70
CA ALA B 597 1.24 -16.65 82.68
C ALA B 597 0.46 -15.46 83.25
N THR B 598 -0.23 -14.72 82.38
CA THR B 598 -0.98 -13.55 82.83
C THR B 598 -2.15 -13.94 83.73
N THR B 599 -2.79 -15.08 83.44
CA THR B 599 -3.84 -15.58 84.32
C THR B 599 -3.27 -15.98 85.67
N PHE B 600 -2.10 -16.64 85.67
CA PHE B 600 -1.44 -16.97 86.92
C PHE B 600 -1.17 -15.70 87.74
N VAL B 601 -0.70 -14.65 87.06
CA VAL B 601 -0.37 -13.40 87.74
C VAL B 601 -1.62 -12.74 88.31
N ILE B 602 -2.70 -12.69 87.53
CA ILE B 602 -3.92 -12.08 88.02
C ILE B 602 -4.50 -12.89 89.16
N VAL B 603 -4.34 -14.22 89.14
CA VAL B 603 -4.77 -15.05 90.27
C VAL B 603 -3.98 -14.66 91.52
N THR B 604 -2.67 -14.51 91.39
CA THR B 604 -1.85 -14.09 92.52
C THR B 604 -2.32 -12.74 93.07
N PHE B 605 -2.60 -11.78 92.17
CA PHE B 605 -2.98 -10.44 92.64
C PHE B 605 -4.39 -10.40 93.24
N VAL B 606 -5.32 -11.21 92.74
CA VAL B 606 -6.67 -11.15 93.29
C VAL B 606 -6.81 -12.02 94.55
N ARG B 607 -6.00 -13.08 94.66
CA ARG B 607 -6.03 -13.90 95.86
C ARG B 607 -5.54 -13.13 97.07
N TYR B 608 -4.62 -12.19 96.87
CA TYR B 608 -4.18 -11.29 97.93
C TYR B 608 -4.18 -9.86 97.40
N ASN B 609 -5.15 -9.06 97.84
CA ASN B 609 -5.16 -7.62 97.56
C ASN B 609 -4.97 -6.76 98.79
N ASP B 610 -5.56 -7.15 99.92
CA ASP B 610 -5.37 -6.41 101.17
C ASP B 610 -3.93 -6.48 101.65
N THR B 611 -3.19 -7.50 101.24
CA THR B 611 -1.81 -7.68 101.67
C THR B 611 -1.00 -6.41 101.40
N PRO B 612 -0.20 -5.96 102.36
CA PRO B 612 0.54 -4.70 102.16
C PRO B 612 1.53 -4.74 101.00
N ILE B 613 1.97 -5.93 100.58
CA ILE B 613 2.86 -6.00 99.42
C ILE B 613 2.18 -5.44 98.18
N VAL B 614 0.85 -5.56 98.10
CA VAL B 614 0.12 -4.97 96.99
C VAL B 614 0.07 -3.46 97.11
N ARG B 615 0.01 -2.93 98.34
CA ARG B 615 -0.23 -1.51 98.57
C ARG B 615 0.88 -0.61 98.03
N ALA B 616 1.94 -1.20 97.48
CA ALA B 616 2.94 -0.41 96.79
C ALA B 616 2.50 -0.02 95.38
N SER B 617 1.42 -0.62 94.88
CA SER B 617 0.89 -0.34 93.56
C SER B 617 -0.57 -0.79 93.55
N GLY B 618 -1.14 -0.89 92.36
CA GLY B 618 -2.41 -1.57 92.20
C GLY B 618 -3.64 -0.81 92.61
N ARG B 619 -3.49 0.39 93.17
CA ARG B 619 -4.66 1.19 93.51
C ARG B 619 -5.46 1.53 92.26
N GLU B 620 -4.79 2.09 91.26
CA GLU B 620 -5.44 2.41 89.99
C GLU B 620 -4.56 2.10 88.78
N LEU B 621 -3.39 1.50 88.97
CA LEU B 621 -2.43 1.29 87.89
C LEU B 621 -2.37 -0.16 87.42
N SER B 622 -2.47 -1.12 88.33
CA SER B 622 -2.28 -2.51 87.96
C SER B 622 -3.39 -2.99 87.03
N TYR B 623 -4.63 -2.53 87.26
CA TYR B 623 -5.74 -2.92 86.39
C TYR B 623 -5.45 -2.53 84.95
N VAL B 624 -5.06 -1.27 84.73
CA VAL B 624 -4.79 -0.79 83.37
C VAL B 624 -3.61 -1.52 82.77
N LEU B 625 -2.54 -1.71 83.55
CA LEU B 625 -1.35 -2.36 83.00
C LEU B 625 -1.65 -3.81 82.62
N LEU B 626 -2.42 -4.52 83.45
CA LEU B 626 -2.81 -5.89 83.13
C LEU B 626 -3.70 -5.93 81.89
N THR B 627 -4.62 -4.96 81.77
CA THR B 627 -5.45 -4.91 80.57
C THR B 627 -4.60 -4.74 79.31
N GLY B 628 -3.58 -3.88 79.40
CA GLY B 628 -2.68 -3.71 78.25
C GLY B 628 -1.91 -4.98 77.93
N ILE B 629 -1.41 -5.67 78.95
CA ILE B 629 -0.67 -6.91 78.71
C ILE B 629 -1.58 -7.97 78.10
N PHE B 630 -2.85 -8.00 78.51
CA PHE B 630 -3.79 -8.96 77.92
C PHE B 630 -4.09 -8.61 76.47
N LEU B 631 -4.31 -7.33 76.18
CA LEU B 631 -4.58 -6.92 74.81
C LEU B 631 -3.39 -7.17 73.89
N CYS B 632 -2.17 -7.15 74.40
CA CYS B 632 -1.03 -7.48 73.55
C CYS B 632 -1.10 -8.92 73.05
N TYR B 633 -1.44 -9.86 73.93
CA TYR B 633 -1.60 -11.24 73.49
C TYR B 633 -2.83 -11.42 72.63
N SER B 634 -3.86 -10.60 72.85
CA SER B 634 -5.01 -10.61 71.95
C SER B 634 -4.58 -10.20 70.53
N ILE B 635 -3.72 -9.19 70.42
CA ILE B 635 -3.14 -8.85 69.13
C ILE B 635 -2.37 -10.02 68.56
N THR B 636 -1.58 -10.69 69.39
CA THR B 636 -0.80 -11.84 68.93
C THR B 636 -1.71 -12.89 68.29
N PHE B 637 -2.85 -13.18 68.92
CA PHE B 637 -3.79 -14.12 68.31
C PHE B 637 -4.54 -13.55 67.12
N LEU B 638 -4.71 -12.23 67.04
CA LEU B 638 -5.59 -11.66 66.02
C LEU B 638 -4.88 -11.33 64.72
N MET B 639 -3.58 -11.08 64.76
CA MET B 639 -2.85 -10.74 63.53
C MET B 639 -2.87 -11.87 62.52
N ILE B 640 -2.66 -13.11 63.00
CA ILE B 640 -2.43 -14.22 62.07
C ILE B 640 -3.72 -14.78 61.48
N ALA B 641 -4.88 -14.49 62.07
CA ALA B 641 -6.13 -15.02 61.55
C ALA B 641 -6.40 -14.48 60.15
N ALA B 642 -7.11 -15.28 59.36
CA ALA B 642 -7.43 -14.91 57.98
C ALA B 642 -8.26 -13.64 57.95
N PRO B 643 -7.83 -12.60 57.24
CA PRO B 643 -8.56 -11.32 57.25
C PRO B 643 -9.68 -11.28 56.22
N ASP B 644 -10.63 -12.20 56.35
CA ASP B 644 -11.70 -12.32 55.37
C ASP B 644 -12.57 -11.07 55.33
N THR B 645 -13.32 -10.80 56.40
CA THR B 645 -14.19 -9.63 56.45
C THR B 645 -13.86 -8.68 57.58
N ILE B 646 -13.82 -9.17 58.82
CA ILE B 646 -13.75 -8.29 59.98
C ILE B 646 -12.38 -8.31 60.64
N ILE B 647 -11.62 -9.39 60.50
CA ILE B 647 -10.41 -9.59 61.28
C ILE B 647 -9.43 -8.44 61.08
N CYS B 648 -9.29 -7.96 59.85
CA CYS B 648 -8.38 -6.85 59.59
C CYS B 648 -8.97 -5.50 59.95
N SER B 649 -10.29 -5.41 60.12
CA SER B 649 -10.92 -4.15 60.49
C SER B 649 -10.53 -3.74 61.89
N PHE B 650 -10.72 -4.63 62.87
CA PHE B 650 -10.42 -4.34 64.26
C PHE B 650 -8.92 -4.33 64.55
N ARG B 651 -8.11 -4.72 63.57
CA ARG B 651 -6.69 -4.94 63.81
C ARG B 651 -5.99 -3.67 64.29
N ARG B 652 -6.16 -2.57 63.55
CA ARG B 652 -5.49 -1.32 63.93
C ARG B 652 -6.02 -0.79 65.25
N VAL B 653 -7.34 -0.89 65.47
CA VAL B 653 -7.93 -0.36 66.69
C VAL B 653 -7.34 -1.06 67.90
N PHE B 654 -7.36 -2.39 67.91
CA PHE B 654 -6.84 -3.12 69.06
C PHE B 654 -5.33 -2.98 69.17
N LEU B 655 -4.62 -2.95 68.03
CA LEU B 655 -3.17 -2.81 68.03
C LEU B 655 -2.76 -1.52 68.72
N GLY B 656 -3.45 -0.43 68.43
CA GLY B 656 -3.26 0.77 69.21
C GLY B 656 -3.59 0.54 70.67
N LEU B 657 -4.87 0.23 70.94
CA LEU B 657 -5.41 0.31 72.31
C LEU B 657 -4.58 -0.48 73.31
N GLY B 658 -4.14 -1.68 72.95
CA GLY B 658 -3.44 -2.50 73.92
C GLY B 658 -2.15 -1.91 74.47
N MET B 659 -1.18 -1.74 73.58
CA MET B 659 0.09 -1.16 74.01
C MET B 659 -0.10 0.28 74.47
N CYS B 660 -1.14 0.97 73.97
CA CYS B 660 -1.46 2.29 74.50
C CYS B 660 -1.78 2.21 75.99
N PHE B 661 -2.68 1.32 76.37
CA PHE B 661 -2.99 1.12 77.79
C PHE B 661 -1.72 0.85 78.58
N SER B 662 -0.95 -0.14 78.14
CA SER B 662 0.23 -0.55 78.90
C SER B 662 1.20 0.61 79.09
N TYR B 663 1.61 1.23 77.99
CA TYR B 663 2.69 2.20 78.05
C TYR B 663 2.23 3.51 78.69
N ALA B 664 0.98 3.92 78.45
CA ALA B 664 0.46 5.13 79.10
C ALA B 664 0.33 4.92 80.60
N ALA B 665 -0.10 3.72 81.02
CA ALA B 665 -0.15 3.44 82.45
C ALA B 665 1.25 3.53 83.06
N LEU B 666 2.24 2.94 82.41
CA LEU B 666 3.59 3.00 82.98
C LEU B 666 4.12 4.43 83.00
N LEU B 667 3.83 5.20 81.95
CA LEU B 667 4.26 6.60 81.90
C LEU B 667 3.66 7.41 83.04
N THR B 668 2.35 7.27 83.26
CA THR B 668 1.72 8.04 84.33
C THR B 668 2.21 7.57 85.70
N LYS B 669 2.48 6.27 85.85
CA LYS B 669 3.07 5.78 87.09
C LYS B 669 4.41 6.45 87.37
N THR B 670 5.28 6.51 86.35
CA THR B 670 6.58 7.14 86.52
C THR B 670 6.44 8.62 86.84
N ASN B 671 5.57 9.31 86.11
CA ASN B 671 5.38 10.73 86.35
C ASN B 671 4.85 11.01 87.75
N ARG B 672 3.92 10.19 88.24
CA ARG B 672 3.35 10.45 89.55
C ARG B 672 4.32 10.09 90.67
N ILE B 673 5.09 9.00 90.51
CA ILE B 673 6.07 8.67 91.54
C ILE B 673 7.15 9.75 91.60
N HIS B 674 7.55 10.29 90.44
CA HIS B 674 8.53 11.38 90.45
C HIS B 674 7.94 12.63 91.09
N ARG B 675 6.71 12.97 90.74
CA ARG B 675 6.10 14.20 91.27
C ARG B 675 5.90 14.11 92.78
N ILE B 676 5.50 12.94 93.29
CA ILE B 676 5.35 12.81 94.73
C ILE B 676 6.72 12.71 95.41
N PHE B 677 7.74 12.24 94.69
CA PHE B 677 9.09 12.31 95.23
C PHE B 677 9.58 13.76 95.36
N GLU B 678 9.08 14.64 94.50
CA GLU B 678 9.45 16.05 94.55
C GLU B 678 8.24 16.93 94.86
N LYS B 688 -0.67 15.39 93.40
CA LYS B 688 -2.06 14.98 93.22
C LYS B 688 -2.14 13.49 92.91
N PHE B 689 -1.88 12.67 93.93
CA PHE B 689 -1.88 11.22 93.80
C PHE B 689 -3.20 10.60 94.24
N ILE B 690 -4.27 11.40 94.36
CA ILE B 690 -5.56 10.88 94.79
C ILE B 690 -6.00 9.77 93.85
N SER B 691 -6.49 8.67 94.43
CA SER B 691 -6.76 7.46 93.64
C SER B 691 -7.75 7.70 92.51
N PRO B 692 -8.94 8.27 92.73
CA PRO B 692 -9.79 8.61 91.58
C PRO B 692 -9.16 9.64 90.66
N ALA B 693 -8.41 10.59 91.21
CA ALA B 693 -7.70 11.56 90.36
C ALA B 693 -6.67 10.85 89.48
N SER B 694 -5.91 9.92 90.06
CA SER B 694 -4.95 9.17 89.27
C SER B 694 -5.64 8.31 88.22
N GLN B 695 -6.76 7.69 88.58
CA GLN B 695 -7.52 6.91 87.60
C GLN B 695 -7.99 7.78 86.45
N LEU B 696 -8.45 8.99 86.74
CA LEU B 696 -8.89 9.89 85.68
C LEU B 696 -7.73 10.33 84.81
N VAL B 697 -6.58 10.61 85.42
CA VAL B 697 -5.45 11.10 84.63
C VAL B 697 -4.76 9.96 83.88
N ILE B 698 -5.04 8.70 84.22
CA ILE B 698 -4.50 7.57 83.47
C ILE B 698 -5.44 7.12 82.36
N THR B 699 -6.74 6.99 82.65
CA THR B 699 -7.67 6.46 81.67
C THR B 699 -7.85 7.38 80.47
N PHE B 700 -7.48 8.66 80.60
CA PHE B 700 -7.72 9.63 79.55
C PHE B 700 -6.50 10.46 79.17
N SER B 701 -5.33 10.17 79.73
CA SER B 701 -4.12 10.90 79.34
C SER B 701 -3.83 10.71 77.86
N LEU B 702 -3.60 9.46 77.45
CA LEU B 702 -3.27 9.14 76.07
C LEU B 702 -4.26 8.21 75.41
N ILE B 703 -5.17 7.60 76.17
CA ILE B 703 -6.14 6.67 75.60
C ILE B 703 -7.21 7.43 74.83
N SER B 704 -7.70 8.54 75.40
CA SER B 704 -8.72 9.37 74.75
C SER B 704 -8.29 9.77 73.35
N VAL B 705 -6.98 10.01 73.16
CA VAL B 705 -6.45 10.35 71.85
C VAL B 705 -6.79 9.26 70.84
N GLN B 706 -6.48 8.02 71.18
CA GLN B 706 -6.77 6.92 70.26
C GLN B 706 -8.26 6.61 70.17
N LEU B 707 -9.02 6.90 71.23
CA LEU B 707 -10.46 6.69 71.15
C LEU B 707 -11.08 7.67 70.15
N LEU B 708 -10.60 8.91 70.13
CA LEU B 708 -11.07 9.87 69.14
C LEU B 708 -10.54 9.53 67.75
N GLY B 709 -9.30 9.02 67.66
CA GLY B 709 -8.79 8.56 66.39
C GLY B 709 -9.61 7.42 65.80
N VAL B 710 -10.05 6.49 66.65
CA VAL B 710 -10.94 5.42 66.20
C VAL B 710 -12.30 6.00 65.82
N PHE B 711 -12.81 6.94 66.60
CA PHE B 711 -14.13 7.49 66.34
C PHE B 711 -14.21 8.15 64.97
N VAL B 712 -13.15 8.83 64.55
CA VAL B 712 -13.03 9.38 63.21
C VAL B 712 -11.94 8.59 62.48
N TRP B 713 -12.36 7.62 61.68
CA TRP B 713 -11.43 6.65 61.09
C TRP B 713 -10.38 7.33 60.24
N PHE B 714 -9.13 7.24 60.68
CA PHE B 714 -7.98 7.70 59.90
C PHE B 714 -7.07 6.54 59.50
N VAL B 715 -6.70 5.69 60.46
CA VAL B 715 -5.91 4.51 60.15
C VAL B 715 -6.79 3.35 59.70
N VAL B 716 -8.00 3.23 60.25
CA VAL B 716 -8.90 2.14 59.90
C VAL B 716 -9.77 2.58 58.73
N ASP B 717 -9.29 2.37 57.51
CA ASP B 717 -10.11 2.62 56.34
C ASP B 717 -11.11 1.48 56.16
N PRO B 718 -12.16 1.70 55.39
CA PRO B 718 -13.07 0.60 55.05
C PRO B 718 -12.28 -0.53 54.40
N PRO B 719 -12.60 -1.79 54.73
CA PRO B 719 -11.73 -2.91 54.32
C PRO B 719 -11.34 -2.86 52.85
N HIS B 720 -10.05 -2.72 52.59
CA HIS B 720 -9.57 -2.68 51.21
C HIS B 720 -9.70 -4.06 50.58
N ILE B 721 -9.21 -5.08 51.27
CA ILE B 721 -9.20 -6.46 50.80
C ILE B 721 -8.70 -6.47 49.36
N ILE B 722 -7.57 -5.83 49.12
CA ILE B 722 -7.03 -5.76 47.77
C ILE B 722 -6.68 -7.18 47.36
N ILE B 723 -7.44 -7.73 46.42
CA ILE B 723 -7.27 -9.12 46.04
C ILE B 723 -6.05 -9.22 45.14
N ASP B 724 -5.08 -10.05 45.53
CA ASP B 724 -3.76 -10.02 44.91
C ASP B 724 -3.75 -10.96 43.70
N TYR B 725 -4.47 -10.53 42.65
CA TYR B 725 -4.39 -11.24 41.38
C TYR B 725 -2.98 -11.18 40.81
N GLY B 726 -2.38 -9.99 40.80
CA GLY B 726 -1.02 -9.86 40.33
C GLY B 726 0.02 -10.09 41.42
N GLU B 727 -0.03 -9.27 42.47
CA GLU B 727 0.97 -9.26 43.55
C GLU B 727 2.34 -9.41 42.90
N GLN B 728 3.13 -10.43 43.26
CA GLN B 728 4.33 -10.74 42.50
C GLN B 728 3.91 -11.32 41.14
N ARG B 729 4.17 -10.57 40.07
CA ARG B 729 3.80 -11.01 38.74
C ARG B 729 4.76 -12.12 38.32
N THR B 730 4.31 -13.36 38.44
CA THR B 730 5.18 -14.50 38.18
C THR B 730 5.37 -14.68 36.67
N LEU B 731 6.60 -14.50 36.21
CA LEU B 731 6.92 -14.77 34.83
C LEU B 731 6.92 -16.27 34.58
N ASP B 732 6.74 -16.65 33.32
CA ASP B 732 6.55 -18.05 32.94
C ASP B 732 5.44 -18.65 33.78
N PRO B 733 4.17 -18.24 33.55
CA PRO B 733 3.07 -18.55 34.49
C PRO B 733 2.58 -20.00 34.43
N GLU B 734 3.51 -20.95 34.50
CA GLU B 734 3.15 -22.34 34.75
C GLU B 734 2.69 -22.56 36.18
N LYS B 735 2.87 -21.57 37.05
CA LYS B 735 2.51 -21.63 38.46
C LYS B 735 2.66 -20.22 39.01
N ALA B 736 1.83 -19.88 39.98
CA ALA B 736 1.80 -18.52 40.52
C ALA B 736 1.06 -18.57 41.85
N ARG B 737 0.80 -17.39 42.42
CA ARG B 737 0.18 -17.30 43.73
C ARG B 737 -0.75 -16.11 43.78
N GLY B 738 -1.77 -16.22 44.64
CA GLY B 738 -2.69 -15.13 44.89
C GLY B 738 -2.95 -14.95 46.37
N VAL B 739 -3.04 -13.71 46.84
CA VAL B 739 -3.12 -13.41 48.26
C VAL B 739 -4.43 -12.70 48.55
N LEU B 740 -5.03 -13.03 49.70
CA LEU B 740 -6.24 -12.38 50.18
C LEU B 740 -5.95 -11.39 51.31
N LYS B 741 -4.80 -10.74 51.24
CA LYS B 741 -4.39 -9.85 52.32
C LYS B 741 -5.27 -8.60 52.38
N CYS B 742 -5.43 -8.08 53.60
CA CYS B 742 -6.05 -6.78 53.80
C CYS B 742 -4.95 -5.73 53.68
N ASP B 743 -4.90 -5.06 52.54
CA ASP B 743 -3.74 -4.25 52.17
C ASP B 743 -3.80 -2.85 52.78
N ILE B 744 -3.95 -2.78 54.10
CA ILE B 744 -3.72 -1.52 54.80
C ILE B 744 -2.24 -1.19 54.72
N SER B 745 -1.92 0.00 54.23
CA SER B 745 -0.54 0.36 53.92
C SER B 745 0.36 0.19 55.15
N ASP B 746 1.65 -0.08 54.87
CA ASP B 746 2.63 -0.18 55.94
C ASP B 746 2.78 1.14 56.70
N LEU B 747 2.42 2.26 56.07
CA LEU B 747 2.49 3.55 56.76
C LEU B 747 1.53 3.62 57.94
N SER B 748 0.47 2.81 57.95
CA SER B 748 -0.38 2.73 59.13
C SER B 748 0.36 2.08 60.30
N LEU B 749 1.08 1.00 60.01
CA LEU B 749 1.98 0.42 60.99
C LEU B 749 2.99 1.46 61.46
N ILE B 750 3.54 2.24 60.53
CA ILE B 750 4.49 3.28 60.89
C ILE B 750 3.88 4.28 61.86
N CYS B 751 2.66 4.75 61.57
CA CYS B 751 2.08 5.79 62.41
C CYS B 751 1.69 5.25 63.79
N SER B 752 1.16 4.02 63.84
CA SER B 752 0.86 3.43 65.14
C SER B 752 2.11 3.24 65.97
N LEU B 753 3.16 2.68 65.36
CA LEU B 753 4.44 2.50 66.04
C LEU B 753 5.00 3.85 66.49
N GLY B 754 4.91 4.86 65.63
CA GLY B 754 5.43 6.17 65.97
C GLY B 754 4.71 6.79 67.16
N TYR B 755 3.39 6.67 67.20
CA TYR B 755 2.65 7.19 68.35
C TYR B 755 3.04 6.45 69.62
N SER B 756 3.13 5.12 69.54
CA SER B 756 3.50 4.35 70.72
C SER B 756 4.91 4.71 71.20
N ILE B 757 5.85 4.89 70.27
CA ILE B 757 7.20 5.28 70.65
C ILE B 757 7.22 6.69 71.22
N LEU B 758 6.36 7.57 70.71
CA LEU B 758 6.24 8.91 71.27
C LEU B 758 5.80 8.85 72.72
N LEU B 759 4.84 7.96 73.04
CA LEU B 759 4.47 7.77 74.43
C LEU B 759 5.61 7.14 75.23
N MET B 760 6.40 6.30 74.57
CA MET B 760 7.51 5.61 75.24
C MET B 760 8.66 6.55 75.58
N VAL B 761 8.87 7.59 74.76
CA VAL B 761 10.07 8.41 74.89
C VAL B 761 10.09 9.15 76.23
N THR B 762 8.97 9.76 76.59
CA THR B 762 8.92 10.52 77.84
C THR B 762 9.13 9.61 79.04
N CYS B 763 8.51 8.43 79.03
CA CYS B 763 8.69 7.49 80.14
C CYS B 763 10.13 7.03 80.23
N THR B 764 10.76 6.72 79.09
CA THR B 764 12.15 6.29 79.11
C THR B 764 13.06 7.40 79.64
N VAL B 765 12.83 8.63 79.19
CA VAL B 765 13.67 9.75 79.64
C VAL B 765 13.51 9.97 81.14
N TYR B 766 12.27 10.01 81.63
CA TYR B 766 12.05 10.27 83.04
C TYR B 766 12.40 9.09 83.92
N ALA B 767 12.55 7.89 83.34
CA ALA B 767 13.16 6.80 84.08
C ALA B 767 14.68 6.92 84.12
N ILE B 768 15.27 7.40 83.01
CA ILE B 768 16.70 7.64 82.97
C ILE B 768 17.11 8.65 84.03
N LYS B 769 16.36 9.74 84.14
CA LYS B 769 16.78 10.84 85.01
C LYS B 769 16.83 10.40 86.48
N THR B 770 15.81 9.68 86.95
CA THR B 770 15.80 9.17 88.32
C THR B 770 16.36 7.76 88.41
N ARG B 771 17.59 7.58 87.88
CA ARG B 771 18.20 6.25 87.91
C ARG B 771 18.43 5.77 89.34
N GLY B 772 18.75 6.69 90.25
CA GLY B 772 18.94 6.32 91.65
C GLY B 772 18.14 7.21 92.58
N VAL B 773 17.22 6.61 93.34
CA VAL B 773 16.35 7.36 94.23
C VAL B 773 16.30 6.68 95.60
N PRO B 774 16.55 7.42 96.68
CA PRO B 774 16.51 6.83 98.02
C PRO B 774 15.08 6.67 98.51
N GLU B 775 14.97 5.93 99.63
CA GLU B 775 13.70 5.68 100.35
C GLU B 775 12.54 5.41 99.39
N THR B 776 12.80 4.54 98.42
CA THR B 776 11.83 4.15 97.42
C THR B 776 11.74 2.64 97.35
N PHE B 777 10.55 2.14 97.02
CA PHE B 777 10.34 0.70 96.95
C PHE B 777 11.20 0.09 95.83
N ASN B 778 11.37 -1.23 95.91
CA ASN B 778 12.20 -1.95 94.95
C ASN B 778 11.62 -1.94 93.54
N GLU B 779 10.43 -1.37 93.34
CA GLU B 779 9.81 -1.37 92.02
C GLU B 779 10.47 -0.35 91.08
N ALA B 780 11.13 0.67 91.63
CA ALA B 780 11.57 1.79 90.81
C ALA B 780 12.64 1.40 89.81
N LYS B 781 13.49 0.43 90.15
CA LYS B 781 14.57 0.02 89.25
C LYS B 781 14.07 -0.88 88.10
N PRO B 782 13.22 -1.88 88.37
CA PRO B 782 12.71 -2.70 87.26
C PRO B 782 11.93 -1.90 86.22
N ILE B 783 11.33 -0.76 86.59
CA ILE B 783 10.72 0.10 85.58
C ILE B 783 11.75 0.51 84.54
N GLY B 784 12.89 1.02 85.03
CA GLY B 784 13.97 1.38 84.13
C GLY B 784 14.52 0.20 83.36
N PHE B 785 14.65 -0.95 84.02
CA PHE B 785 15.18 -2.13 83.33
C PHE B 785 14.27 -2.55 82.18
N THR B 786 12.96 -2.55 82.41
CA THR B 786 12.02 -2.91 81.35
C THR B 786 12.03 -1.89 80.23
N MET B 787 12.13 -0.60 80.57
CA MET B 787 12.22 0.41 79.52
C MET B 787 13.48 0.25 78.68
N TYR B 788 14.62 -0.06 79.32
CA TYR B 788 15.84 -0.30 78.57
C TYR B 788 15.69 -1.50 77.65
N THR B 789 15.14 -2.59 78.17
CA THR B 789 14.99 -3.80 77.37
C THR B 789 14.04 -3.58 76.20
N THR B 790 12.95 -2.84 76.43
CA THR B 790 12.03 -2.53 75.34
C THR B 790 12.69 -1.63 74.30
N CYS B 791 13.47 -0.65 74.73
CA CYS B 791 14.23 0.16 73.78
C CYS B 791 15.12 -0.72 72.90
N ILE B 792 15.83 -1.65 73.53
CA ILE B 792 16.74 -2.53 72.79
C ILE B 792 15.95 -3.39 71.80
N ILE B 793 14.84 -3.96 72.25
CA ILE B 793 14.10 -4.88 71.38
C ILE B 793 13.49 -4.12 70.22
N TRP B 794 13.06 -2.87 70.43
CA TRP B 794 12.50 -2.10 69.33
C TRP B 794 13.56 -1.65 68.35
N LEU B 795 14.75 -1.28 68.86
CA LEU B 795 15.86 -0.95 67.98
C LEU B 795 16.25 -2.16 67.13
N ALA B 796 16.24 -3.35 67.70
CA ALA B 796 16.48 -4.56 66.92
C ALA B 796 15.33 -4.86 65.97
N PHE B 797 14.10 -4.49 66.35
CA PHE B 797 12.93 -4.84 65.55
C PHE B 797 12.86 -4.03 64.26
N ILE B 798 13.07 -2.72 64.35
CA ILE B 798 12.79 -1.84 63.20
C ILE B 798 13.55 -2.23 61.93
N PRO B 799 14.82 -2.65 61.96
CA PRO B 799 15.44 -3.11 60.71
C PRO B 799 14.77 -4.34 60.13
N ILE B 800 14.19 -5.19 60.98
CA ILE B 800 13.47 -6.36 60.48
C ILE B 800 12.21 -5.91 59.74
N PHE B 801 11.55 -4.86 60.24
CA PHE B 801 10.49 -4.24 59.46
C PHE B 801 11.02 -3.75 58.12
N PHE B 802 12.18 -3.12 58.13
CA PHE B 802 12.79 -2.66 56.89
C PHE B 802 13.39 -3.79 56.07
N GLY B 803 13.23 -5.03 56.52
CA GLY B 803 13.60 -6.21 55.77
C GLY B 803 12.51 -6.74 54.87
N THR B 804 11.42 -6.01 54.69
CA THR B 804 10.33 -6.41 53.83
C THR B 804 10.58 -5.92 52.41
N ALA B 805 9.55 -5.99 51.56
CA ALA B 805 9.65 -5.66 50.14
C ALA B 805 10.60 -6.61 49.42
N GLN B 806 10.44 -7.90 49.72
CA GLN B 806 11.20 -8.97 49.08
C GLN B 806 10.23 -10.00 48.52
N SER B 807 10.52 -10.48 47.31
CA SER B 807 9.63 -11.41 46.64
C SER B 807 9.52 -12.74 47.36
N ALA B 808 10.44 -13.05 48.28
CA ALA B 808 10.46 -14.36 48.91
C ALA B 808 9.19 -14.62 49.70
N GLU B 809 8.93 -13.81 50.73
CA GLU B 809 7.82 -14.07 51.65
C GLU B 809 7.31 -12.73 52.16
N LYS B 810 6.21 -12.26 51.57
CA LYS B 810 5.59 -11.01 51.98
C LYS B 810 4.70 -11.16 53.20
N MET B 811 4.25 -12.38 53.52
CA MET B 811 3.37 -12.60 54.66
C MET B 811 3.97 -13.57 55.67
N TYR B 812 5.12 -14.18 55.40
CA TYR B 812 5.74 -15.07 56.36
C TYR B 812 6.78 -14.38 57.23
N ILE B 813 7.45 -13.36 56.69
CA ILE B 813 8.47 -12.65 57.46
C ILE B 813 7.84 -11.61 58.37
N GLN B 814 7.07 -10.68 57.79
CA GLN B 814 6.59 -9.52 58.54
C GLN B 814 5.66 -9.93 59.67
N THR B 815 4.74 -10.87 59.42
CA THR B 815 3.76 -11.21 60.44
C THR B 815 4.41 -11.92 61.63
N THR B 816 5.28 -12.89 61.36
CA THR B 816 5.99 -13.56 62.44
C THR B 816 6.86 -12.57 63.20
N THR B 817 7.56 -11.69 62.48
CA THR B 817 8.39 -10.68 63.12
C THR B 817 7.57 -9.82 64.08
N LEU B 818 6.46 -9.27 63.59
CA LEU B 818 5.64 -8.38 64.42
C LEU B 818 5.08 -9.11 65.63
N THR B 819 4.55 -10.32 65.43
CA THR B 819 3.93 -11.03 66.54
C THR B 819 4.97 -11.44 67.59
N VAL B 820 6.16 -11.87 67.15
CA VAL B 820 7.19 -12.26 68.11
C VAL B 820 7.70 -11.03 68.86
N SER B 821 7.86 -9.90 68.16
CA SER B 821 8.26 -8.67 68.84
C SER B 821 7.23 -8.25 69.89
N MET B 822 5.95 -8.30 69.52
CA MET B 822 4.90 -7.96 70.48
C MET B 822 4.95 -8.88 71.70
N SER B 823 5.05 -10.18 71.47
CA SER B 823 5.07 -11.14 72.57
C SER B 823 6.28 -10.93 73.47
N LEU B 824 7.45 -10.70 72.87
CA LEU B 824 8.66 -10.51 73.67
C LEU B 824 8.60 -9.21 74.47
N SER B 825 8.07 -8.14 73.89
CA SER B 825 7.90 -6.90 74.65
C SER B 825 6.95 -7.11 75.81
N ALA B 826 5.84 -7.80 75.57
CA ALA B 826 4.89 -8.08 76.65
C ALA B 826 5.54 -8.90 77.75
N SER B 827 6.29 -9.95 77.38
CA SER B 827 6.95 -10.78 78.37
C SER B 827 7.98 -9.99 79.17
N VAL B 828 8.77 -9.15 78.49
CA VAL B 828 9.77 -8.34 79.18
C VAL B 828 9.11 -7.40 80.18
N SER B 829 8.07 -6.69 79.74
CA SER B 829 7.37 -5.79 80.66
C SER B 829 6.72 -6.56 81.81
N LEU B 830 6.32 -7.80 81.56
CA LEU B 830 5.69 -8.63 82.58
C LEU B 830 6.72 -9.42 83.38
N GLY B 831 7.54 -10.22 82.70
CA GLY B 831 8.38 -11.18 83.39
C GLY B 831 9.41 -10.55 84.30
N MET B 832 9.93 -9.39 83.91
CA MET B 832 11.05 -8.77 84.63
C MET B 832 10.64 -7.66 85.59
N LEU B 833 9.35 -7.32 85.66
CA LEU B 833 8.98 -6.13 86.42
C LEU B 833 8.17 -6.46 87.66
N TYR B 834 7.02 -7.10 87.47
CA TYR B 834 6.18 -7.47 88.61
C TYR B 834 5.84 -8.95 88.65
N MET B 835 6.10 -9.69 87.58
CA MET B 835 6.05 -11.14 87.66
C MET B 835 6.99 -11.71 88.72
N PRO B 836 8.23 -11.24 88.89
CA PRO B 836 9.03 -11.75 90.01
C PRO B 836 8.56 -11.16 91.33
N LYS B 837 9.25 -11.49 92.42
CA LYS B 837 8.87 -11.09 93.77
C LYS B 837 7.38 -11.35 94.06
N VAL B 838 6.84 -12.42 93.47
CA VAL B 838 5.50 -12.86 93.80
C VAL B 838 5.48 -14.22 94.48
N TYR B 839 6.50 -15.05 94.29
CA TYR B 839 6.57 -16.32 94.99
C TYR B 839 6.58 -16.12 96.50
N ILE B 840 7.07 -14.96 96.96
CA ILE B 840 7.00 -14.63 98.38
C ILE B 840 5.54 -14.46 98.80
N ILE B 841 4.70 -13.94 97.92
CA ILE B 841 3.30 -13.72 98.23
C ILE B 841 2.40 -14.54 97.30
#